data_2WZI
#
_entry.id   2WZI
#
_cell.length_a   51.380
_cell.length_b   93.820
_cell.length_c   98.880
_cell.angle_alpha   104.14
_cell.angle_beta   94.06
_cell.angle_gamma   103.08
#
_symmetry.space_group_name_H-M   'P 1'
#
loop_
_entity.id
_entity.type
_entity.pdbx_description
1 polymer 'O-GLCNACASE BT_4395'
2 non-polymer GLYCEROL
3 non-polymer 'CALCIUM ION'
4 non-polymer (3AS,5S,6S,7R,7AR)-5-FLUORO-5-(HYDROXYMETHYL)-2-METHYL-5,6,7,7A-TETRAHYDRO-3AH-PYRANO[3,2-D][1,3]OXAZOLE-6,7-DIOL
5 non-polymer 'SODIUM ION'
6 water water
#
_entity_poly.entity_id   1
_entity_poly.type   'polypeptide(L)'
_entity_poly.pdbx_seq_one_letter_code
;MKNNKIYLLGACLLCAVTTFAQNVSLQPPPQQLIVQNKTIDLPAVYQLNGGEEANPHAVKVLKELLSGKQSSKKGMLISI
GEKGDKSVRKYSRQIPDHKEGYYLSVNEKEIVLAGNDERGTYYALQTFAQLLKDGKLPEVEIKDYPSVRYRGVVEGFYGT
PWSHQARLSQLKFYGKNKMNTYIYGPKDDPYHSAPNWRLPYPDKEAAQLQELVAVANENEVDFVWAIHPGQDIKWNKEDR
DLLLAKFEKMYQLGVRSFAVFFDNISGEGTNPQKQAELLNYIDEKFAQVKPDINQLVMCPTEYNKSWSNPNGNYLTTLGD
KLNPSIQIMWTGDRVISDITRDGISWINERIKRPAYIWWNFPVSDYVRDHLLLGPVYGNDTTIAKEMSGFVTNPMEHAES
SKIAIYSVASYAWNPAKYDTWQTWKDAIRTILPSAAEELECFAMHNSDLGPNGHGYRREESMDIQPAAERFLKAFKEGKN
YDKADFETLQYTFERMKESADILLMNTENKPLIVEITPWVHQFKLTAEMGEEVLKMVEGRNESYFLRKYNHVKALQQQMF
YIDQTSNQNPYQPGVKTATRVIKPLIDRTFATVVKFFNQKFNAHLDATTDYMPHKMISNVEQIKNLPLQVKANRVLISPA
NEVVKWAAGNSVEIELDAIYPGENIQINFGKDAPCTWGRLEISTDGKEWKTVDLKQKESRLSAGLQKAPVKFVRFTNVSD
EEQQVYLRQFVLTIEKK
;
_entity_poly.pdbx_strand_id   A,B
#
loop_
_chem_comp.id
_chem_comp.type
_chem_comp.name
_chem_comp.formula
5FN non-polymer (3AS,5S,6S,7R,7AR)-5-FLUORO-5-(HYDROXYMETHYL)-2-METHYL-5,6,7,7A-TETRAHYDRO-3AH-PYRANO[3,2-D][1,3]OXAZOLE-6,7-DIOL 'C8 H12 F N O5'
CA non-polymer 'CALCIUM ION' 'Ca 2'
GOL non-polymer GLYCEROL 'C3 H8 O3'
NA non-polymer 'SODIUM ION' 'Na 1'
#
# COMPACT_ATOMS: atom_id res chain seq x y z
N SER A 25 36.44 1.74 -18.20
CA SER A 25 35.08 1.55 -18.81
C SER A 25 34.38 2.88 -19.23
N LEU A 26 34.08 3.02 -20.51
CA LEU A 26 33.64 4.29 -21.06
C LEU A 26 32.37 4.09 -21.87
N GLN A 27 31.36 4.92 -21.63
CA GLN A 27 30.10 4.87 -22.37
C GLN A 27 29.72 6.27 -22.87
N PRO A 28 29.55 6.44 -24.19
CA PRO A 28 29.82 5.46 -25.23
C PRO A 28 31.32 5.12 -25.36
N PRO A 29 31.65 3.89 -25.80
CA PRO A 29 33.04 3.57 -26.03
C PRO A 29 33.63 4.42 -27.18
N PRO A 30 34.83 4.99 -26.95
CA PRO A 30 35.44 5.88 -27.97
C PRO A 30 35.89 5.11 -29.20
N GLN A 31 36.02 5.83 -30.32
CA GLN A 31 36.44 5.22 -31.56
C GLN A 31 37.84 4.61 -31.41
N GLN A 32 38.73 5.32 -30.70
CA GLN A 32 40.06 4.80 -30.48
C GLN A 32 40.53 5.09 -29.06
N LEU A 33 41.12 4.07 -28.44
CA LEU A 33 41.56 4.15 -27.05
C LEU A 33 42.87 3.40 -26.88
N ILE A 34 43.88 4.10 -26.37
CA ILE A 34 45.15 3.49 -26.04
C ILE A 34 45.36 3.72 -24.54
N VAL A 35 45.38 2.63 -23.77
CA VAL A 35 45.62 2.69 -22.33
C VAL A 35 47.05 2.28 -22.07
N GLN A 36 47.76 3.08 -21.27
CA GLN A 36 49.21 2.89 -21.09
C GLN A 36 49.59 2.03 -19.89
N ASN A 37 48.64 1.83 -18.98
CA ASN A 37 48.91 1.06 -17.73
C ASN A 37 49.80 1.75 -16.70
N LYS A 38 49.60 3.06 -16.58
CA LYS A 38 50.21 3.88 -15.53
C LYS A 38 49.08 4.69 -14.92
N THR A 39 49.23 5.05 -13.66
CA THR A 39 48.28 5.92 -12.98
C THR A 39 48.90 7.30 -12.81
N ILE A 40 48.05 8.31 -12.94
CA ILE A 40 48.42 9.69 -12.69
C ILE A 40 47.44 10.22 -11.65
N ASP A 41 47.93 11.05 -10.73
CA ASP A 41 47.04 11.76 -9.84
C ASP A 41 46.54 13.04 -10.48
N LEU A 42 45.23 13.25 -10.38
CA LEU A 42 44.63 14.53 -10.72
C LEU A 42 45.41 15.59 -9.95
N PRO A 43 46.01 16.56 -10.66
CA PRO A 43 46.98 17.51 -10.08
C PRO A 43 46.42 18.32 -8.92
N ALA A 44 47.18 18.41 -7.83
CA ALA A 44 46.86 19.31 -6.69
C ALA A 44 47.11 20.77 -7.06
N VAL A 45 48.27 21.03 -7.67
CA VAL A 45 48.53 22.29 -8.35
C VAL A 45 48.41 22.00 -9.85
N TYR A 46 47.73 22.87 -10.59
CA TYR A 46 47.64 22.76 -12.05
C TYR A 46 47.63 24.13 -12.69
N GLN A 47 48.10 24.18 -13.94
CA GLN A 47 48.11 25.40 -14.73
C GLN A 47 47.09 25.24 -15.85
N LEU A 48 46.02 26.02 -15.83
CA LEU A 48 45.02 25.88 -16.87
C LEU A 48 45.36 26.73 -18.08
N ASN A 49 45.32 26.09 -19.24
CA ASN A 49 45.65 26.72 -20.51
C ASN A 49 44.46 26.64 -21.47
N GLY A 50 43.90 27.80 -21.83
CA GLY A 50 42.74 27.87 -22.72
C GLY A 50 41.38 28.08 -22.08
N GLY A 51 41.34 28.17 -20.75
CA GLY A 51 40.07 28.31 -20.02
C GLY A 51 39.22 29.50 -20.44
N GLU A 52 39.88 30.57 -20.89
CA GLU A 52 39.18 31.79 -21.31
C GLU A 52 38.60 31.70 -22.73
N GLU A 53 39.09 30.76 -23.55
CA GLU A 53 38.65 30.64 -24.95
C GLU A 53 37.90 29.36 -25.31
N ALA A 54 38.09 28.30 -24.52
CA ALA A 54 37.39 27.06 -24.75
C ALA A 54 35.88 27.19 -24.48
N ASN A 55 35.10 26.28 -25.10
CA ASN A 55 33.69 26.15 -24.83
C ASN A 55 33.50 26.35 -23.31
N PRO A 56 32.68 27.35 -22.89
CA PRO A 56 32.44 27.58 -21.44
C PRO A 56 31.72 26.39 -20.79
N HIS A 57 30.90 25.67 -21.56
CA HIS A 57 30.22 24.49 -21.02
C HIS A 57 31.22 23.40 -20.60
N ALA A 58 32.28 23.25 -21.40
CA ALA A 58 33.34 22.29 -21.12
C ALA A 58 34.19 22.78 -19.96
N VAL A 59 34.56 24.05 -20.00
CA VAL A 59 35.35 24.65 -18.94
C VAL A 59 34.66 24.44 -17.59
N LYS A 60 33.35 24.64 -17.55
CA LYS A 60 32.56 24.49 -16.33
C LYS A 60 32.76 23.10 -15.70
N VAL A 61 32.54 22.05 -16.49
CA VAL A 61 32.74 20.67 -16.07
C VAL A 61 34.16 20.49 -15.51
N LEU A 62 35.16 20.98 -16.24
CA LEU A 62 36.54 20.84 -15.84
C LEU A 62 36.80 21.43 -14.44
N LYS A 63 36.38 22.68 -14.25
CA LYS A 63 36.59 23.39 -13.00
C LYS A 63 35.86 22.72 -11.83
N GLU A 64 34.70 22.13 -12.12
CA GLU A 64 33.94 21.35 -11.12
C GLU A 64 34.72 20.11 -10.72
N LEU A 65 35.23 19.38 -11.71
CA LEU A 65 36.13 18.24 -11.44
C LEU A 65 37.42 18.61 -10.67
N LEU A 66 37.88 19.86 -10.77
CA LEU A 66 39.14 20.31 -10.12
C LEU A 66 38.93 21.02 -8.77
N SER A 67 40.02 21.50 -8.15
CA SER A 67 39.99 22.10 -6.82
C SER A 67 41.19 23.00 -6.44
N LYS A 74 52.45 26.91 -13.31
CA LYS A 74 53.25 26.44 -12.18
C LYS A 74 53.04 24.93 -11.93
N GLY A 75 51.79 24.52 -11.75
CA GLY A 75 51.45 23.10 -11.59
C GLY A 75 51.46 22.35 -12.91
N MET A 76 50.85 21.17 -12.92
CA MET A 76 50.79 20.36 -14.12
C MET A 76 49.93 21.07 -15.16
N LEU A 77 50.39 21.11 -16.41
CA LEU A 77 49.66 21.79 -17.46
C LEU A 77 48.40 21.03 -17.89
N ILE A 78 47.29 21.75 -17.91
CA ILE A 78 46.04 21.24 -18.49
C ILE A 78 45.60 22.15 -19.63
N SER A 79 45.49 21.59 -20.83
CA SER A 79 45.17 22.37 -22.01
C SER A 79 43.77 22.04 -22.51
N ILE A 80 42.92 23.06 -22.61
CA ILE A 80 41.54 22.87 -23.09
C ILE A 80 41.23 23.84 -24.23
N GLY A 81 40.59 23.36 -25.28
CA GLY A 81 40.22 24.25 -26.37
C GLY A 81 39.66 23.52 -27.56
N GLU A 82 39.24 24.29 -28.57
CA GLU A 82 38.87 23.73 -29.86
C GLU A 82 40.08 23.93 -30.78
N LYS A 83 40.20 23.10 -31.82
CA LYS A 83 41.32 23.17 -32.77
C LYS A 83 41.34 24.60 -33.31
N GLY A 84 42.50 25.21 -33.40
CA GLY A 84 42.46 26.61 -33.85
C GLY A 84 42.66 27.58 -32.70
N ASP A 85 42.21 27.22 -31.50
CA ASP A 85 42.61 27.90 -30.27
C ASP A 85 44.13 27.72 -30.03
N LYS A 86 44.79 28.79 -29.57
CA LYS A 86 46.22 28.75 -29.24
C LYS A 86 46.56 27.65 -28.24
N SER A 87 45.63 27.42 -27.30
CA SER A 87 45.77 26.40 -26.26
C SER A 87 46.10 25.01 -26.81
N VAL A 88 45.41 24.61 -27.86
CA VAL A 88 45.52 23.25 -28.36
C VAL A 88 45.89 23.14 -29.84
N ARG A 89 46.21 24.27 -30.48
CA ARG A 89 46.49 24.27 -31.92
C ARG A 89 47.59 23.26 -32.33
N LYS A 90 48.67 23.18 -31.52
CA LYS A 90 49.77 22.24 -31.77
C LYS A 90 49.36 20.76 -31.80
N TYR A 91 48.14 20.46 -31.33
CA TYR A 91 47.60 19.09 -31.34
C TYR A 91 46.65 18.85 -32.52
N SER A 92 46.67 19.76 -33.49
CA SER A 92 45.78 19.66 -34.66
C SER A 92 45.84 18.30 -35.34
N ARG A 93 47.03 17.70 -35.42
CA ARG A 93 47.15 16.41 -36.09
C ARG A 93 46.55 15.27 -35.25
N GLN A 94 46.43 15.46 -33.95
CA GLN A 94 45.74 14.45 -33.11
C GLN A 94 44.20 14.55 -33.11
N ILE A 95 43.65 15.74 -33.34
CA ILE A 95 42.19 15.98 -33.25
C ILE A 95 41.45 15.43 -34.48
N PRO A 96 40.50 14.51 -34.27
CA PRO A 96 39.86 13.92 -35.44
C PRO A 96 39.11 14.98 -36.24
N ASP A 97 39.19 14.87 -37.56
CA ASP A 97 38.56 15.81 -38.48
C ASP A 97 37.08 15.38 -38.69
N HIS A 98 36.30 15.47 -37.62
CA HIS A 98 34.88 15.03 -37.56
C HIS A 98 34.14 16.01 -36.64
N LYS A 99 32.96 16.45 -37.05
CA LYS A 99 32.08 17.22 -36.14
C LYS A 99 31.92 16.47 -34.81
N GLU A 100 32.00 17.21 -33.69
CA GLU A 100 31.83 16.67 -32.35
C GLU A 100 32.95 15.71 -31.94
N GLY A 101 33.98 15.61 -32.81
CA GLY A 101 35.23 14.88 -32.49
C GLY A 101 36.11 15.54 -31.43
N TYR A 102 36.97 14.75 -30.80
CA TYR A 102 37.94 15.30 -29.85
C TYR A 102 39.19 14.43 -29.72
N TYR A 103 40.23 15.01 -29.13
CA TYR A 103 41.40 14.29 -28.75
C TYR A 103 41.54 14.48 -27.26
N LEU A 104 41.71 13.38 -26.53
CA LEU A 104 41.98 13.45 -25.08
C LEU A 104 43.29 12.73 -24.76
N SER A 105 44.13 13.35 -23.92
CA SER A 105 45.38 12.73 -23.57
C SER A 105 45.73 13.00 -22.12
N VAL A 106 46.14 11.96 -21.41
CA VAL A 106 46.60 12.08 -20.04
C VAL A 106 47.94 11.37 -19.98
N ASN A 107 48.97 12.05 -19.52
CA ASN A 107 50.23 11.41 -19.22
C ASN A 107 50.83 12.11 -18.01
N GLU A 108 52.00 11.65 -17.59
CA GLU A 108 52.65 12.18 -16.38
C GLU A 108 52.99 13.67 -16.43
N LYS A 109 53.10 14.25 -17.62
CA LYS A 109 53.44 15.68 -17.75
C LYS A 109 52.28 16.61 -18.02
N GLU A 110 51.24 16.16 -18.73
CA GLU A 110 50.11 17.03 -19.03
C GLU A 110 48.82 16.31 -19.42
N ILE A 111 47.72 17.07 -19.33
CA ILE A 111 46.40 16.64 -19.80
C ILE A 111 46.00 17.52 -20.99
N VAL A 112 45.49 16.90 -22.05
CA VAL A 112 45.01 17.65 -23.21
C VAL A 112 43.55 17.33 -23.43
N LEU A 113 42.73 18.38 -23.60
CA LEU A 113 41.30 18.21 -23.88
C LEU A 113 40.92 19.10 -25.04
N ALA A 114 40.90 18.54 -26.25
CA ALA A 114 40.83 19.35 -27.48
C ALA A 114 39.74 18.90 -28.44
N GLY A 115 38.70 19.70 -28.58
CA GLY A 115 37.63 19.33 -29.48
C GLY A 115 37.91 19.76 -30.91
N ASN A 116 37.34 19.04 -31.88
CA ASN A 116 37.31 19.53 -33.25
C ASN A 116 36.50 20.85 -33.27
N ASP A 117 35.56 20.96 -32.32
CA ASP A 117 34.60 22.06 -32.29
C ASP A 117 34.12 22.14 -30.86
N GLU A 118 33.24 23.09 -30.54
CA GLU A 118 32.86 23.33 -29.15
C GLU A 118 32.22 22.12 -28.50
N ARG A 119 31.33 21.48 -29.24
CA ARG A 119 30.70 20.29 -28.73
C ARG A 119 31.74 19.18 -28.47
N GLY A 120 32.75 19.08 -29.34
CA GLY A 120 33.81 18.09 -29.16
C GLY A 120 34.55 18.27 -27.87
N THR A 121 34.83 19.53 -27.52
CA THR A 121 35.50 19.84 -26.26
C THR A 121 34.65 19.38 -25.10
N TYR A 122 33.34 19.62 -25.18
CA TYR A 122 32.42 19.22 -24.12
C TYR A 122 32.42 17.69 -23.98
N TYR A 123 32.45 17.02 -25.11
CA TYR A 123 32.45 15.59 -25.11
C TYR A 123 33.74 14.98 -24.58
N ALA A 124 34.87 15.64 -24.88
CA ALA A 124 36.14 15.26 -24.26
C ALA A 124 35.97 15.29 -22.75
N LEU A 125 35.32 16.33 -22.22
CA LEU A 125 35.11 16.40 -20.78
C LEU A 125 34.20 15.32 -20.20
N GLN A 126 33.21 14.89 -20.96
CA GLN A 126 32.35 13.85 -20.48
C GLN A 126 33.11 12.51 -20.41
N THR A 127 34.06 12.31 -21.32
CA THR A 127 34.91 11.12 -21.25
C THR A 127 35.91 11.24 -20.09
N PHE A 128 36.51 12.41 -19.97
CA PHE A 128 37.44 12.69 -18.87
C PHE A 128 36.81 12.39 -17.51
N ALA A 129 35.54 12.75 -17.35
CA ALA A 129 34.82 12.58 -16.10
C ALA A 129 34.68 11.11 -15.70
N GLN A 130 34.50 10.25 -16.70
CA GLN A 130 34.44 8.78 -16.50
C GLN A 130 35.78 8.12 -16.22
N LEU A 131 36.87 8.69 -16.75
CA LEU A 131 38.23 8.21 -16.49
C LEU A 131 38.59 8.40 -15.05
N LEU A 132 38.08 9.49 -14.48
CA LEU A 132 38.47 9.91 -13.16
C LEU A 132 37.85 9.05 -12.07
N LYS A 133 38.69 8.41 -11.25
CA LYS A 133 38.22 7.53 -10.16
C LYS A 133 39.16 7.64 -8.95
N ASP A 134 38.57 7.90 -7.78
CA ASP A 134 39.27 8.05 -6.50
C ASP A 134 40.46 9.04 -6.55
N GLY A 135 40.26 10.12 -7.30
CA GLY A 135 41.26 11.18 -7.45
C GLY A 135 42.37 10.82 -8.40
N LYS A 136 42.13 9.80 -9.23
CA LYS A 136 43.18 9.24 -10.09
C LYS A 136 42.74 8.97 -11.52
N LEU A 137 43.72 9.00 -12.42
CA LEU A 137 43.47 8.86 -13.85
C LEU A 137 44.38 7.84 -14.49
N PRO A 138 43.88 7.13 -15.51
CA PRO A 138 44.83 6.30 -16.25
C PRO A 138 45.60 7.15 -17.24
N GLU A 139 46.84 6.76 -17.51
CA GLU A 139 47.57 7.31 -18.62
C GLU A 139 46.91 6.79 -19.90
N VAL A 140 46.36 7.69 -20.70
CA VAL A 140 45.56 7.27 -21.85
C VAL A 140 45.64 8.21 -23.04
N GLU A 141 45.30 7.68 -24.20
CA GLU A 141 45.19 8.49 -25.37
C GLU A 141 43.91 8.10 -26.10
N ILE A 142 43.05 9.08 -26.35
CA ILE A 142 41.75 8.87 -26.99
C ILE A 142 41.52 9.79 -28.20
N LYS A 143 41.08 9.21 -29.31
CA LYS A 143 40.64 9.98 -30.45
C LYS A 143 39.24 9.47 -30.72
N ASP A 144 38.27 10.37 -30.70
CA ASP A 144 36.86 9.95 -30.59
C ASP A 144 35.93 10.87 -31.37
N TYR A 145 34.79 10.32 -31.81
CA TYR A 145 33.84 11.13 -32.58
C TYR A 145 32.62 10.25 -32.80
N PRO A 146 31.46 10.85 -33.08
CA PRO A 146 30.27 10.02 -33.21
C PRO A 146 30.17 9.41 -34.59
N SER A 147 29.59 8.21 -34.71
CA SER A 147 29.35 7.60 -36.01
C SER A 147 28.06 8.07 -36.72
N VAL A 148 27.10 8.54 -35.92
CA VAL A 148 25.82 9.06 -36.41
C VAL A 148 25.70 10.51 -35.99
N ARG A 149 25.27 11.35 -36.92
CA ARG A 149 25.37 12.80 -36.71
C ARG A 149 24.39 13.31 -35.65
N TYR A 150 23.14 12.86 -35.72
CA TYR A 150 22.12 13.23 -34.71
C TYR A 150 21.75 12.06 -33.84
N ARG A 151 21.85 12.26 -32.53
CA ARG A 151 21.62 11.18 -31.55
C ARG A 151 20.84 11.69 -30.36
N GLY A 152 19.78 10.99 -30.00
CA GLY A 152 19.03 11.42 -28.81
C GLY A 152 17.65 10.83 -28.66
N VAL A 153 16.71 11.66 -28.24
CA VAL A 153 15.40 11.20 -27.79
C VAL A 153 14.28 12.00 -28.45
N VAL A 154 13.20 11.34 -28.92
CA VAL A 154 12.04 12.09 -29.29
C VAL A 154 10.99 11.78 -28.21
N GLU A 155 10.66 12.76 -27.39
CA GLU A 155 9.49 12.63 -26.53
C GLU A 155 8.25 12.78 -27.46
N GLY A 156 7.76 11.65 -27.97
CA GLY A 156 6.84 11.62 -29.11
C GLY A 156 5.65 10.70 -28.91
N PHE A 157 5.53 10.20 -27.69
CA PHE A 157 4.49 9.24 -27.30
C PHE A 157 3.11 9.83 -26.89
N TYR A 158 2.10 8.96 -26.87
CA TYR A 158 0.77 9.20 -26.25
C TYR A 158 0.80 8.83 -24.76
N GLY A 159 0.04 9.56 -23.95
CA GLY A 159 0.01 9.39 -22.48
C GLY A 159 0.49 10.66 -21.78
N THR A 160 0.65 10.60 -20.45
CA THR A 160 1.07 11.76 -19.63
C THR A 160 2.45 12.25 -20.06
N PRO A 161 2.53 13.50 -20.58
CA PRO A 161 3.86 13.98 -21.01
C PRO A 161 4.82 14.02 -19.80
N TRP A 162 6.12 13.94 -20.08
CA TRP A 162 7.13 14.05 -19.03
C TRP A 162 6.92 15.32 -18.24
N SER A 163 7.15 15.27 -16.92
CA SER A 163 7.14 16.45 -16.10
C SER A 163 8.36 17.35 -16.37
N HIS A 164 8.22 18.63 -16.02
CA HIS A 164 9.31 19.59 -16.18
C HIS A 164 10.57 19.03 -15.49
N GLN A 165 10.39 18.56 -14.24
CA GLN A 165 11.52 18.03 -13.48
C GLN A 165 12.17 16.84 -14.17
N ALA A 166 11.34 15.95 -14.71
CA ALA A 166 11.89 14.82 -15.44
C ALA A 166 12.69 15.29 -16.69
N ARG A 167 12.14 16.24 -17.44
CA ARG A 167 12.82 16.77 -18.66
C ARG A 167 14.14 17.47 -18.29
N LEU A 168 14.18 18.14 -17.15
CA LEU A 168 15.43 18.77 -16.74
C LEU A 168 16.47 17.67 -16.47
N SER A 169 16.03 16.56 -15.87
CA SER A 169 16.92 15.46 -15.56
C SER A 169 17.34 14.72 -16.82
N GLN A 170 16.41 14.53 -17.77
CA GLN A 170 16.78 14.01 -19.07
C GLN A 170 17.92 14.77 -19.78
N LEU A 171 17.79 16.09 -19.87
CA LEU A 171 18.74 16.88 -20.63
C LEU A 171 20.18 16.77 -20.10
N LYS A 172 20.35 16.69 -18.78
CA LYS A 172 21.69 16.52 -18.21
C LYS A 172 22.21 15.09 -18.49
N PHE A 173 21.29 14.12 -18.50
CA PHE A 173 21.64 12.75 -18.79
C PHE A 173 22.12 12.69 -20.25
N TYR A 174 21.46 13.42 -21.14
CA TYR A 174 21.83 13.41 -22.57
C TYR A 174 23.25 13.98 -22.73
N GLY A 175 23.51 15.12 -22.13
CA GLY A 175 24.85 15.73 -22.15
C GLY A 175 25.90 14.72 -21.71
N LYS A 176 25.64 14.04 -20.59
CA LYS A 176 26.59 13.04 -20.07
C LYS A 176 26.88 11.90 -21.06
N ASN A 177 25.89 11.51 -21.82
CA ASN A 177 26.04 10.41 -22.75
C ASN A 177 26.19 10.82 -24.23
N LYS A 178 26.53 12.10 -24.44
CA LYS A 178 26.81 12.63 -25.79
C LYS A 178 25.64 12.49 -26.74
N MET A 179 24.43 12.55 -26.21
CA MET A 179 23.25 12.71 -27.08
C MET A 179 23.05 14.21 -27.35
N ASN A 180 23.03 14.58 -28.63
CA ASN A 180 22.95 15.99 -29.04
C ASN A 180 21.56 16.47 -29.44
N THR A 181 20.56 15.59 -29.33
CA THR A 181 19.23 15.87 -29.84
C THR A 181 18.11 15.47 -28.88
N TYR A 182 17.27 16.43 -28.52
CA TYR A 182 15.99 16.16 -27.84
C TYR A 182 14.85 16.77 -28.64
N ILE A 183 14.01 15.92 -29.19
CA ILE A 183 12.86 16.39 -29.95
C ILE A 183 11.61 16.38 -29.05
N TYR A 184 11.03 17.55 -28.86
CA TYR A 184 9.93 17.69 -27.94
C TYR A 184 8.67 17.56 -28.75
N GLY A 185 7.89 16.49 -28.55
CA GLY A 185 6.62 16.35 -29.24
C GLY A 185 5.62 15.40 -28.59
N PRO A 186 5.28 15.64 -27.29
CA PRO A 186 4.31 14.76 -26.61
C PRO A 186 2.93 14.87 -27.26
N LYS A 187 2.37 13.75 -27.75
CA LYS A 187 1.10 13.84 -28.48
C LYS A 187 -0.01 14.54 -27.70
N ASP A 188 0.00 14.40 -26.38
CA ASP A 188 -1.07 14.94 -25.53
C ASP A 188 -0.83 16.36 -24.95
N ASP A 189 0.23 17.02 -25.43
CA ASP A 189 0.43 18.46 -25.20
C ASP A 189 -0.42 19.27 -26.19
N PRO A 190 -1.48 19.95 -25.72
CA PRO A 190 -2.43 20.60 -26.64
C PRO A 190 -1.83 21.77 -27.42
N TYR A 191 -0.72 22.35 -26.96
CA TYR A 191 -0.03 23.37 -27.72
C TYR A 191 0.97 22.81 -28.75
N HIS A 192 1.21 21.50 -28.72
CA HIS A 192 2.04 20.80 -29.74
C HIS A 192 1.15 20.24 -30.87
N SER A 193 -0.02 19.71 -30.50
N SER A 193 0.01 19.70 -30.48
CA SER A 193 -0.94 19.12 -31.47
CA SER A 193 -0.84 18.94 -31.38
C SER A 193 -2.24 19.91 -31.60
C SER A 193 -2.25 19.53 -31.38
N ALA A 194 -3.25 19.31 -32.23
N ALA A 194 -3.23 18.69 -31.70
CA ALA A 194 -4.50 20.00 -32.47
CA ALA A 194 -4.63 19.06 -31.58
C ALA A 194 -5.40 20.05 -31.23
C ALA A 194 -4.95 19.32 -30.11
N PRO A 195 -6.19 21.13 -31.10
N PRO A 195 -5.75 20.38 -29.85
CA PRO A 195 -6.24 22.21 -32.07
CA PRO A 195 -6.32 21.29 -30.83
C PRO A 195 -5.33 23.35 -31.68
C PRO A 195 -5.65 22.67 -30.93
N ASN A 196 -4.80 23.29 -30.46
N ASN A 196 -4.65 22.93 -30.10
CA ASN A 196 -4.12 24.46 -29.94
CA ASN A 196 -4.14 24.30 -29.90
C ASN A 196 -2.66 24.60 -30.36
C ASN A 196 -2.72 24.59 -30.39
N TRP A 197 -2.23 23.83 -31.37
CA TRP A 197 -0.92 24.08 -31.98
C TRP A 197 -0.78 25.53 -32.53
N ARG A 198 -1.90 26.12 -32.92
CA ARG A 198 -1.91 27.50 -33.43
C ARG A 198 -1.63 28.56 -32.35
N LEU A 199 -1.81 28.18 -31.09
CA LEU A 199 -1.67 29.13 -29.98
C LEU A 199 -0.31 29.06 -29.31
N PRO A 200 0.19 30.22 -28.89
CA PRO A 200 1.46 30.29 -28.16
C PRO A 200 1.28 29.86 -26.71
N TYR A 201 2.23 29.08 -26.21
CA TYR A 201 2.14 28.55 -24.84
C TYR A 201 1.77 29.65 -23.86
N PRO A 202 0.92 29.33 -22.86
CA PRO A 202 0.71 30.30 -21.79
C PRO A 202 2.03 30.59 -21.04
N ASP A 203 2.01 31.66 -20.25
CA ASP A 203 3.23 32.16 -19.57
C ASP A 203 4.04 31.15 -18.76
N LYS A 204 3.34 30.37 -17.90
CA LYS A 204 3.97 29.33 -17.08
C LYS A 204 4.71 28.30 -17.91
N GLU A 205 4.02 27.72 -18.90
CA GLU A 205 4.62 26.71 -19.76
C GLU A 205 5.74 27.35 -20.55
N ALA A 206 5.50 28.58 -21.01
CA ALA A 206 6.47 29.25 -21.89
C ALA A 206 7.79 29.43 -21.13
N ALA A 207 7.71 29.93 -19.90
CA ALA A 207 8.86 30.06 -18.99
C ALA A 207 9.59 28.73 -18.72
N GLN A 208 8.83 27.64 -18.57
CA GLN A 208 9.43 26.32 -18.37
C GLN A 208 10.15 25.85 -19.64
N LEU A 209 9.49 25.95 -20.80
CA LEU A 209 10.16 25.65 -22.07
C LEU A 209 11.45 26.44 -22.29
N GLN A 210 11.47 27.71 -21.89
CA GLN A 210 12.65 28.55 -21.93
C GLN A 210 13.81 28.07 -21.02
N GLU A 211 13.47 27.65 -19.79
CA GLU A 211 14.42 26.99 -18.94
C GLU A 211 14.87 25.66 -19.57
N LEU A 212 13.98 24.89 -20.20
CA LEU A 212 14.46 23.67 -20.86
C LEU A 212 15.50 23.98 -21.97
N VAL A 213 15.28 25.06 -22.71
CA VAL A 213 16.20 25.47 -23.77
C VAL A 213 17.55 25.92 -23.18
N ALA A 214 17.52 26.69 -22.10
CA ALA A 214 18.76 27.09 -21.45
C ALA A 214 19.59 25.85 -21.00
N VAL A 215 18.90 24.88 -20.41
CA VAL A 215 19.55 23.70 -19.82
C VAL A 215 20.08 22.80 -20.94
N ALA A 216 19.29 22.65 -21.98
CA ALA A 216 19.70 21.98 -23.19
C ALA A 216 20.99 22.58 -23.75
N ASN A 217 21.07 23.92 -23.86
CA ASN A 217 22.22 24.57 -24.46
C ASN A 217 23.48 24.29 -23.66
N GLU A 218 23.38 24.45 -22.34
CA GLU A 218 24.43 24.18 -21.36
C GLU A 218 25.02 22.74 -21.41
N ASN A 219 24.19 21.80 -21.85
CA ASN A 219 24.47 20.37 -21.98
C ASN A 219 24.70 19.90 -23.45
N GLU A 220 24.78 20.89 -24.35
CA GLU A 220 25.14 20.69 -25.75
C GLU A 220 24.12 19.82 -26.48
N VAL A 221 22.87 19.96 -26.06
CA VAL A 221 21.75 19.28 -26.68
C VAL A 221 20.98 20.31 -27.50
N ASP A 222 20.69 19.95 -28.74
CA ASP A 222 19.76 20.70 -29.55
C ASP A 222 18.32 20.44 -29.07
N PHE A 223 17.67 21.45 -28.50
CA PHE A 223 16.23 21.39 -28.24
C PHE A 223 15.49 21.57 -29.57
N VAL A 224 14.87 20.52 -30.07
CA VAL A 224 14.08 20.56 -31.28
C VAL A 224 12.58 20.63 -30.92
N TRP A 225 11.95 21.80 -31.11
CA TRP A 225 10.51 21.84 -30.88
C TRP A 225 9.75 21.41 -32.12
N ALA A 226 8.96 20.37 -31.95
CA ALA A 226 8.16 19.83 -33.01
C ALA A 226 6.71 20.32 -32.95
N ILE A 227 6.03 20.32 -34.09
CA ILE A 227 4.63 20.67 -34.13
C ILE A 227 3.91 19.55 -34.86
N HIS A 228 2.63 19.36 -34.51
CA HIS A 228 1.85 18.22 -34.99
C HIS A 228 0.47 18.74 -35.42
N PRO A 229 0.44 19.45 -36.55
CA PRO A 229 -0.69 20.29 -36.87
C PRO A 229 -1.64 19.64 -37.88
N GLY A 230 -1.28 18.44 -38.33
CA GLY A 230 -1.87 17.88 -39.55
C GLY A 230 -3.30 17.41 -39.48
N GLN A 231 -3.80 17.07 -38.28
CA GLN A 231 -5.18 16.53 -38.17
C GLN A 231 -6.21 17.54 -38.64
N ASP A 232 -5.96 18.81 -38.39
CA ASP A 232 -6.95 19.83 -38.75
C ASP A 232 -6.39 20.99 -39.59
N ILE A 233 -5.15 20.86 -40.05
CA ILE A 233 -4.53 21.90 -40.87
C ILE A 233 -5.34 22.17 -42.16
N LYS A 234 -5.44 23.44 -42.53
CA LYS A 234 -6.01 23.84 -43.81
C LYS A 234 -4.85 24.28 -44.70
N TRP A 235 -4.90 23.90 -45.97
CA TRP A 235 -3.83 24.28 -46.90
C TRP A 235 -4.08 25.67 -47.45
N ASN A 236 -4.13 26.65 -46.55
CA ASN A 236 -4.34 28.06 -46.92
C ASN A 236 -3.29 28.95 -46.22
N LYS A 237 -3.30 30.23 -46.58
CA LYS A 237 -2.45 31.26 -46.02
C LYS A 237 -2.64 31.42 -44.51
N GLU A 238 -3.88 31.41 -44.05
CA GLU A 238 -4.12 31.58 -42.63
C GLU A 238 -3.36 30.58 -41.76
N ASP A 239 -3.52 29.28 -42.03
CA ASP A 239 -2.85 28.26 -41.22
C ASP A 239 -1.34 28.24 -41.40
N ARG A 240 -0.90 28.51 -42.62
CA ARG A 240 0.51 28.61 -42.92
C ARG A 240 1.13 29.72 -42.07
N ASP A 241 0.54 30.91 -42.11
CA ASP A 241 1.00 32.02 -41.28
C ASP A 241 0.93 31.69 -39.79
N LEU A 242 -0.12 31.00 -39.35
CA LEU A 242 -0.20 30.68 -37.94
C LEU A 242 0.90 29.73 -37.50
N LEU A 243 1.21 28.74 -38.35
CA LEU A 243 2.31 27.84 -38.08
C LEU A 243 3.65 28.62 -37.92
N LEU A 244 3.97 29.46 -38.91
CA LEU A 244 5.19 30.28 -38.80
C LEU A 244 5.21 31.19 -37.59
N ALA A 245 4.06 31.79 -37.27
CA ALA A 245 3.94 32.67 -36.11
C ALA A 245 4.20 31.89 -34.83
N LYS A 246 3.76 30.64 -34.78
CA LYS A 246 4.04 29.77 -33.62
C LYS A 246 5.55 29.47 -33.53
N PHE A 247 6.15 29.11 -34.66
CA PHE A 247 7.58 28.87 -34.69
C PHE A 247 8.33 30.12 -34.23
N GLU A 248 7.88 31.31 -34.66
CA GLU A 248 8.51 32.55 -34.21
C GLU A 248 8.43 32.74 -32.69
N LYS A 249 7.28 32.42 -32.11
N LYS A 249 7.28 32.42 -32.11
CA LYS A 249 7.14 32.46 -30.66
CA LYS A 249 7.13 32.46 -30.65
C LYS A 249 8.10 31.49 -29.95
C LYS A 249 8.12 31.51 -29.98
N MET A 250 8.27 30.30 -30.52
CA MET A 250 9.22 29.32 -29.99
C MET A 250 10.66 29.84 -30.10
N TYR A 251 10.98 30.46 -31.25
CA TYR A 251 12.31 31.07 -31.45
C TYR A 251 12.62 32.12 -30.37
N GLN A 252 11.61 32.95 -30.05
CA GLN A 252 11.76 33.95 -28.98
C GLN A 252 12.07 33.33 -27.61
N LEU A 253 11.61 32.11 -27.37
CA LEU A 253 11.91 31.35 -26.15
C LEU A 253 13.30 30.67 -26.19
N GLY A 254 13.99 30.79 -27.33
CA GLY A 254 15.32 30.25 -27.46
C GLY A 254 15.42 29.06 -28.38
N VAL A 255 14.31 28.58 -28.91
CA VAL A 255 14.36 27.35 -29.72
C VAL A 255 15.14 27.69 -31.00
N ARG A 256 16.07 26.80 -31.41
CA ARG A 256 16.82 26.93 -32.67
C ARG A 256 16.73 25.72 -33.64
N SER A 257 16.05 24.67 -33.22
CA SER A 257 15.75 23.57 -34.14
C SER A 257 14.27 23.25 -34.11
N PHE A 258 13.74 22.79 -35.25
CA PHE A 258 12.28 22.68 -35.44
C PHE A 258 11.89 21.45 -36.20
N ALA A 259 10.69 20.96 -35.90
CA ALA A 259 10.15 19.79 -36.60
C ALA A 259 8.66 19.93 -36.86
N VAL A 260 8.19 19.32 -37.94
CA VAL A 260 6.75 19.22 -38.22
C VAL A 260 6.50 17.75 -38.41
N PHE A 261 5.57 17.21 -37.60
CA PHE A 261 5.24 15.78 -37.59
C PHE A 261 3.86 15.59 -38.20
N PHE A 262 3.74 14.67 -39.17
CA PHE A 262 2.48 14.27 -39.78
C PHE A 262 2.12 12.81 -39.51
N ASP A 263 2.52 12.32 -38.33
CA ASP A 263 2.27 10.92 -38.00
C ASP A 263 0.93 10.70 -37.31
N ASN A 264 0.26 9.62 -37.71
CA ASN A 264 -0.97 9.20 -37.05
C ASN A 264 -2.10 10.23 -37.17
N ILE A 265 -2.27 10.73 -38.40
CA ILE A 265 -3.33 11.68 -38.74
C ILE A 265 -4.09 11.17 -39.93
N SER A 266 -5.25 11.75 -40.18
CA SER A 266 -6.06 11.42 -41.34
C SER A 266 -6.62 12.67 -42.01
N GLY A 267 -7.00 12.56 -43.30
CA GLY A 267 -7.59 13.67 -44.04
C GLY A 267 -6.57 14.43 -44.87
N GLU A 268 -6.94 15.68 -45.20
CA GLU A 268 -6.14 16.54 -46.08
C GLU A 268 -4.70 16.76 -45.64
N GLY A 269 -4.45 16.69 -44.33
CA GLY A 269 -3.13 16.96 -43.80
C GLY A 269 -2.08 15.90 -44.20
N THR A 270 -2.55 14.82 -44.84
CA THR A 270 -1.69 13.71 -45.24
C THR A 270 -1.12 13.93 -46.66
N ASN A 271 -1.50 15.02 -47.31
CA ASN A 271 -1.14 15.24 -48.72
C ASN A 271 0.39 15.49 -48.82
N PRO A 272 1.14 14.57 -49.48
CA PRO A 272 2.61 14.75 -49.46
C PRO A 272 3.14 15.97 -50.24
N GLN A 273 2.49 16.31 -51.35
CA GLN A 273 2.89 17.51 -52.14
C GLN A 273 2.78 18.76 -51.24
N LYS A 274 1.69 18.84 -50.48
CA LYS A 274 1.43 19.98 -49.59
C LYS A 274 2.33 20.00 -48.35
N GLN A 275 2.64 18.83 -47.79
CA GLN A 275 3.61 18.79 -46.70
C GLN A 275 4.98 19.28 -47.16
N ALA A 276 5.40 18.87 -48.35
CA ALA A 276 6.71 19.24 -48.87
C ALA A 276 6.79 20.75 -49.09
N GLU A 277 5.75 21.30 -49.76
CA GLU A 277 5.59 22.73 -49.96
C GLU A 277 5.63 23.52 -48.65
N LEU A 278 4.95 23.01 -47.62
CA LEU A 278 4.95 23.70 -46.34
C LEU A 278 6.33 23.66 -45.70
N LEU A 279 6.96 22.49 -45.73
CA LEU A 279 8.30 22.35 -45.16
C LEU A 279 9.32 23.22 -45.90
N ASN A 280 9.22 23.28 -47.23
CA ASN A 280 10.09 24.13 -48.02
C ASN A 280 9.86 25.62 -47.76
N TYR A 281 8.59 25.99 -47.54
CA TYR A 281 8.25 27.36 -47.16
C TYR A 281 8.84 27.75 -45.79
N ILE A 282 8.72 26.86 -44.79
CA ILE A 282 9.38 27.04 -43.49
C ILE A 282 10.90 27.20 -43.66
N ASP A 283 11.47 26.32 -44.50
CA ASP A 283 12.91 26.36 -44.76
C ASP A 283 13.29 27.75 -45.32
N GLU A 284 12.58 28.17 -46.37
CA GLU A 284 12.97 29.36 -47.11
C GLU A 284 12.64 30.68 -46.40
N LYS A 285 11.55 30.73 -45.64
CA LYS A 285 11.09 31.96 -44.99
C LYS A 285 11.51 32.09 -43.53
N PHE A 286 12.06 31.02 -42.95
CA PHE A 286 12.33 30.99 -41.52
C PHE A 286 13.72 30.44 -41.24
N ALA A 287 13.93 29.17 -41.58
CA ALA A 287 15.21 28.52 -41.31
C ALA A 287 16.39 29.15 -42.08
N GLN A 288 16.11 29.69 -43.27
CA GLN A 288 17.11 30.38 -44.10
C GLN A 288 17.01 31.87 -43.90
N VAL A 289 16.23 32.30 -42.91
CA VAL A 289 16.07 33.72 -42.63
C VAL A 289 16.64 34.12 -41.24
N LYS A 290 16.45 33.28 -40.23
CA LYS A 290 17.08 33.48 -38.92
C LYS A 290 18.56 33.11 -39.02
N PRO A 291 19.43 33.78 -38.26
CA PRO A 291 20.88 33.54 -38.40
C PRO A 291 21.43 32.17 -37.94
N ASP A 292 20.64 31.39 -37.20
CA ASP A 292 21.21 30.37 -36.33
C ASP A 292 20.30 29.20 -36.13
N ILE A 293 19.55 28.83 -37.17
CA ILE A 293 18.71 27.67 -37.02
C ILE A 293 19.47 26.43 -37.46
N ASN A 294 19.35 25.35 -36.67
CA ASN A 294 20.10 24.12 -36.90
C ASN A 294 19.42 22.93 -37.57
N GLN A 295 18.53 22.26 -36.86
CA GLN A 295 17.90 21.08 -37.41
C GLN A 295 16.52 21.52 -37.86
N LEU A 296 16.14 21.07 -39.06
CA LEU A 296 14.79 21.20 -39.57
C LEU A 296 14.39 19.79 -40.03
N VAL A 297 13.35 19.24 -39.41
CA VAL A 297 13.06 17.82 -39.46
C VAL A 297 11.59 17.59 -39.69
N MET A 298 11.26 16.57 -40.47
CA MET A 298 9.85 16.21 -40.61
C MET A 298 9.60 14.71 -40.42
N CYS A 299 8.44 14.38 -39.84
CA CYS A 299 7.99 12.97 -39.75
C CYS A 299 6.86 12.76 -40.71
N PRO A 300 7.03 11.81 -41.64
CA PRO A 300 6.02 11.55 -42.65
C PRO A 300 4.79 10.84 -42.11
N THR A 301 3.70 10.90 -42.87
CA THR A 301 2.51 10.12 -42.61
C THR A 301 2.70 8.60 -42.90
N GLU A 302 3.27 8.27 -44.06
CA GLU A 302 3.69 6.89 -44.34
C GLU A 302 5.11 6.77 -43.78
N TYR A 303 5.23 6.46 -42.48
CA TYR A 303 6.51 6.57 -41.76
C TYR A 303 7.23 5.24 -41.44
N ASN A 304 6.73 4.14 -41.98
CA ASN A 304 7.38 2.81 -41.92
C ASN A 304 6.91 2.05 -43.15
N LYS A 305 7.61 0.98 -43.53
CA LYS A 305 7.34 0.31 -44.83
C LYS A 305 5.96 -0.32 -44.91
N SER A 306 5.50 -0.89 -43.81
CA SER A 306 4.21 -1.61 -43.86
C SER A 306 3.04 -0.62 -44.07
N TRP A 307 3.24 0.63 -43.64
CA TRP A 307 2.24 1.70 -43.83
C TRP A 307 2.44 2.45 -45.14
N SER A 308 3.38 2.02 -45.96
CA SER A 308 3.69 2.75 -47.16
C SER A 308 2.87 2.08 -48.25
N ASN A 309 2.06 2.87 -48.92
CA ASN A 309 1.10 2.34 -49.88
C ASN A 309 1.89 1.92 -51.12
N PRO A 310 1.88 0.61 -51.45
CA PRO A 310 2.69 0.19 -52.59
C PRO A 310 2.32 0.94 -53.89
N ASN A 311 3.36 1.40 -54.60
CA ASN A 311 3.22 2.06 -55.88
C ASN A 311 2.43 3.34 -55.81
N GLY A 312 2.38 3.89 -54.61
CA GLY A 312 1.60 5.07 -54.30
C GLY A 312 2.32 6.41 -54.38
N ASN A 313 3.66 6.40 -54.40
CA ASN A 313 4.43 7.65 -54.62
C ASN A 313 4.37 8.70 -53.50
N TYR A 314 3.88 8.31 -52.34
CA TYR A 314 3.92 9.21 -51.21
C TYR A 314 5.38 9.54 -50.85
N LEU A 315 6.21 8.51 -50.70
CA LEU A 315 7.58 8.73 -50.25
C LEU A 315 8.45 9.31 -51.36
N THR A 316 8.22 8.90 -52.60
CA THR A 316 8.96 9.48 -53.73
C THR A 316 8.64 10.99 -53.94
N THR A 317 7.41 11.40 -53.62
CA THR A 317 7.06 12.83 -53.64
C THR A 317 7.84 13.63 -52.57
N LEU A 318 7.87 13.15 -51.34
CA LEU A 318 8.69 13.81 -50.32
C LEU A 318 10.16 13.84 -50.71
N GLY A 319 10.72 12.69 -51.08
CA GLY A 319 12.14 12.60 -51.40
C GLY A 319 12.55 13.51 -52.54
N ASP A 320 11.68 13.63 -53.53
CA ASP A 320 11.91 14.47 -54.71
C ASP A 320 11.68 15.96 -54.48
N LYS A 321 10.63 16.31 -53.72
CA LYS A 321 10.21 17.72 -53.54
C LYS A 321 10.83 18.41 -52.33
N LEU A 322 11.06 17.66 -51.25
CA LEU A 322 11.62 18.26 -50.02
C LEU A 322 13.04 18.77 -50.20
N ASN A 323 13.29 20.00 -49.74
CA ASN A 323 14.62 20.59 -49.86
C ASN A 323 15.65 19.64 -49.22
N PRO A 324 16.85 19.52 -49.84
CA PRO A 324 17.82 18.48 -49.44
C PRO A 324 18.29 18.57 -47.97
N SER A 325 18.23 19.76 -47.38
CA SER A 325 18.62 19.95 -45.96
C SER A 325 17.58 19.49 -44.93
N ILE A 326 16.38 19.16 -45.39
CA ILE A 326 15.34 18.79 -44.45
C ILE A 326 15.46 17.28 -44.16
N GLN A 327 15.42 16.91 -42.88
CA GLN A 327 15.44 15.50 -42.46
C GLN A 327 14.06 14.85 -42.55
N ILE A 328 14.06 13.57 -42.92
CA ILE A 328 12.86 12.76 -42.97
C ILE A 328 13.02 11.56 -41.99
N MET A 329 12.10 11.49 -41.02
CA MET A 329 12.09 10.46 -39.98
C MET A 329 11.47 9.18 -40.50
N TRP A 330 11.75 8.05 -39.84
CA TRP A 330 11.35 6.70 -40.32
C TRP A 330 11.49 5.75 -39.16
N THR A 331 10.51 4.85 -39.00
CA THR A 331 10.50 3.96 -37.83
C THR A 331 10.93 2.52 -38.20
N GLY A 332 11.26 2.31 -39.48
CA GLY A 332 11.71 1.00 -39.97
C GLY A 332 10.69 0.32 -40.85
N ASP A 333 10.65 -1.02 -40.81
CA ASP A 333 9.74 -1.74 -41.69
C ASP A 333 8.34 -1.78 -41.10
N ARG A 334 8.20 -1.47 -39.82
CA ARG A 334 6.85 -1.46 -39.21
C ARG A 334 6.79 -0.29 -38.23
N VAL A 335 5.60 -0.01 -37.70
CA VAL A 335 5.47 1.01 -36.66
C VAL A 335 6.52 0.80 -35.57
N ILE A 336 6.62 -0.46 -35.11
CA ILE A 336 7.62 -0.85 -34.11
C ILE A 336 8.57 -1.83 -34.78
N SER A 337 9.84 -1.43 -34.94
CA SER A 337 10.77 -2.31 -35.64
C SER A 337 12.21 -1.97 -35.37
N ASP A 338 13.08 -2.94 -35.63
CA ASP A 338 14.49 -2.67 -35.47
C ASP A 338 15.02 -2.37 -36.87
N ILE A 339 16.11 -1.61 -36.95
CA ILE A 339 16.60 -1.13 -38.24
C ILE A 339 17.62 -2.09 -38.86
N THR A 340 17.33 -2.55 -40.09
CA THR A 340 18.18 -3.49 -40.83
C THR A 340 18.83 -2.76 -42.01
N ARG A 341 19.83 -3.39 -42.64
CA ARG A 341 20.48 -2.80 -43.80
C ARG A 341 19.52 -2.83 -45.00
N ASP A 342 18.84 -3.95 -45.22
CA ASP A 342 17.82 -4.00 -46.27
C ASP A 342 16.70 -2.98 -46.00
N GLY A 343 16.34 -2.78 -44.73
CA GLY A 343 15.24 -1.89 -44.38
C GLY A 343 15.59 -0.43 -44.66
N ILE A 344 16.80 -0.04 -44.28
CA ILE A 344 17.25 1.32 -44.45
C ILE A 344 17.61 1.66 -45.89
N SER A 345 17.98 0.68 -46.71
CA SER A 345 18.26 0.89 -48.13
C SER A 345 16.94 1.17 -48.85
N TRP A 346 15.91 0.48 -48.40
CA TRP A 346 14.59 0.58 -48.99
C TRP A 346 14.08 2.01 -48.80
N ILE A 347 14.23 2.57 -47.61
CA ILE A 347 13.77 3.94 -47.39
C ILE A 347 14.64 5.00 -48.10
N ASN A 348 15.97 4.90 -47.93
CA ASN A 348 16.91 5.85 -48.53
C ASN A 348 16.76 5.98 -50.05
N GLU A 349 16.48 4.88 -50.74
CA GLU A 349 16.31 4.98 -52.20
C GLU A 349 15.12 5.83 -52.59
N ARG A 350 14.16 5.96 -51.67
CA ARG A 350 12.92 6.67 -51.94
C ARG A 350 13.00 8.14 -51.50
N ILE A 351 13.54 8.37 -50.32
CA ILE A 351 13.59 9.72 -49.80
C ILE A 351 14.84 10.48 -50.27
N LYS A 352 15.70 9.77 -51.00
CA LYS A 352 16.89 10.32 -51.67
C LYS A 352 17.86 10.97 -50.70
N ARG A 353 17.91 10.47 -49.49
CA ARG A 353 18.76 11.03 -48.46
C ARG A 353 18.82 9.98 -47.35
N PRO A 354 19.77 10.08 -46.41
CA PRO A 354 19.78 9.07 -45.36
C PRO A 354 18.63 9.32 -44.34
N ALA A 355 17.86 8.28 -44.03
CA ALA A 355 16.72 8.40 -43.13
C ALA A 355 17.15 8.83 -41.72
N TYR A 356 16.27 9.57 -41.07
CA TYR A 356 16.51 10.00 -39.73
C TYR A 356 15.65 9.08 -38.86
N ILE A 357 16.30 8.14 -38.19
CA ILE A 357 15.61 7.08 -37.46
C ILE A 357 14.80 7.55 -36.25
N TRP A 358 13.54 7.13 -36.21
CA TRP A 358 12.68 7.32 -35.06
C TRP A 358 12.37 5.94 -34.49
N TRP A 359 13.19 5.50 -33.55
CA TRP A 359 13.18 4.10 -33.09
C TRP A 359 12.16 3.89 -32.00
N ASN A 360 11.14 3.06 -32.29
CA ASN A 360 10.01 2.91 -31.33
C ASN A 360 10.19 1.91 -30.20
N PHE A 361 11.21 2.15 -29.39
CA PHE A 361 11.50 1.38 -28.21
C PHE A 361 12.29 2.32 -27.31
N PRO A 362 11.98 2.36 -26.01
CA PRO A 362 11.05 1.52 -25.25
C PRO A 362 9.57 1.98 -25.16
N VAL A 363 9.15 2.89 -26.04
CA VAL A 363 7.77 3.39 -26.03
C VAL A 363 6.81 2.29 -25.66
N SER A 364 5.93 2.54 -24.69
CA SER A 364 5.01 1.50 -24.21
C SER A 364 3.55 1.95 -24.26
N ASP A 365 3.29 2.95 -25.10
CA ASP A 365 2.03 3.68 -24.99
C ASP A 365 0.87 2.85 -25.57
N TYR A 366 1.22 1.70 -26.13
CA TYR A 366 0.25 0.71 -26.66
C TYR A 366 0.22 -0.61 -25.83
N VAL A 367 1.16 -0.72 -24.88
CA VAL A 367 1.20 -1.75 -23.83
C VAL A 367 1.49 -1.08 -22.48
N ARG A 368 0.55 -0.22 -22.06
CA ARG A 368 0.82 0.67 -20.91
C ARG A 368 0.81 -0.07 -19.58
N ASP A 369 0.30 -1.30 -19.56
CA ASP A 369 0.39 -2.15 -18.35
C ASP A 369 1.76 -2.83 -18.16
N HIS A 370 2.67 -2.65 -19.14
CA HIS A 370 4.05 -3.20 -19.11
C HIS A 370 5.11 -2.12 -19.01
N LEU A 371 6.14 -2.38 -18.20
CA LEU A 371 7.40 -1.62 -18.25
C LEU A 371 8.33 -2.38 -19.19
N LEU A 372 9.08 -1.67 -20.04
CA LEU A 372 10.04 -2.29 -20.97
C LEU A 372 11.47 -1.89 -20.61
N LEU A 373 12.07 -2.70 -19.76
CA LEU A 373 13.31 -2.35 -19.09
C LEU A 373 14.48 -3.23 -19.56
N GLY A 374 14.28 -4.01 -20.63
CA GLY A 374 15.36 -4.84 -21.10
C GLY A 374 16.39 -4.06 -21.92
N PRO A 375 17.42 -4.76 -22.42
CA PRO A 375 18.44 -4.21 -23.32
C PRO A 375 17.93 -3.72 -24.66
N VAL A 376 18.68 -2.79 -25.23
CA VAL A 376 18.49 -2.30 -26.57
C VAL A 376 19.23 -3.22 -27.55
N TYR A 377 18.51 -3.84 -28.47
CA TYR A 377 19.18 -4.69 -29.44
C TYR A 377 18.29 -4.79 -30.69
N GLY A 378 18.81 -5.41 -31.75
CA GLY A 378 18.06 -5.74 -32.96
C GLY A 378 18.44 -4.85 -34.14
N ASN A 379 19.13 -3.74 -33.86
CA ASN A 379 19.52 -2.77 -34.87
C ASN A 379 20.92 -3.05 -35.43
N ASP A 380 20.97 -3.15 -36.76
CA ASP A 380 22.24 -3.45 -37.45
C ASP A 380 23.31 -2.44 -37.04
N THR A 381 24.49 -2.94 -36.69
CA THR A 381 25.55 -2.10 -36.19
C THR A 381 26.51 -1.59 -37.30
N THR A 382 26.21 -1.86 -38.57
CA THR A 382 27.16 -1.47 -39.64
C THR A 382 26.65 -0.35 -40.57
N ILE A 383 25.51 0.25 -40.22
CA ILE A 383 24.74 1.07 -41.15
C ILE A 383 24.72 2.56 -40.79
N ALA A 384 25.67 2.97 -39.95
CA ALA A 384 25.76 4.33 -39.46
C ALA A 384 25.80 5.35 -40.61
N LYS A 385 26.46 4.98 -41.73
CA LYS A 385 26.53 5.85 -42.88
C LYS A 385 25.19 6.01 -43.58
N GLU A 386 24.25 5.11 -43.32
CA GLU A 386 22.95 5.14 -44.00
C GLU A 386 21.87 5.88 -43.21
N MET A 387 22.23 6.43 -42.05
CA MET A 387 21.28 7.19 -41.23
C MET A 387 21.78 8.58 -40.88
N SER A 388 20.89 9.56 -41.03
CA SER A 388 21.21 10.96 -40.67
C SER A 388 21.11 11.17 -39.16
N GLY A 389 20.26 10.39 -38.51
CA GLY A 389 20.02 10.53 -37.09
C GLY A 389 19.41 9.25 -36.56
N PHE A 390 19.47 9.08 -35.25
CA PHE A 390 18.84 7.93 -34.62
C PHE A 390 18.32 8.45 -33.29
N VAL A 391 17.01 8.46 -33.14
CA VAL A 391 16.39 8.90 -31.90
C VAL A 391 15.45 7.82 -31.36
N THR A 392 15.32 7.77 -30.04
CA THR A 392 14.43 6.78 -29.41
C THR A 392 13.16 7.39 -28.83
N ASN A 393 12.01 6.81 -29.17
CA ASN A 393 10.72 7.20 -28.61
C ASN A 393 10.57 6.42 -27.27
N PRO A 394 10.62 7.10 -26.10
CA PRO A 394 10.69 6.37 -24.82
C PRO A 394 9.32 6.11 -24.14
N MET A 395 9.32 5.51 -22.95
CA MET A 395 8.08 5.33 -22.21
C MET A 395 7.69 6.67 -21.55
N GLU A 396 6.42 6.80 -21.16
CA GLU A 396 5.98 7.95 -20.37
C GLU A 396 6.70 7.98 -19.02
N HIS A 397 7.30 6.85 -18.62
CA HIS A 397 8.11 6.78 -17.40
C HIS A 397 9.52 7.24 -17.73
N ALA A 398 9.86 8.47 -17.34
CA ALA A 398 11.07 9.12 -17.84
C ALA A 398 12.34 8.47 -17.28
N GLU A 399 12.40 8.28 -15.95
CA GLU A 399 13.62 7.72 -15.37
C GLU A 399 13.84 6.30 -15.83
N SER A 400 12.75 5.53 -15.88
CA SER A 400 12.81 4.12 -16.21
C SER A 400 13.33 3.95 -17.66
N SER A 401 13.16 5.01 -18.48
CA SER A 401 13.53 4.99 -19.90
C SER A 401 15.03 5.22 -20.05
N LYS A 402 15.68 5.66 -18.99
CA LYS A 402 17.12 5.89 -19.06
C LYS A 402 17.96 4.64 -19.36
N ILE A 403 17.46 3.48 -18.95
CA ILE A 403 18.10 2.21 -19.34
C ILE A 403 18.32 2.15 -20.86
N ALA A 404 17.25 2.21 -21.63
CA ALA A 404 17.32 2.18 -23.08
C ALA A 404 18.01 3.41 -23.68
N ILE A 405 17.76 4.58 -23.10
CA ILE A 405 18.33 5.84 -23.59
C ILE A 405 19.86 5.81 -23.54
N TYR A 406 20.41 5.38 -22.40
CA TYR A 406 21.83 5.26 -22.24
C TYR A 406 22.36 4.27 -23.27
N SER A 407 21.61 3.19 -23.53
CA SER A 407 22.06 2.17 -24.47
C SER A 407 22.02 2.72 -25.90
N VAL A 408 20.97 3.49 -26.22
CA VAL A 408 20.84 4.11 -27.53
C VAL A 408 21.96 5.12 -27.72
N ALA A 409 22.29 5.90 -26.68
CA ALA A 409 23.42 6.83 -26.77
C ALA A 409 24.69 6.09 -27.21
N SER A 410 24.90 4.93 -26.59
CA SER A 410 26.07 4.11 -26.80
C SER A 410 26.10 3.59 -28.22
N TYR A 411 24.98 3.01 -28.65
CA TYR A 411 24.82 2.48 -29.99
C TYR A 411 25.06 3.54 -31.07
N ALA A 412 24.46 4.71 -30.90
CA ALA A 412 24.45 5.72 -31.96
C ALA A 412 25.83 6.40 -32.11
N TRP A 413 26.55 6.52 -31.00
CA TRP A 413 27.89 7.10 -31.03
C TRP A 413 28.91 6.13 -31.69
N ASN A 414 28.94 4.89 -31.19
CA ASN A 414 29.85 3.86 -31.67
C ASN A 414 29.15 2.52 -31.97
N PRO A 415 28.41 2.44 -33.07
CA PRO A 415 27.66 1.19 -33.28
C PRO A 415 28.56 -0.02 -33.48
N ALA A 416 29.76 0.19 -34.04
CA ALA A 416 30.66 -0.91 -34.36
C ALA A 416 31.10 -1.66 -33.11
N LYS A 417 31.15 -0.97 -31.98
CA LYS A 417 31.61 -1.55 -30.73
C LYS A 417 30.41 -1.73 -29.77
N TYR A 418 29.18 -1.63 -30.29
CA TYR A 418 28.00 -1.66 -29.43
C TYR A 418 27.84 -3.06 -28.84
N ASP A 419 27.76 -3.13 -27.51
CA ASP A 419 27.67 -4.37 -26.76
C ASP A 419 26.35 -4.31 -25.98
N THR A 420 25.33 -4.98 -26.50
CA THR A 420 23.97 -4.93 -25.96
CA THR A 420 23.97 -4.89 -25.94
C THR A 420 23.92 -5.16 -24.44
N TRP A 421 24.45 -6.30 -24.00
CA TRP A 421 24.27 -6.69 -22.58
C TRP A 421 25.12 -5.89 -21.63
N GLN A 422 26.37 -5.62 -22.00
CA GLN A 422 27.28 -4.85 -21.11
C GLN A 422 26.76 -3.43 -20.95
N THR A 423 26.21 -2.85 -22.02
CA THR A 423 25.70 -1.48 -21.99
C THR A 423 24.42 -1.41 -21.13
N TRP A 424 23.58 -2.43 -21.23
CA TRP A 424 22.42 -2.57 -20.32
C TRP A 424 22.86 -2.57 -18.83
N LYS A 425 23.80 -3.43 -18.47
CA LYS A 425 24.35 -3.45 -17.11
C LYS A 425 25.00 -2.11 -16.71
N ASP A 426 25.79 -1.53 -17.63
CA ASP A 426 26.40 -0.20 -17.39
C ASP A 426 25.35 0.90 -17.10
N ALA A 427 24.29 0.93 -17.88
CA ALA A 427 23.17 1.87 -17.70
C ALA A 427 22.58 1.74 -16.31
N ILE A 428 22.37 0.48 -15.90
CA ILE A 428 21.71 0.18 -14.64
C ILE A 428 22.57 0.62 -13.49
N ARG A 429 23.88 0.33 -13.58
CA ARG A 429 24.83 0.76 -12.55
C ARG A 429 24.96 2.26 -12.49
N THR A 430 24.80 2.93 -13.64
CA THR A 430 24.87 4.41 -13.69
C THR A 430 23.63 5.04 -13.07
N ILE A 431 22.47 4.48 -13.39
CA ILE A 431 21.19 4.97 -12.91
C ILE A 431 20.99 4.68 -11.42
N LEU A 432 21.37 3.49 -10.95
CA LEU A 432 21.10 3.15 -9.54
C LEU A 432 22.26 2.37 -8.93
N PRO A 433 23.41 3.08 -8.72
CA PRO A 433 24.64 2.43 -8.26
C PRO A 433 24.43 1.68 -6.95
N SER A 434 23.62 2.24 -6.04
CA SER A 434 23.40 1.66 -4.71
C SER A 434 22.55 0.38 -4.77
N ALA A 435 21.83 0.13 -5.86
CA ALA A 435 21.03 -1.11 -5.97
C ALA A 435 20.99 -1.69 -7.38
N ALA A 436 22.16 -1.73 -8.03
CA ALA A 436 22.24 -2.09 -9.45
C ALA A 436 21.82 -3.55 -9.69
N GLU A 437 22.29 -4.45 -8.86
CA GLU A 437 21.94 -5.86 -9.00
C GLU A 437 20.44 -6.12 -8.78
N GLU A 438 19.83 -5.40 -7.82
CA GLU A 438 18.39 -5.50 -7.59
C GLU A 438 17.62 -4.95 -8.79
N LEU A 439 18.06 -3.81 -9.34
CA LEU A 439 17.44 -3.28 -10.56
C LEU A 439 17.62 -4.21 -11.76
N GLU A 440 18.83 -4.76 -11.91
CA GLU A 440 19.06 -5.79 -12.95
C GLU A 440 18.06 -6.92 -12.84
N CYS A 441 17.86 -7.40 -11.60
CA CYS A 441 16.92 -8.52 -11.38
C CYS A 441 15.51 -8.12 -11.82
N PHE A 442 15.06 -6.96 -11.36
CA PHE A 442 13.74 -6.40 -11.76
C PHE A 442 13.60 -6.23 -13.29
N ALA A 443 14.59 -5.62 -13.91
CA ALA A 443 14.57 -5.36 -15.38
C ALA A 443 14.56 -6.62 -16.27
N MET A 444 15.37 -7.61 -15.88
CA MET A 444 15.49 -8.91 -16.57
C MET A 444 14.12 -9.57 -16.72
N HIS A 445 13.23 -9.32 -15.76
CA HIS A 445 11.91 -9.92 -15.76
C HIS A 445 10.78 -8.93 -16.07
N ASN A 446 11.13 -7.77 -16.59
CA ASN A 446 10.15 -6.78 -17.05
C ASN A 446 10.65 -6.19 -18.36
N SER A 447 10.60 -7.00 -19.43
CA SER A 447 11.28 -6.71 -20.71
CA SER A 447 11.20 -6.58 -20.70
C SER A 447 10.36 -6.96 -21.90
N ASP A 448 9.49 -7.93 -21.76
CA ASP A 448 8.64 -8.29 -22.89
C ASP A 448 7.41 -7.40 -22.87
N LEU A 449 6.76 -7.29 -24.03
CA LEU A 449 5.53 -6.48 -24.20
C LEU A 449 4.22 -7.29 -24.02
N GLY A 450 4.30 -8.61 -24.11
CA GLY A 450 3.11 -9.43 -24.18
C GLY A 450 2.54 -9.34 -25.59
N PRO A 451 1.50 -10.14 -25.91
CA PRO A 451 0.99 -10.07 -27.27
C PRO A 451 0.36 -8.71 -27.55
N ASN A 452 0.50 -8.24 -28.79
CA ASN A 452 0.06 -6.88 -29.15
C ASN A 452 -0.22 -6.68 -30.64
N GLY A 453 -1.00 -5.65 -30.97
CA GLY A 453 -1.36 -5.35 -32.37
C GLY A 453 -0.14 -4.97 -33.22
N HIS A 454 0.97 -4.60 -32.60
CA HIS A 454 2.16 -4.27 -33.38
C HIS A 454 3.02 -5.48 -33.71
N GLY A 455 2.75 -6.61 -33.06
CA GLY A 455 3.54 -7.84 -33.26
C GLY A 455 4.98 -7.74 -32.75
N TYR A 456 5.23 -6.82 -31.84
CA TYR A 456 6.62 -6.60 -31.38
C TYR A 456 6.83 -7.19 -30.01
N ARG A 457 7.88 -7.99 -29.89
CA ARG A 457 8.16 -8.75 -28.67
C ARG A 457 9.64 -8.57 -28.29
N ARG A 458 9.96 -8.79 -27.02
CA ARG A 458 11.36 -8.80 -26.55
C ARG A 458 11.57 -10.03 -25.68
N GLU A 459 12.85 -10.43 -25.56
CA GLU A 459 13.19 -11.58 -24.72
C GLU A 459 13.06 -11.18 -23.25
N GLU A 460 12.84 -12.15 -22.37
CA GLU A 460 12.69 -11.87 -20.94
C GLU A 460 12.98 -13.13 -20.20
N SER A 461 13.62 -13.02 -19.04
CA SER A 461 13.84 -14.16 -18.11
C SER A 461 14.56 -15.32 -18.80
N MET A 462 15.42 -15.04 -19.78
N MET A 462 15.44 -15.02 -19.75
CA MET A 462 16.02 -16.13 -20.60
CA MET A 462 16.10 -16.07 -20.57
C MET A 462 16.93 -17.06 -19.79
C MET A 462 16.93 -17.06 -19.74
N ASP A 463 17.56 -16.52 -18.75
N ASP A 463 17.63 -16.55 -18.73
CA ASP A 463 18.41 -17.32 -17.89
CA ASP A 463 18.47 -17.37 -17.87
C ASP A 463 17.70 -18.54 -17.29
C ASP A 463 17.72 -18.55 -17.25
N ILE A 464 16.54 -18.31 -16.68
CA ILE A 464 15.78 -19.37 -16.00
C ILE A 464 14.82 -20.15 -16.89
N GLN A 465 14.73 -19.76 -18.15
N GLN A 465 14.69 -19.76 -18.16
CA GLN A 465 13.79 -20.35 -19.10
CA GLN A 465 13.76 -20.42 -19.08
C GLN A 465 14.00 -21.86 -19.37
C GLN A 465 14.01 -21.92 -19.23
N PRO A 466 15.27 -22.35 -19.37
CA PRO A 466 15.48 -23.80 -19.48
C PRO A 466 15.06 -24.60 -18.25
N ALA A 467 15.37 -24.11 -17.06
CA ALA A 467 14.92 -24.79 -15.84
C ALA A 467 13.38 -24.79 -15.80
N ALA A 468 12.76 -23.68 -16.19
CA ALA A 468 11.30 -23.58 -16.21
C ALA A 468 10.65 -24.61 -17.14
N GLU A 469 11.06 -24.60 -18.40
CA GLU A 469 10.49 -25.52 -19.41
C GLU A 469 10.71 -27.00 -19.06
N ARG A 470 11.90 -27.32 -18.55
CA ARG A 470 12.22 -28.66 -18.06
C ARG A 470 11.32 -29.09 -16.91
N PHE A 471 11.10 -28.17 -15.97
CA PHE A 471 10.35 -28.44 -14.76
C PHE A 471 8.90 -28.76 -15.12
N LEU A 472 8.35 -27.93 -16.00
CA LEU A 472 6.95 -28.01 -16.39
C LEU A 472 6.65 -29.25 -17.22
N LYS A 473 7.48 -29.49 -18.25
CA LYS A 473 7.38 -30.72 -19.08
C LYS A 473 7.36 -31.98 -18.23
N ALA A 474 8.28 -32.08 -17.26
CA ALA A 474 8.40 -33.26 -16.40
C ALA A 474 7.22 -33.43 -15.43
N PHE A 475 6.83 -32.31 -14.82
CA PHE A 475 5.74 -32.27 -13.87
C PHE A 475 4.44 -32.70 -14.54
N LYS A 476 4.12 -32.05 -15.66
CA LYS A 476 2.86 -32.26 -16.37
C LYS A 476 2.69 -33.70 -16.87
N GLU A 477 3.71 -34.23 -17.55
CA GLU A 477 3.63 -35.59 -18.10
C GLU A 477 3.66 -36.72 -17.06
N GLY A 478 4.36 -36.49 -15.94
CA GLY A 478 4.35 -37.46 -14.83
C GLY A 478 5.71 -38.00 -14.39
N LYS A 479 6.78 -37.39 -14.90
CA LYS A 479 8.14 -37.74 -14.52
C LYS A 479 8.67 -36.86 -13.40
N ASN A 480 9.66 -37.39 -12.67
CA ASN A 480 10.39 -36.61 -11.66
C ASN A 480 11.10 -35.41 -12.28
N TYR A 481 11.03 -34.28 -11.59
CA TYR A 481 11.78 -33.10 -12.01
C TYR A 481 13.16 -33.13 -11.35
N ASP A 482 14.12 -32.42 -11.92
CA ASP A 482 15.44 -32.33 -11.33
C ASP A 482 15.43 -31.35 -10.15
N LYS A 483 15.94 -31.80 -9.01
CA LYS A 483 16.06 -30.94 -7.84
C LYS A 483 16.70 -29.60 -8.22
N ALA A 484 17.72 -29.64 -9.06
CA ALA A 484 18.42 -28.42 -9.50
C ALA A 484 17.47 -27.38 -10.09
N ASP A 485 16.56 -27.83 -10.97
CA ASP A 485 15.62 -26.92 -11.63
C ASP A 485 14.67 -26.31 -10.62
N PHE A 486 14.16 -27.15 -9.71
CA PHE A 486 13.32 -26.70 -8.60
C PHE A 486 14.04 -25.63 -7.74
N GLU A 487 15.29 -25.91 -7.35
CA GLU A 487 16.10 -24.96 -6.60
C GLU A 487 16.36 -23.69 -7.39
N THR A 488 16.58 -23.81 -8.70
CA THR A 488 16.77 -22.65 -9.57
C THR A 488 15.55 -21.73 -9.48
N LEU A 489 14.35 -22.31 -9.55
CA LEU A 489 13.11 -21.53 -9.44
C LEU A 489 12.99 -20.85 -8.06
N GLN A 490 13.18 -21.63 -7.01
CA GLN A 490 13.27 -21.14 -5.62
C GLN A 490 14.21 -19.95 -5.43
N TYR A 491 15.46 -20.09 -5.92
CA TYR A 491 16.47 -19.01 -5.91
C TYR A 491 15.99 -17.71 -6.56
N THR A 492 15.35 -17.85 -7.72
CA THR A 492 14.84 -16.73 -8.47
C THR A 492 13.78 -15.98 -7.67
N PHE A 493 12.81 -16.70 -7.10
CA PHE A 493 11.74 -16.02 -6.34
C PHE A 493 12.31 -15.32 -5.13
N GLU A 494 13.28 -15.98 -4.51
CA GLU A 494 13.97 -15.42 -3.37
C GLU A 494 14.61 -14.12 -3.79
N ARG A 495 15.32 -14.14 -4.91
CA ARG A 495 16.01 -12.96 -5.40
C ARG A 495 15.04 -11.83 -5.83
N MET A 496 13.94 -12.23 -6.48
CA MET A 496 12.89 -11.32 -6.81
C MET A 496 12.36 -10.55 -5.56
N LYS A 497 12.12 -11.27 -4.46
CA LYS A 497 11.60 -10.61 -3.24
C LYS A 497 12.63 -9.65 -2.62
N GLU A 498 13.88 -10.08 -2.54
CA GLU A 498 14.97 -9.21 -2.12
C GLU A 498 15.02 -7.94 -2.98
N SER A 499 14.97 -8.12 -4.28
CA SER A 499 15.04 -6.99 -5.22
C SER A 499 13.86 -6.04 -5.08
N ALA A 500 12.62 -6.58 -5.07
CA ALA A 500 11.44 -5.75 -4.84
C ALA A 500 11.53 -4.92 -3.56
N ASP A 501 11.83 -5.54 -2.43
CA ASP A 501 11.87 -4.78 -1.16
C ASP A 501 12.97 -3.72 -1.09
N ILE A 502 14.12 -4.02 -1.70
CA ILE A 502 15.23 -3.06 -1.69
C ILE A 502 14.91 -1.91 -2.66
N LEU A 503 14.31 -2.19 -3.80
CA LEU A 503 13.94 -1.13 -4.72
C LEU A 503 12.92 -0.16 -4.09
N LEU A 504 11.88 -0.72 -3.44
CA LEU A 504 10.81 0.11 -2.87
C LEU A 504 11.34 1.17 -1.94
N MET A 505 12.37 0.84 -1.18
N MET A 505 12.38 0.82 -1.19
CA MET A 505 12.86 1.74 -0.16
CA MET A 505 12.91 1.67 -0.14
C MET A 505 14.12 2.48 -0.57
C MET A 505 14.11 2.50 -0.58
N ASN A 506 14.52 2.36 -1.84
CA ASN A 506 15.71 3.05 -2.33
C ASN A 506 15.42 4.55 -2.47
N THR A 507 16.31 5.38 -1.91
CA THR A 507 16.18 6.84 -1.95
C THR A 507 17.26 7.56 -2.77
N GLU A 508 17.97 6.81 -3.60
CA GLU A 508 19.05 7.39 -4.41
C GLU A 508 18.45 8.03 -5.67
N ASN A 509 17.52 7.33 -6.29
CA ASN A 509 16.70 7.86 -7.35
C ASN A 509 15.22 7.70 -7.00
N LYS A 510 14.71 8.62 -6.20
CA LYS A 510 13.29 8.54 -5.81
C LYS A 510 12.37 8.61 -7.03
N PRO A 511 12.68 9.46 -8.03
CA PRO A 511 11.69 9.51 -9.12
C PRO A 511 11.55 8.20 -9.87
N LEU A 512 12.65 7.48 -10.04
CA LEU A 512 12.58 6.16 -10.69
C LEU A 512 11.71 5.23 -9.84
N ILE A 513 11.92 5.25 -8.53
CA ILE A 513 11.20 4.34 -7.63
C ILE A 513 9.71 4.65 -7.67
N VAL A 514 9.35 5.94 -7.72
CA VAL A 514 7.95 6.33 -7.86
C VAL A 514 7.32 5.76 -9.13
N GLU A 515 8.03 5.87 -10.26
CA GLU A 515 7.55 5.32 -11.54
C GLU A 515 7.30 3.82 -11.43
N ILE A 516 8.24 3.10 -10.86
CA ILE A 516 8.14 1.62 -10.93
C ILE A 516 7.41 0.93 -9.76
N THR A 517 7.09 1.68 -8.69
CA THR A 517 6.53 1.04 -7.48
C THR A 517 5.33 0.06 -7.69
N PRO A 518 4.33 0.47 -8.47
CA PRO A 518 3.21 -0.48 -8.65
C PRO A 518 3.67 -1.83 -9.23
N TRP A 519 4.55 -1.78 -10.24
CA TRP A 519 5.15 -2.99 -10.84
C TRP A 519 6.01 -3.71 -9.83
N VAL A 520 6.72 -2.94 -9.00
CA VAL A 520 7.49 -3.58 -7.98
C VAL A 520 6.63 -4.39 -6.99
N HIS A 521 5.47 -3.84 -6.56
CA HIS A 521 4.59 -4.56 -5.64
C HIS A 521 4.07 -5.84 -6.32
N GLN A 522 3.72 -5.72 -7.58
CA GLN A 522 3.17 -6.83 -8.35
C GLN A 522 4.20 -7.96 -8.60
N PHE A 523 5.44 -7.54 -8.80
CA PHE A 523 6.61 -8.39 -8.98
C PHE A 523 6.87 -9.16 -7.71
N LYS A 524 6.76 -8.52 -6.56
CA LYS A 524 6.89 -9.20 -5.27
C LYS A 524 5.82 -10.25 -5.01
N LEU A 525 4.56 -9.89 -5.31
CA LEU A 525 3.45 -10.83 -5.18
C LEU A 525 3.68 -12.03 -6.11
N THR A 526 4.17 -11.74 -7.31
CA THR A 526 4.52 -12.81 -8.25
C THR A 526 5.53 -13.77 -7.59
N ALA A 527 6.61 -13.23 -7.01
CA ALA A 527 7.61 -14.07 -6.37
C ALA A 527 7.02 -14.91 -5.21
N GLU A 528 6.24 -14.28 -4.31
CA GLU A 528 5.63 -15.00 -3.19
C GLU A 528 4.70 -16.08 -3.71
N MET A 529 3.91 -15.78 -4.74
CA MET A 529 3.05 -16.78 -5.32
C MET A 529 3.87 -17.98 -5.82
N GLY A 530 4.96 -17.70 -6.52
CA GLY A 530 5.91 -18.73 -6.98
C GLY A 530 6.39 -19.61 -5.84
N GLU A 531 6.83 -18.98 -4.75
CA GLU A 531 7.23 -19.71 -3.54
C GLU A 531 6.18 -20.65 -2.97
N GLU A 532 4.94 -20.18 -2.91
CA GLU A 532 3.86 -20.97 -2.33
C GLU A 532 3.43 -22.11 -3.23
N VAL A 533 3.42 -21.88 -4.53
CA VAL A 533 3.11 -22.92 -5.49
C VAL A 533 4.16 -24.07 -5.39
N LEU A 534 5.43 -23.69 -5.31
CA LEU A 534 6.51 -24.67 -5.14
C LEU A 534 6.34 -25.52 -3.87
N LYS A 535 5.82 -24.90 -2.81
CA LYS A 535 5.58 -25.59 -1.56
C LYS A 535 4.41 -26.55 -1.69
N MET A 536 3.48 -26.21 -2.58
CA MET A 536 2.35 -27.08 -2.92
C MET A 536 2.85 -28.34 -3.67
N VAL A 537 3.79 -28.15 -4.58
CA VAL A 537 4.35 -29.26 -5.35
C VAL A 537 4.88 -30.35 -4.44
N GLU A 538 5.59 -29.94 -3.38
CA GLU A 538 6.12 -30.89 -2.41
C GLU A 538 4.99 -31.37 -1.52
N GLY A 539 4.22 -30.42 -1.00
CA GLY A 539 3.04 -30.73 -0.23
C GLY A 539 3.11 -31.83 0.81
N ARG A 540 3.93 -31.62 1.84
CA ARG A 540 4.10 -32.60 2.90
C ARG A 540 2.88 -33.46 3.26
N ASN A 541 1.72 -32.82 3.34
CA ASN A 541 0.50 -33.51 3.67
C ASN A 541 -0.72 -32.71 3.21
N GLU A 542 -1.91 -33.27 3.43
CA GLU A 542 -3.15 -32.67 2.96
C GLU A 542 -3.40 -31.28 3.54
N SER A 543 -3.24 -31.17 4.85
CA SER A 543 -3.47 -29.93 5.57
C SER A 543 -2.50 -28.81 5.15
N TYR A 544 -1.22 -29.16 5.01
CA TYR A 544 -0.21 -28.22 4.60
C TYR A 544 -0.48 -27.78 3.16
N PHE A 545 -0.90 -28.73 2.32
CA PHE A 545 -1.26 -28.36 0.94
C PHE A 545 -2.35 -27.27 0.88
N LEU A 546 -3.43 -27.47 1.65
CA LEU A 546 -4.56 -26.56 1.66
C LEU A 546 -4.19 -25.17 2.19
N ARG A 547 -3.33 -25.13 3.22
CA ARG A 547 -2.75 -23.89 3.71
C ARG A 547 -2.04 -23.18 2.59
N LYS A 548 -1.18 -23.89 1.85
CA LYS A 548 -0.48 -23.29 0.71
C LYS A 548 -1.46 -22.83 -0.35
N TYR A 549 -2.44 -23.69 -0.69
CA TYR A 549 -3.47 -23.36 -1.67
C TYR A 549 -4.24 -22.07 -1.32
N ASN A 550 -4.62 -21.91 -0.04
CA ASN A 550 -5.41 -20.76 0.38
C ASN A 550 -4.56 -19.49 0.37
N HIS A 551 -3.29 -19.63 0.72
CA HIS A 551 -2.38 -18.51 0.63
C HIS A 551 -2.25 -18.06 -0.82
N VAL A 552 -2.11 -19.02 -1.74
CA VAL A 552 -2.02 -18.68 -3.15
C VAL A 552 -3.27 -17.95 -3.65
N LYS A 553 -4.45 -18.48 -3.37
CA LYS A 553 -5.71 -17.78 -3.70
C LYS A 553 -5.72 -16.32 -3.19
N ALA A 554 -5.24 -16.10 -1.97
CA ALA A 554 -5.15 -14.73 -1.40
C ALA A 554 -4.17 -13.83 -2.15
N LEU A 555 -3.04 -14.40 -2.59
CA LEU A 555 -2.07 -13.65 -3.37
C LEU A 555 -2.63 -13.31 -4.77
N GLN A 556 -3.39 -14.23 -5.37
CA GLN A 556 -4.07 -13.95 -6.64
C GLN A 556 -5.04 -12.77 -6.49
N GLN A 557 -5.78 -12.76 -5.39
CA GLN A 557 -6.68 -11.64 -5.11
C GLN A 557 -5.93 -10.36 -4.98
N GLN A 558 -4.80 -10.39 -4.28
CA GLN A 558 -4.01 -9.17 -4.10
C GLN A 558 -3.49 -8.62 -5.42
N MET A 559 -3.06 -9.51 -6.30
CA MET A 559 -2.58 -9.15 -7.62
C MET A 559 -3.71 -8.54 -8.46
N PHE A 560 -4.92 -9.11 -8.36
CA PHE A 560 -6.08 -8.51 -8.97
C PHE A 560 -6.31 -7.07 -8.46
N TYR A 561 -6.26 -6.87 -7.15
CA TYR A 561 -6.47 -5.56 -6.56
C TYR A 561 -5.45 -4.53 -7.10
N ILE A 562 -4.17 -4.89 -7.16
CA ILE A 562 -3.18 -3.97 -7.78
C ILE A 562 -3.56 -3.69 -9.24
N ASP A 563 -3.89 -4.74 -9.99
CA ASP A 563 -4.21 -4.62 -11.42
C ASP A 563 -5.46 -3.78 -11.69
N GLN A 564 -6.31 -3.59 -10.68
CA GLN A 564 -7.50 -2.77 -10.82
C GLN A 564 -7.42 -1.37 -10.20
N THR A 565 -6.40 -1.12 -9.41
CA THR A 565 -6.34 0.13 -8.70
C THR A 565 -5.09 0.95 -9.07
N SER A 566 -4.08 0.29 -9.64
CA SER A 566 -2.91 1.02 -10.14
C SER A 566 -2.96 1.23 -11.62
N ASN A 567 -2.36 2.33 -12.07
CA ASN A 567 -2.18 2.59 -13.50
C ASN A 567 -3.49 2.43 -14.30
N GLN A 568 -4.55 3.06 -13.81
CA GLN A 568 -5.88 2.92 -14.40
C GLN A 568 -6.06 3.88 -15.59
N ASN A 569 -5.30 3.63 -16.65
CA ASN A 569 -5.41 4.41 -17.86
C ASN A 569 -6.51 3.84 -18.75
N PRO A 570 -6.96 4.64 -19.73
CA PRO A 570 -8.08 4.18 -20.53
C PRO A 570 -7.77 3.03 -21.49
N TYR A 571 -6.51 2.71 -21.74
CA TYR A 571 -6.19 1.82 -22.90
C TYR A 571 -5.71 0.39 -22.57
N GLN A 572 -4.72 0.32 -21.68
CA GLN A 572 -4.26 -0.95 -21.12
C GLN A 572 -4.04 -0.71 -19.62
N PRO A 573 -5.14 -0.67 -18.84
CA PRO A 573 -5.02 -0.37 -17.40
C PRO A 573 -4.31 -1.49 -16.65
N GLY A 574 -3.71 -1.15 -15.51
CA GLY A 574 -3.20 -2.16 -14.63
C GLY A 574 -1.72 -2.37 -14.70
N VAL A 575 -1.28 -3.50 -14.16
CA VAL A 575 0.12 -3.71 -13.85
C VAL A 575 0.44 -5.18 -14.11
N LYS A 576 1.10 -5.45 -15.22
CA LYS A 576 1.59 -6.79 -15.51
C LYS A 576 3.12 -6.83 -15.33
N THR A 577 3.62 -8.01 -14.93
CA THR A 577 5.03 -8.15 -14.66
C THR A 577 5.46 -9.60 -14.82
N ALA A 578 6.72 -9.80 -15.23
CA ALA A 578 7.28 -11.16 -15.37
C ALA A 578 6.33 -12.04 -16.19
N THR A 579 5.83 -11.48 -17.29
CA THR A 579 4.73 -12.12 -18.06
C THR A 579 5.16 -13.19 -19.06
N ARG A 580 6.41 -13.17 -19.47
CA ARG A 580 6.83 -14.05 -20.56
C ARG A 580 7.04 -15.50 -20.15
N VAL A 581 7.75 -15.69 -19.04
CA VAL A 581 8.16 -17.02 -18.60
C VAL A 581 7.60 -17.31 -17.20
N ILE A 582 7.74 -16.37 -16.29
CA ILE A 582 7.52 -16.64 -14.89
C ILE A 582 6.06 -16.81 -14.46
N LYS A 583 5.21 -15.83 -14.76
CA LYS A 583 3.81 -15.92 -14.38
C LYS A 583 3.19 -17.14 -15.05
N PRO A 584 3.44 -17.33 -16.37
CA PRO A 584 2.87 -18.54 -16.97
C PRO A 584 3.34 -19.83 -16.27
N LEU A 585 4.63 -19.96 -15.97
CA LEU A 585 5.12 -21.11 -15.17
C LEU A 585 4.40 -21.31 -13.82
N ILE A 586 4.21 -20.25 -13.07
CA ILE A 586 3.57 -20.32 -11.75
C ILE A 586 2.11 -20.72 -11.96
N ASP A 587 1.45 -20.09 -12.93
CA ASP A 587 0.06 -20.37 -13.23
C ASP A 587 -0.13 -21.83 -13.69
N ARG A 588 0.73 -22.30 -14.59
CA ARG A 588 0.61 -23.67 -15.05
C ARG A 588 0.89 -24.71 -13.95
N THR A 589 1.88 -24.45 -13.13
CA THR A 589 2.24 -25.33 -12.04
C THR A 589 1.07 -25.42 -11.04
N PHE A 590 0.51 -24.26 -10.68
CA PHE A 590 -0.66 -24.21 -9.80
C PHE A 590 -1.81 -25.08 -10.32
N ALA A 591 -2.23 -24.87 -11.56
CA ALA A 591 -3.37 -25.56 -12.12
C ALA A 591 -3.12 -27.06 -12.20
N THR A 592 -1.86 -27.44 -12.44
CA THR A 592 -1.49 -28.84 -12.60
C THR A 592 -1.50 -29.56 -11.25
N VAL A 593 -0.91 -28.93 -10.22
CA VAL A 593 -0.84 -29.52 -8.89
C VAL A 593 -2.23 -29.61 -8.21
N VAL A 594 -3.09 -28.61 -8.46
CA VAL A 594 -4.48 -28.62 -8.03
C VAL A 594 -5.21 -29.78 -8.68
N LYS A 595 -5.00 -29.96 -9.98
CA LYS A 595 -5.63 -31.11 -10.65
C LYS A 595 -5.19 -32.41 -9.97
N PHE A 596 -3.89 -32.52 -9.70
CA PHE A 596 -3.34 -33.72 -9.08
C PHE A 596 -3.93 -33.97 -7.68
N PHE A 597 -4.02 -32.91 -6.87
CA PHE A 597 -4.67 -32.98 -5.56
C PHE A 597 -6.14 -33.46 -5.66
N ASN A 598 -6.90 -32.86 -6.58
CA ASN A 598 -8.30 -33.24 -6.81
C ASN A 598 -8.46 -34.70 -7.24
N GLN A 599 -7.56 -35.19 -8.11
CA GLN A 599 -7.59 -36.59 -8.55
C GLN A 599 -7.30 -37.54 -7.38
N LYS A 600 -6.30 -37.16 -6.58
CA LYS A 600 -5.78 -37.96 -5.46
C LYS A 600 -6.71 -37.97 -4.25
N PHE A 601 -7.22 -36.82 -3.86
CA PHE A 601 -8.04 -36.72 -2.69
C PHE A 601 -9.50 -36.62 -3.04
N ASN A 602 -9.84 -36.94 -4.26
CA ASN A 602 -11.20 -36.84 -4.73
C ASN A 602 -11.89 -35.54 -4.40
N ALA A 603 -11.14 -34.44 -4.43
CA ALA A 603 -11.65 -33.15 -4.00
C ALA A 603 -12.19 -32.35 -5.17
N HIS A 604 -12.34 -31.04 -4.98
CA HIS A 604 -12.85 -30.16 -6.03
C HIS A 604 -12.34 -28.72 -5.89
N LEU A 605 -11.03 -28.58 -5.66
CA LEU A 605 -10.41 -27.26 -5.52
C LEU A 605 -10.49 -26.50 -6.84
N ASP A 606 -10.57 -25.19 -6.74
CA ASP A 606 -10.64 -24.34 -7.92
C ASP A 606 -9.23 -24.13 -8.45
N ALA A 607 -9.04 -24.52 -9.71
CA ALA A 607 -7.76 -24.51 -10.43
C ALA A 607 -7.49 -23.21 -11.21
N THR A 608 -8.42 -22.28 -11.16
CA THR A 608 -8.28 -21.01 -11.87
C THR A 608 -7.18 -20.17 -11.20
N THR A 609 -6.51 -19.38 -12.04
CA THR A 609 -5.29 -18.71 -11.68
C THR A 609 -5.42 -17.18 -11.64
N ASP A 610 -6.43 -16.64 -12.31
CA ASP A 610 -6.65 -15.21 -12.14
C ASP A 610 -7.94 -14.98 -11.37
N TYR A 611 -7.79 -14.24 -10.26
CA TYR A 611 -8.93 -13.97 -9.39
C TYR A 611 -9.97 -13.18 -10.16
N MET A 612 -11.22 -13.59 -10.01
CA MET A 612 -12.36 -12.92 -10.64
C MET A 612 -13.53 -12.88 -9.65
N PRO A 613 -13.95 -11.66 -9.22
CA PRO A 613 -15.05 -11.51 -8.26
C PRO A 613 -16.42 -11.87 -8.81
N HIS A 614 -16.61 -11.69 -10.11
CA HIS A 614 -17.89 -11.92 -10.78
C HIS A 614 -17.89 -13.35 -11.32
N LYS A 615 -19.07 -13.87 -11.64
CA LYS A 615 -19.22 -15.28 -12.08
C LYS A 615 -20.04 -15.34 -13.36
N MET A 616 -19.80 -16.38 -14.18
CA MET A 616 -20.56 -16.56 -15.41
C MET A 616 -21.06 -17.99 -15.61
N LEU A 626 -14.73 -19.54 -21.58
CA LEU A 626 -14.25 -18.15 -21.66
C LEU A 626 -14.22 -17.47 -20.29
N PRO A 627 -13.07 -16.84 -19.94
CA PRO A 627 -12.92 -16.10 -18.68
C PRO A 627 -13.54 -14.72 -18.76
N LEU A 628 -14.13 -14.27 -17.64
CA LEU A 628 -14.56 -12.89 -17.52
C LEU A 628 -13.34 -12.01 -17.30
N GLN A 629 -13.45 -10.76 -17.70
CA GLN A 629 -12.40 -9.76 -17.46
C GLN A 629 -13.02 -8.49 -16.87
N VAL A 630 -12.26 -7.78 -16.04
CA VAL A 630 -12.67 -6.47 -15.54
C VAL A 630 -11.68 -5.43 -16.06
N LYS A 631 -12.15 -4.42 -16.78
CA LYS A 631 -11.33 -3.30 -17.18
C LYS A 631 -12.05 -2.00 -16.80
N ALA A 632 -11.47 -1.25 -15.87
CA ALA A 632 -12.12 -0.06 -15.35
C ALA A 632 -13.52 -0.40 -14.83
N ASN A 633 -14.53 0.23 -15.43
CA ASN A 633 -15.94 -0.01 -15.07
C ASN A 633 -16.67 -0.90 -16.08
N ARG A 634 -15.91 -1.73 -16.80
CA ARG A 634 -16.47 -2.72 -17.74
C ARG A 634 -16.31 -4.15 -17.20
N VAL A 635 -17.27 -5.00 -17.49
CA VAL A 635 -17.18 -6.40 -17.23
C VAL A 635 -17.53 -7.15 -18.51
N LEU A 636 -16.67 -8.00 -18.99
CA LEU A 636 -16.69 -8.51 -20.35
C LEU A 636 -16.31 -9.96 -20.46
N ILE A 637 -16.82 -10.63 -21.44
CA ILE A 637 -16.41 -11.97 -21.76
C ILE A 637 -15.34 -11.90 -22.82
N SER A 638 -14.25 -12.61 -22.61
CA SER A 638 -13.18 -12.69 -23.61
C SER A 638 -13.76 -13.14 -24.95
N PRO A 639 -13.55 -12.34 -26.02
CA PRO A 639 -14.18 -12.54 -27.34
C PRO A 639 -14.02 -13.95 -27.92
N GLU A 653 -25.02 -16.46 -18.63
CA GLU A 653 -25.47 -15.65 -17.50
C GLU A 653 -24.34 -15.13 -16.60
N ILE A 654 -24.19 -13.81 -16.58
CA ILE A 654 -23.21 -13.16 -15.70
C ILE A 654 -23.88 -12.78 -14.38
N GLU A 655 -23.22 -13.12 -13.27
CA GLU A 655 -23.62 -12.65 -11.95
C GLU A 655 -22.49 -11.80 -11.35
N LEU A 656 -22.74 -10.49 -11.21
CA LEU A 656 -21.80 -9.58 -10.53
C LEU A 656 -21.77 -9.86 -9.03
N ASP A 657 -20.68 -9.45 -8.37
CA ASP A 657 -20.49 -9.67 -6.93
C ASP A 657 -21.36 -8.75 -6.07
N ALA A 658 -22.14 -7.89 -6.73
CA ALA A 658 -23.04 -6.95 -6.06
C ALA A 658 -24.05 -6.33 -7.04
N ILE A 659 -24.98 -5.54 -6.50
CA ILE A 659 -25.86 -4.71 -7.34
C ILE A 659 -25.15 -3.39 -7.65
N TYR A 660 -24.93 -3.13 -8.93
CA TYR A 660 -24.42 -1.82 -9.37
C TYR A 660 -25.45 -1.15 -10.29
N PRO A 661 -25.40 0.19 -10.43
CA PRO A 661 -26.17 0.83 -11.51
C PRO A 661 -25.51 0.58 -12.89
N GLY A 662 -26.31 0.14 -13.86
CA GLY A 662 -25.81 -0.13 -15.19
C GLY A 662 -25.82 1.09 -16.09
N GLU A 663 -24.93 1.11 -17.07
CA GLU A 663 -24.85 2.23 -18.00
C GLU A 663 -25.29 1.80 -19.40
N ASN A 664 -24.67 0.75 -19.92
CA ASN A 664 -24.99 0.25 -21.26
C ASN A 664 -24.33 -1.09 -21.54
N ILE A 665 -24.81 -1.78 -22.58
CA ILE A 665 -24.27 -3.08 -22.95
C ILE A 665 -23.94 -3.12 -24.44
N GLN A 666 -22.81 -3.74 -24.77
CA GLN A 666 -22.37 -3.85 -26.16
C GLN A 666 -22.04 -5.31 -26.50
N ILE A 667 -22.62 -5.79 -27.60
CA ILE A 667 -22.46 -7.19 -28.01
C ILE A 667 -22.30 -7.29 -29.55
N ASN A 668 -21.34 -8.11 -30.00
CA ASN A 668 -21.11 -8.33 -31.42
C ASN A 668 -21.04 -9.81 -31.79
N ARG A 700 -23.40 -5.02 -34.85
CA ARG A 700 -22.90 -4.40 -33.64
C ARG A 700 -24.03 -3.88 -32.75
N LEU A 701 -24.32 -4.63 -31.68
CA LEU A 701 -25.49 -4.39 -30.82
C LEU A 701 -25.13 -3.55 -29.60
N SER A 702 -26.08 -2.72 -29.15
CA SER A 702 -25.95 -1.97 -27.89
C SER A 702 -27.30 -1.52 -27.32
N ALA A 703 -27.34 -1.35 -26.00
CA ALA A 703 -28.52 -0.83 -25.32
C ALA A 703 -28.11 0.02 -24.13
N GLY A 704 -28.82 1.12 -23.92
CA GLY A 704 -28.56 1.96 -22.74
C GLY A 704 -29.30 1.36 -21.56
N LEU A 705 -28.64 1.33 -20.40
CA LEU A 705 -29.26 0.76 -19.20
C LEU A 705 -29.89 1.78 -18.25
N GLN A 706 -29.50 3.05 -18.41
CA GLN A 706 -30.13 4.18 -17.70
C GLN A 706 -30.08 4.08 -16.14
N LYS A 707 -28.96 3.57 -15.63
CA LYS A 707 -28.69 3.44 -14.17
C LYS A 707 -29.51 2.38 -13.41
N ALA A 708 -30.25 1.55 -14.15
CA ALA A 708 -31.09 0.51 -13.54
C ALA A 708 -30.21 -0.42 -12.71
N PRO A 709 -30.63 -0.77 -11.48
CA PRO A 709 -29.79 -1.67 -10.69
C PRO A 709 -29.60 -2.99 -11.44
N VAL A 710 -28.37 -3.51 -11.42
CA VAL A 710 -28.06 -4.79 -12.09
C VAL A 710 -27.08 -5.61 -11.23
N LYS A 711 -27.39 -6.90 -11.07
CA LYS A 711 -26.47 -7.86 -10.46
C LYS A 711 -26.30 -9.04 -11.42
N PHE A 712 -27.44 -9.50 -11.93
CA PHE A 712 -27.46 -10.57 -12.93
C PHE A 712 -27.68 -10.00 -14.33
N VAL A 713 -26.98 -10.57 -15.30
CA VAL A 713 -27.27 -10.36 -16.72
C VAL A 713 -27.35 -11.73 -17.40
N ARG A 714 -28.39 -11.94 -18.21
CA ARG A 714 -28.58 -13.21 -18.92
C ARG A 714 -29.05 -13.00 -20.37
N PHE A 715 -28.27 -13.52 -21.32
CA PHE A 715 -28.68 -13.55 -22.72
C PHE A 715 -29.07 -14.98 -23.05
N GLN A 729 -17.57 -9.81 -29.40
CA GLN A 729 -17.43 -9.06 -28.15
C GLN A 729 -18.72 -9.00 -27.31
N PHE A 730 -18.55 -8.97 -25.99
CA PHE A 730 -19.66 -8.98 -25.01
C PHE A 730 -19.22 -8.18 -23.77
N VAL A 731 -19.77 -6.98 -23.60
CA VAL A 731 -19.31 -6.03 -22.58
C VAL A 731 -20.44 -5.30 -21.84
N LEU A 732 -20.42 -5.39 -20.51
CA LEU A 732 -21.30 -4.60 -19.64
C LEU A 732 -20.52 -3.44 -19.01
N THR A 733 -21.09 -2.24 -19.08
CA THR A 733 -20.54 -1.08 -18.38
C THR A 733 -21.46 -0.76 -17.19
N ILE A 734 -20.86 -0.41 -16.06
CA ILE A 734 -21.56 -0.12 -14.81
C ILE A 734 -20.95 1.13 -14.16
N GLU A 735 -21.71 1.76 -13.27
CA GLU A 735 -21.20 2.85 -12.44
C GLU A 735 -20.45 2.19 -11.28
N LYS A 736 -19.15 2.37 -11.27
CA LYS A 736 -18.33 1.75 -10.24
C LYS A 736 -17.41 2.73 -9.54
N ASN B 23 -22.32 -32.73 22.49
CA ASN B 23 -21.32 -32.02 21.65
C ASN B 23 -21.81 -30.61 21.26
N VAL B 24 -22.12 -29.83 22.29
CA VAL B 24 -22.79 -28.55 22.15
C VAL B 24 -21.90 -27.39 22.65
N SER B 25 -21.76 -26.31 21.86
CA SER B 25 -21.05 -25.12 22.37
C SER B 25 -22.01 -23.95 22.56
N LEU B 26 -22.09 -23.45 23.79
CA LEU B 26 -23.02 -22.37 24.12
C LEU B 26 -22.30 -21.24 24.82
N GLN B 27 -22.56 -20.04 24.35
CA GLN B 27 -21.94 -18.84 24.86
C GLN B 27 -23.02 -17.78 25.03
N PRO B 28 -23.19 -17.29 26.26
CA PRO B 28 -22.55 -17.79 27.47
C PRO B 28 -22.99 -19.23 27.79
N PRO B 29 -22.15 -19.97 28.53
CA PRO B 29 -22.60 -21.29 28.99
C PRO B 29 -23.74 -21.19 30.01
N PRO B 30 -24.82 -21.98 29.82
CA PRO B 30 -25.92 -21.95 30.81
C PRO B 30 -25.56 -22.42 32.23
N GLN B 31 -26.32 -21.93 33.20
CA GLN B 31 -26.15 -22.31 34.60
C GLN B 31 -26.26 -23.82 34.79
N GLN B 32 -27.22 -24.43 34.09
CA GLN B 32 -27.49 -25.85 34.21
C GLN B 32 -27.86 -26.37 32.82
N LEU B 33 -27.31 -27.51 32.47
CA LEU B 33 -27.53 -28.10 31.15
C LEU B 33 -27.49 -29.63 31.25
N ILE B 34 -28.52 -30.29 30.70
CA ILE B 34 -28.53 -31.75 30.61
C ILE B 34 -28.76 -32.17 29.16
N VAL B 35 -27.83 -32.96 28.63
CA VAL B 35 -27.89 -33.42 27.24
C VAL B 35 -28.13 -34.92 27.22
N GLN B 36 -28.64 -35.44 26.09
CA GLN B 36 -29.01 -36.86 26.02
C GLN B 36 -28.23 -37.73 25.03
N ASN B 37 -27.45 -37.11 24.14
CA ASN B 37 -26.83 -37.84 23.02
C ASN B 37 -27.91 -38.43 22.11
N LYS B 38 -28.99 -37.69 21.94
CA LYS B 38 -29.95 -37.91 20.88
C LYS B 38 -30.29 -36.58 20.28
N THR B 39 -30.53 -36.59 18.99
CA THR B 39 -30.85 -35.41 18.30
C THR B 39 -32.16 -35.59 17.62
N ILE B 40 -32.88 -34.48 17.48
CA ILE B 40 -34.17 -34.48 16.81
C ILE B 40 -34.21 -33.39 15.74
N ASP B 41 -34.89 -33.69 14.63
CA ASP B 41 -34.97 -32.75 13.51
C ASP B 41 -35.92 -31.59 13.83
N LEU B 42 -35.56 -30.41 13.35
CA LEU B 42 -36.38 -29.21 13.56
C LEU B 42 -37.55 -29.42 12.68
N PRO B 43 -38.73 -29.07 13.14
CA PRO B 43 -39.99 -29.51 12.55
C PRO B 43 -40.46 -28.88 11.27
N ALA B 44 -40.77 -29.67 10.25
CA ALA B 44 -41.43 -29.12 9.05
C ALA B 44 -42.84 -28.59 9.29
N VAL B 45 -43.65 -29.40 9.97
CA VAL B 45 -44.95 -29.00 10.48
C VAL B 45 -44.89 -28.93 12.01
N TYR B 46 -45.30 -27.79 12.56
CA TYR B 46 -45.21 -27.51 13.99
C TYR B 46 -46.42 -26.70 14.43
N GLN B 47 -46.90 -26.97 15.64
CA GLN B 47 -47.91 -26.11 16.25
C GLN B 47 -47.21 -25.15 17.19
N LEU B 48 -47.48 -23.85 17.06
CA LEU B 48 -46.92 -22.84 17.96
C LEU B 48 -47.96 -22.37 18.99
N ASN B 49 -47.59 -22.44 20.26
CA ASN B 49 -48.46 -22.14 21.38
C ASN B 49 -47.83 -21.01 22.19
N GLY B 50 -48.54 -19.88 22.31
CA GLY B 50 -48.04 -18.72 23.07
C GLY B 50 -47.45 -17.59 22.23
N GLY B 51 -47.59 -17.69 20.91
CA GLY B 51 -47.06 -16.72 19.96
C GLY B 51 -47.57 -15.30 20.13
N GLU B 52 -48.85 -15.16 20.47
CA GLU B 52 -49.48 -13.85 20.62
C GLU B 52 -49.21 -13.16 21.96
N GLU B 53 -48.73 -13.91 22.94
CA GLU B 53 -48.61 -13.38 24.29
C GLU B 53 -47.15 -13.31 24.78
N ALA B 54 -46.26 -14.10 24.16
CA ALA B 54 -44.82 -14.00 24.48
C ALA B 54 -44.16 -12.72 23.94
N ASN B 55 -43.08 -12.31 24.62
CA ASN B 55 -42.23 -11.21 24.18
C ASN B 55 -42.10 -11.24 22.65
N PRO B 56 -42.63 -10.21 21.94
CA PRO B 56 -42.55 -10.16 20.46
C PRO B 56 -41.12 -10.27 19.92
N HIS B 57 -40.15 -9.71 20.64
CA HIS B 57 -38.76 -9.83 20.22
C HIS B 57 -38.32 -11.28 20.14
N ALA B 58 -38.76 -12.10 21.09
CA ALA B 58 -38.47 -13.54 21.08
C ALA B 58 -39.25 -14.28 19.99
N VAL B 59 -40.52 -13.93 19.82
CA VAL B 59 -41.37 -14.56 18.79
C VAL B 59 -40.78 -14.31 17.39
N LYS B 60 -40.36 -13.08 17.13
CA LYS B 60 -39.73 -12.74 15.86
C LYS B 60 -38.49 -13.64 15.56
N VAL B 61 -37.61 -13.78 16.55
CA VAL B 61 -36.44 -14.67 16.44
C VAL B 61 -36.87 -16.11 16.13
N LEU B 62 -37.88 -16.60 16.85
CA LEU B 62 -38.42 -17.94 16.63
C LEU B 62 -39.02 -18.10 15.25
N LYS B 63 -39.82 -17.12 14.83
CA LYS B 63 -40.44 -17.14 13.49
C LYS B 63 -39.46 -17.00 12.33
N GLU B 64 -38.33 -16.33 12.56
CA GLU B 64 -37.25 -16.29 11.58
C GLU B 64 -36.51 -17.62 11.53
N LEU B 65 -36.34 -18.24 12.70
CA LEU B 65 -35.63 -19.53 12.80
C LEU B 65 -36.39 -20.65 12.10
N LEU B 66 -37.70 -20.44 11.95
CA LEU B 66 -38.55 -21.32 11.15
C LEU B 66 -38.81 -20.64 9.81
N GLY B 75 -48.92 -31.10 14.08
CA GLY B 75 -47.57 -30.54 14.19
C GLY B 75 -46.97 -30.65 15.57
N MET B 76 -45.64 -30.54 15.65
CA MET B 76 -44.92 -30.58 16.93
C MET B 76 -45.18 -29.34 17.77
N LEU B 77 -45.47 -29.55 19.05
CA LEU B 77 -45.75 -28.45 19.95
C LEU B 77 -44.48 -27.63 20.22
N ILE B 78 -44.59 -26.32 20.03
CA ILE B 78 -43.60 -25.36 20.52
C ILE B 78 -44.30 -24.36 21.42
N SER B 79 -43.88 -24.36 22.68
CA SER B 79 -44.50 -23.54 23.69
C SER B 79 -43.53 -22.42 24.05
N ILE B 80 -43.97 -21.19 23.81
CA ILE B 80 -43.16 -20.01 24.07
C ILE B 80 -43.98 -19.05 24.94
N GLY B 81 -43.34 -18.47 25.97
CA GLY B 81 -44.03 -17.54 26.86
C GLY B 81 -43.24 -17.15 28.09
N GLU B 82 -43.80 -16.22 28.85
CA GLU B 82 -43.22 -15.81 30.14
C GLU B 82 -44.00 -16.51 31.25
N LYS B 83 -43.35 -16.76 32.39
CA LYS B 83 -44.03 -17.20 33.60
C LYS B 83 -45.34 -16.42 33.80
N GLY B 84 -46.45 -17.13 33.95
CA GLY B 84 -47.77 -16.49 34.04
C GLY B 84 -48.63 -16.67 32.80
N ASP B 85 -48.01 -16.86 31.64
CA ASP B 85 -48.73 -17.15 30.40
C ASP B 85 -49.28 -18.57 30.44
N LYS B 86 -50.42 -18.76 29.78
CA LYS B 86 -51.12 -20.05 29.73
C LYS B 86 -50.28 -21.10 29.01
N SER B 87 -49.52 -20.63 28.01
CA SER B 87 -48.69 -21.49 27.18
C SER B 87 -47.62 -22.27 27.97
N VAL B 88 -47.05 -21.64 29.01
CA VAL B 88 -45.95 -22.24 29.77
C VAL B 88 -46.36 -22.71 31.19
N ARG B 89 -47.65 -22.92 31.39
CA ARG B 89 -48.22 -23.36 32.66
C ARG B 89 -47.63 -24.66 33.22
N LYS B 90 -47.43 -25.66 32.35
CA LYS B 90 -46.87 -26.96 32.72
C LYS B 90 -45.42 -26.87 33.26
N TYR B 91 -44.72 -25.80 32.90
CA TYR B 91 -43.29 -25.68 33.20
C TYR B 91 -42.98 -24.60 34.23
N SER B 92 -44.01 -24.08 34.90
CA SER B 92 -43.87 -22.94 35.80
C SER B 92 -42.83 -23.16 36.90
N ARG B 93 -42.73 -24.40 37.38
CA ARG B 93 -41.78 -24.76 38.42
C ARG B 93 -40.37 -24.98 37.87
N GLN B 94 -40.25 -25.17 36.55
CA GLN B 94 -38.96 -25.38 35.90
C GLN B 94 -38.26 -24.07 35.56
N ILE B 95 -39.03 -22.97 35.53
CA ILE B 95 -38.51 -21.65 35.16
C ILE B 95 -37.75 -21.05 36.36
N PRO B 96 -36.43 -20.77 36.22
CA PRO B 96 -35.68 -20.21 37.36
C PRO B 96 -36.28 -18.91 37.89
N ASP B 97 -36.25 -18.72 39.20
CA ASP B 97 -36.82 -17.52 39.81
C ASP B 97 -35.75 -16.42 39.88
N HIS B 98 -35.26 -16.03 38.70
CA HIS B 98 -34.23 -14.99 38.56
C HIS B 98 -34.64 -14.06 37.41
N LYS B 99 -34.42 -12.76 37.60
CA LYS B 99 -34.55 -11.79 36.50
C LYS B 99 -33.76 -12.34 35.29
N GLU B 100 -34.38 -12.32 34.11
CA GLU B 100 -33.72 -12.73 32.86
C GLU B 100 -33.49 -14.24 32.75
N GLY B 101 -33.99 -15.00 33.71
CA GLY B 101 -33.88 -16.45 33.70
C GLY B 101 -34.81 -17.08 32.67
N TYR B 102 -34.54 -18.34 32.32
CA TYR B 102 -35.43 -19.09 31.42
C TYR B 102 -35.27 -20.60 31.59
N TYR B 103 -36.29 -21.34 31.18
CA TYR B 103 -36.23 -22.78 31.03
C TYR B 103 -36.33 -23.07 29.55
N LEU B 104 -35.46 -23.95 29.06
CA LEU B 104 -35.47 -24.36 27.67
C LEU B 104 -35.42 -25.88 27.58
N SER B 105 -36.29 -26.47 26.78
CA SER B 105 -36.36 -27.92 26.66
C SER B 105 -36.59 -28.34 25.23
N VAL B 106 -35.90 -29.43 24.82
CA VAL B 106 -36.08 -30.03 23.50
C VAL B 106 -36.12 -31.56 23.65
N ASN B 107 -37.23 -32.16 23.27
CA ASN B 107 -37.31 -33.60 23.06
C ASN B 107 -38.16 -33.89 21.83
N GLU B 108 -38.34 -35.17 21.50
CA GLU B 108 -39.05 -35.53 20.27
C GLU B 108 -40.51 -35.08 20.28
N LYS B 109 -41.07 -34.92 21.48
CA LYS B 109 -42.46 -34.52 21.64
C LYS B 109 -42.64 -33.03 21.47
N GLU B 110 -41.84 -32.23 22.17
CA GLU B 110 -42.01 -30.79 22.14
C GLU B 110 -40.79 -29.92 22.45
N ILE B 111 -40.91 -28.63 22.14
CA ILE B 111 -39.88 -27.64 22.41
C ILE B 111 -40.46 -26.57 23.33
N VAL B 112 -39.71 -26.20 24.37
CA VAL B 112 -40.19 -25.26 25.37
C VAL B 112 -39.19 -24.10 25.50
N LEU B 113 -39.70 -22.88 25.47
CA LEU B 113 -38.88 -21.68 25.56
C LEU B 113 -39.65 -20.72 26.45
N ALA B 114 -39.32 -20.74 27.74
CA ALA B 114 -40.15 -20.12 28.76
C ALA B 114 -39.30 -19.25 29.65
N GLY B 115 -39.47 -17.94 29.54
CA GLY B 115 -38.69 -17.00 30.34
C GLY B 115 -39.38 -16.65 31.66
N ASN B 116 -38.58 -16.39 32.70
CA ASN B 116 -39.11 -15.83 33.94
C ASN B 116 -39.76 -14.47 33.69
N ASP B 117 -39.27 -13.79 32.66
CA ASP B 117 -39.75 -12.45 32.25
C ASP B 117 -39.46 -12.31 30.76
N GLU B 118 -39.86 -11.18 30.18
CA GLU B 118 -39.76 -10.99 28.72
C GLU B 118 -38.33 -11.15 28.20
N ARG B 119 -37.37 -10.55 28.90
CA ARG B 119 -35.96 -10.69 28.52
C ARG B 119 -35.54 -12.16 28.56
N GLY B 120 -35.97 -12.85 29.63
CA GLY B 120 -35.70 -14.27 29.75
C GLY B 120 -36.11 -15.08 28.54
N THR B 121 -37.31 -14.81 28.01
CA THR B 121 -37.81 -15.51 26.85
C THR B 121 -36.91 -15.28 25.65
N TYR B 122 -36.49 -14.04 25.47
CA TYR B 122 -35.54 -13.66 24.43
C TYR B 122 -34.19 -14.40 24.59
N TYR B 123 -33.72 -14.49 25.82
CA TYR B 123 -32.47 -15.20 26.07
C TYR B 123 -32.60 -16.72 25.78
N ALA B 124 -33.74 -17.27 26.14
CA ALA B 124 -34.06 -18.63 25.74
C ALA B 124 -33.88 -18.79 24.23
N LEU B 125 -34.33 -17.80 23.46
CA LEU B 125 -34.25 -17.92 21.99
C LEU B 125 -32.82 -17.78 21.48
N GLN B 126 -32.02 -16.97 22.16
CA GLN B 126 -30.63 -16.80 21.75
C GLN B 126 -29.85 -18.10 21.98
N THR B 127 -30.21 -18.83 23.03
CA THR B 127 -29.63 -20.13 23.28
C THR B 127 -30.14 -21.14 22.28
N PHE B 128 -31.45 -21.16 22.08
CA PHE B 128 -32.05 -22.03 21.08
C PHE B 128 -31.35 -21.88 19.73
N ALA B 129 -31.08 -20.65 19.32
CA ALA B 129 -30.43 -20.38 18.02
C ALA B 129 -29.07 -21.08 17.82
N GLN B 130 -28.29 -21.17 18.90
CA GLN B 130 -26.99 -21.84 18.87
C GLN B 130 -27.05 -23.38 18.89
N LEU B 131 -28.11 -23.92 19.48
CA LEU B 131 -28.36 -25.38 19.48
C LEU B 131 -28.69 -25.87 18.08
N LEU B 132 -29.40 -25.03 17.33
CA LEU B 132 -29.83 -25.37 15.98
C LEU B 132 -28.62 -25.50 15.05
N LYS B 133 -28.45 -26.67 14.44
CA LYS B 133 -27.34 -26.90 13.52
C LYS B 133 -27.75 -27.81 12.36
N ASP B 134 -27.83 -27.21 11.17
CA ASP B 134 -28.20 -27.90 9.92
C ASP B 134 -29.59 -28.53 9.98
N GLY B 135 -30.56 -27.79 10.52
CA GLY B 135 -31.93 -28.25 10.65
C GLY B 135 -32.13 -29.26 11.77
N LYS B 136 -31.12 -29.42 12.62
CA LYS B 136 -31.15 -30.42 13.68
C LYS B 136 -30.95 -29.84 15.08
N LEU B 137 -31.62 -30.45 16.05
CA LEU B 137 -31.58 -30.00 17.42
C LEU B 137 -31.16 -31.14 18.32
N PRO B 138 -30.31 -30.85 19.31
CA PRO B 138 -30.02 -31.87 20.30
C PRO B 138 -31.16 -31.93 21.34
N GLU B 139 -31.41 -33.13 21.89
CA GLU B 139 -32.33 -33.30 23.00
C GLU B 139 -31.69 -32.79 24.30
N VAL B 140 -32.20 -31.66 24.80
CA VAL B 140 -31.59 -30.93 25.92
C VAL B 140 -32.58 -30.34 26.93
N GLU B 141 -32.10 -30.13 28.15
CA GLU B 141 -32.84 -29.36 29.15
C GLU B 141 -31.90 -28.38 29.84
N ILE B 142 -32.29 -27.10 29.80
CA ILE B 142 -31.49 -26.00 30.27
C ILE B 142 -32.29 -25.12 31.24
N LYS B 143 -31.72 -24.86 32.40
CA LYS B 143 -32.22 -23.83 33.32
C LYS B 143 -31.10 -22.79 33.43
N ASP B 144 -31.44 -21.52 33.16
CA ASP B 144 -30.40 -20.51 32.97
C ASP B 144 -30.82 -19.13 33.47
N TYR B 145 -29.82 -18.31 33.77
CA TYR B 145 -30.03 -16.96 34.30
C TYR B 145 -28.63 -16.35 34.40
N PRO B 146 -28.53 -15.01 34.41
CA PRO B 146 -27.21 -14.41 34.60
C PRO B 146 -26.79 -14.31 36.07
N SER B 147 -25.50 -14.43 36.34
CA SER B 147 -25.00 -14.24 37.69
C SER B 147 -24.82 -12.75 38.07
N VAL B 148 -24.71 -11.89 37.06
CA VAL B 148 -24.53 -10.45 37.26
C VAL B 148 -25.71 -9.71 36.58
N ARG B 149 -26.34 -8.77 37.28
CA ARG B 149 -27.60 -8.19 36.84
C ARG B 149 -27.44 -7.37 35.54
N TYR B 150 -26.45 -6.48 35.51
CA TYR B 150 -26.13 -5.64 34.32
C TYR B 150 -24.81 -6.04 33.66
N ARG B 151 -24.86 -6.25 32.34
CA ARG B 151 -23.74 -6.78 31.55
C ARG B 151 -23.71 -6.14 30.20
N GLY B 152 -22.55 -5.61 29.81
CA GLY B 152 -22.41 -5.00 28.52
C GLY B 152 -21.17 -4.17 28.28
N VAL B 153 -21.38 -3.07 27.54
CA VAL B 153 -20.30 -2.24 27.04
C VAL B 153 -20.49 -0.77 27.44
N VAL B 154 -19.42 -0.10 27.92
CA VAL B 154 -19.47 1.34 27.94
C VAL B 154 -18.59 1.80 26.77
N GLU B 155 -19.17 2.48 25.78
CA GLU B 155 -18.32 3.19 24.79
C GLU B 155 -17.93 4.47 25.49
N GLY B 156 -16.80 4.45 26.20
CA GLY B 156 -16.47 5.51 27.16
C GLY B 156 -15.04 5.98 27.01
N PHE B 157 -14.43 5.66 25.88
CA PHE B 157 -13.01 5.93 25.62
C PHE B 157 -12.82 7.28 24.93
N TYR B 158 -11.56 7.71 24.85
CA TYR B 158 -11.12 8.86 24.03
C TYR B 158 -10.66 8.40 22.66
N GLY B 159 -10.90 9.25 21.65
CA GLY B 159 -10.60 8.91 20.25
C GLY B 159 -11.86 8.93 19.41
N THR B 160 -11.73 8.50 18.16
CA THR B 160 -12.84 8.50 17.20
C THR B 160 -13.97 7.61 17.72
N PRO B 161 -15.12 8.25 18.07
CA PRO B 161 -16.32 7.49 18.48
C PRO B 161 -16.70 6.45 17.43
N TRP B 162 -17.29 5.36 17.87
CA TRP B 162 -17.79 4.35 16.91
C TRP B 162 -18.71 4.97 15.88
N SER B 163 -18.58 4.55 14.63
CA SER B 163 -19.52 4.97 13.59
C SER B 163 -20.94 4.47 13.92
N HIS B 164 -21.91 5.11 13.28
CA HIS B 164 -23.32 4.73 13.44
C HIS B 164 -23.53 3.27 12.99
N GLN B 165 -22.99 2.89 11.84
CA GLN B 165 -23.06 1.50 11.42
C GLN B 165 -22.37 0.53 12.37
N ALA B 166 -21.24 0.94 12.94
CA ALA B 166 -20.59 0.09 13.92
C ALA B 166 -21.49 -0.12 15.15
N ARG B 167 -22.12 0.96 15.63
CA ARG B 167 -23.06 0.86 16.78
C ARG B 167 -24.27 -0.03 16.47
N LEU B 168 -24.79 0.04 15.25
CA LEU B 168 -25.91 -0.79 14.90
C LEU B 168 -25.51 -2.27 15.00
N SER B 169 -24.30 -2.57 14.53
CA SER B 169 -23.77 -3.92 14.57
C SER B 169 -23.57 -4.43 15.96
N GLN B 170 -22.98 -3.59 16.81
CA GLN B 170 -22.80 -3.90 18.20
C GLN B 170 -24.07 -4.29 18.95
N LEU B 171 -25.13 -3.48 18.82
CA LEU B 171 -26.34 -3.71 19.58
C LEU B 171 -26.92 -5.09 19.23
N LYS B 172 -26.79 -5.48 17.98
CA LYS B 172 -27.28 -6.77 17.53
C LYS B 172 -26.45 -7.92 18.13
N PHE B 173 -25.14 -7.65 18.25
CA PHE B 173 -24.17 -8.57 18.82
C PHE B 173 -24.46 -8.73 20.31
N TYR B 174 -24.77 -7.62 21.00
CA TYR B 174 -25.11 -7.70 22.43
C TYR B 174 -26.33 -8.61 22.67
N GLY B 175 -27.36 -8.46 21.84
CA GLY B 175 -28.54 -9.26 21.95
C GLY B 175 -28.23 -10.74 21.85
N LYS B 176 -27.42 -11.13 20.87
CA LYS B 176 -27.08 -12.56 20.68
C LYS B 176 -26.29 -13.15 21.84
N ASN B 177 -25.58 -12.29 22.56
CA ASN B 177 -24.71 -12.70 23.67
C ASN B 177 -25.21 -12.36 25.09
N LYS B 178 -26.47 -11.93 25.16
CA LYS B 178 -27.19 -11.68 26.40
C LYS B 178 -26.59 -10.53 27.19
N MET B 179 -26.00 -9.55 26.49
CA MET B 179 -25.59 -8.32 27.14
C MET B 179 -26.80 -7.38 27.11
N ASN B 180 -27.12 -6.76 28.24
CA ASN B 180 -28.38 -5.99 28.37
C ASN B 180 -28.11 -4.49 28.59
N THR B 181 -26.83 -4.12 28.45
CA THR B 181 -26.44 -2.77 28.73
C THR B 181 -25.50 -2.24 27.66
N TYR B 182 -25.83 -1.07 27.14
CA TYR B 182 -24.96 -0.31 26.28
C TYR B 182 -24.96 1.08 26.82
N ILE B 183 -23.82 1.45 27.40
CA ILE B 183 -23.67 2.81 27.88
C ILE B 183 -22.98 3.68 26.85
N TYR B 184 -23.70 4.68 26.37
CA TYR B 184 -23.18 5.59 25.36
C TYR B 184 -22.44 6.75 26.07
N GLY B 185 -21.13 6.83 25.89
CA GLY B 185 -20.37 7.95 26.47
C GLY B 185 -19.02 8.26 25.81
N PRO B 186 -18.97 8.40 24.46
CA PRO B 186 -17.66 8.68 23.84
C PRO B 186 -17.10 10.02 24.31
N LYS B 187 -15.90 10.01 24.87
CA LYS B 187 -15.35 11.22 25.46
C LYS B 187 -15.25 12.42 24.48
N ASP B 188 -15.14 12.10 23.19
CA ASP B 188 -14.95 13.15 22.16
C ASP B 188 -16.25 13.44 21.36
N ASP B 189 -17.39 13.04 21.93
CA ASP B 189 -18.68 13.54 21.47
C ASP B 189 -18.94 14.86 22.19
N PRO B 190 -19.00 15.98 21.44
CA PRO B 190 -19.11 17.27 22.15
C PRO B 190 -20.46 17.48 22.83
N TYR B 191 -21.49 16.73 22.42
CA TYR B 191 -22.82 16.81 23.05
C TYR B 191 -22.90 15.92 24.29
N HIS B 192 -21.82 15.16 24.55
CA HIS B 192 -21.72 14.28 25.72
C HIS B 192 -20.92 14.95 26.84
N SER B 193 -19.81 15.59 26.46
CA SER B 193 -18.87 16.20 27.41
C SER B 193 -18.86 17.74 27.28
N ALA B 194 -17.90 18.42 27.91
CA ALA B 194 -17.98 19.88 27.99
C ALA B 194 -17.44 20.56 26.73
N PRO B 195 -17.98 21.76 26.37
CA PRO B 195 -19.08 22.48 27.00
C PRO B 195 -20.45 22.13 26.44
N ASN B 196 -20.49 21.36 25.36
CA ASN B 196 -21.75 21.24 24.62
C ASN B 196 -22.72 20.18 25.12
N TRP B 197 -22.40 19.60 26.28
CA TRP B 197 -23.35 18.68 26.96
C TRP B 197 -24.68 19.37 27.21
N ARG B 198 -24.61 20.68 27.36
CA ARG B 198 -25.77 21.54 27.58
C ARG B 198 -26.66 21.68 26.34
N LEU B 199 -26.15 21.31 25.18
CA LEU B 199 -26.83 21.57 23.92
C LEU B 199 -27.48 20.26 23.45
N PRO B 200 -28.73 20.32 22.99
CA PRO B 200 -29.35 19.11 22.43
C PRO B 200 -28.68 18.70 21.12
N TYR B 201 -28.64 17.41 20.81
CA TYR B 201 -28.07 16.94 19.57
C TYR B 201 -28.71 17.64 18.37
N PRO B 202 -27.90 17.96 17.35
CA PRO B 202 -28.47 18.42 16.11
C PRO B 202 -29.37 17.33 15.48
N ASP B 203 -30.19 17.72 14.51
CA ASP B 203 -31.19 16.82 13.95
C ASP B 203 -30.63 15.48 13.45
N LYS B 204 -29.55 15.54 12.69
CA LYS B 204 -28.95 14.35 12.09
C LYS B 204 -28.56 13.31 13.16
N GLU B 205 -27.79 13.76 14.15
CA GLU B 205 -27.35 12.92 15.24
C GLU B 205 -28.52 12.41 16.08
N ALA B 206 -29.54 13.24 16.27
CA ALA B 206 -30.70 12.86 17.08
C ALA B 206 -31.48 11.74 16.44
N ALA B 207 -31.67 11.80 15.14
CA ALA B 207 -32.34 10.74 14.38
C ALA B 207 -31.52 9.45 14.43
N GLN B 208 -30.19 9.59 14.42
CA GLN B 208 -29.34 8.42 14.58
C GLN B 208 -29.49 7.79 15.96
N LEU B 209 -29.39 8.60 17.02
CA LEU B 209 -29.61 8.08 18.37
C LEU B 209 -30.98 7.43 18.55
N GLN B 210 -32.02 8.05 17.98
CA GLN B 210 -33.34 7.50 17.96
C GLN B 210 -33.34 6.08 17.37
N GLU B 211 -32.74 5.91 16.18
CA GLU B 211 -32.56 4.59 15.60
C GLU B 211 -31.71 3.66 16.51
N LEU B 212 -30.62 4.16 17.09
CA LEU B 212 -29.87 3.30 18.00
C LEU B 212 -30.76 2.75 19.14
N VAL B 213 -31.67 3.58 19.64
CA VAL B 213 -32.54 3.18 20.74
C VAL B 213 -33.58 2.16 20.28
N ALA B 214 -34.13 2.37 19.09
CA ALA B 214 -35.10 1.40 18.58
C ALA B 214 -34.44 0.04 18.45
N VAL B 215 -33.29 -0.02 17.78
CA VAL B 215 -32.52 -1.26 17.59
C VAL B 215 -32.10 -1.89 18.95
N ALA B 216 -31.64 -1.08 19.88
CA ALA B 216 -31.38 -1.55 21.24
C ALA B 216 -32.61 -2.21 21.87
N ASN B 217 -33.76 -1.54 21.79
CA ASN B 217 -34.96 -2.04 22.42
C ASN B 217 -35.30 -3.42 21.82
N GLU B 218 -35.11 -3.56 20.50
CA GLU B 218 -35.46 -4.79 19.75
C GLU B 218 -34.58 -6.02 20.11
N ASN B 219 -33.36 -5.71 20.53
CA ASN B 219 -32.34 -6.67 20.98
C ASN B 219 -32.24 -6.79 22.51
N GLU B 220 -33.18 -6.18 23.22
CA GLU B 220 -33.26 -6.23 24.70
C GLU B 220 -32.07 -5.60 25.40
N VAL B 221 -31.48 -4.58 24.77
CA VAL B 221 -30.37 -3.86 25.39
C VAL B 221 -30.94 -2.55 25.92
N ASP B 222 -30.63 -2.21 27.16
CA ASP B 222 -30.86 -0.87 27.71
C ASP B 222 -29.86 0.06 27.07
N PHE B 223 -30.34 1.00 26.25
CA PHE B 223 -29.48 2.09 25.81
C PHE B 223 -29.37 3.08 26.98
N VAL B 224 -28.18 3.24 27.52
CA VAL B 224 -27.97 4.13 28.64
C VAL B 224 -27.25 5.38 28.12
N TRP B 225 -27.93 6.52 28.07
CA TRP B 225 -27.22 7.71 27.60
C TRP B 225 -26.49 8.37 28.76
N ALA B 226 -25.18 8.50 28.64
CA ALA B 226 -24.43 9.13 29.70
C ALA B 226 -24.13 10.58 29.30
N ILE B 227 -23.86 11.41 30.30
CA ILE B 227 -23.45 12.80 30.11
C ILE B 227 -22.21 13.01 30.98
N HIS B 228 -21.33 13.92 30.57
CA HIS B 228 -20.01 14.14 31.20
C HIS B 228 -19.82 15.64 31.48
N PRO B 229 -20.52 16.15 32.52
CA PRO B 229 -20.64 17.59 32.62
C PRO B 229 -19.62 18.24 33.57
N GLY B 230 -18.86 17.42 34.30
CA GLY B 230 -18.16 17.96 35.49
C GLY B 230 -17.01 18.92 35.34
N GLN B 231 -16.37 18.94 34.16
CA GLN B 231 -15.22 19.87 33.98
C GLN B 231 -15.64 21.33 34.07
N ASP B 232 -16.83 21.65 33.60
CA ASP B 232 -17.28 23.05 33.68
C ASP B 232 -18.66 23.28 34.32
N ILE B 233 -19.23 22.27 34.97
CA ILE B 233 -20.53 22.42 35.58
C ILE B 233 -20.46 23.51 36.65
N LYS B 234 -21.49 24.36 36.74
CA LYS B 234 -21.60 25.25 37.89
C LYS B 234 -22.67 24.62 38.79
N TRP B 235 -22.48 24.72 40.10
CA TRP B 235 -23.43 24.16 41.05
C TRP B 235 -24.47 25.25 41.31
N ASN B 236 -25.22 25.60 40.26
CA ASN B 236 -26.33 26.55 40.34
C ASN B 236 -27.56 25.97 39.63
N LYS B 237 -28.68 26.69 39.70
CA LYS B 237 -29.94 26.29 39.08
C LYS B 237 -29.83 26.25 37.56
N GLU B 238 -29.12 27.21 36.97
CA GLU B 238 -29.03 27.25 35.51
C GLU B 238 -28.51 25.94 34.88
N ASP B 239 -27.37 25.44 35.40
CA ASP B 239 -26.74 24.21 34.88
C ASP B 239 -27.51 22.93 35.24
N ARG B 240 -28.10 22.90 36.45
N ARG B 240 -28.09 22.90 36.45
CA ARG B 240 -28.92 21.76 36.86
CA ARG B 240 -28.93 21.77 36.85
C ARG B 240 -30.10 21.58 35.87
C ARG B 240 -30.08 21.59 35.86
N ASP B 241 -30.81 22.68 35.60
CA ASP B 241 -31.92 22.68 34.62
C ASP B 241 -31.50 22.32 33.19
N LEU B 242 -30.34 22.83 32.75
CA LEU B 242 -29.83 22.48 31.42
C LEU B 242 -29.54 20.98 31.35
N LEU B 243 -28.93 20.44 32.41
CA LEU B 243 -28.74 18.99 32.50
C LEU B 243 -30.05 18.23 32.43
N LEU B 244 -30.99 18.57 33.31
CA LEU B 244 -32.32 17.93 33.27
C LEU B 244 -33.00 18.12 31.93
N ALA B 245 -32.92 19.32 31.35
CA ALA B 245 -33.48 19.56 30.02
C ALA B 245 -32.84 18.70 28.91
N LYS B 246 -31.52 18.49 28.97
CA LYS B 246 -30.84 17.55 28.08
C LYS B 246 -31.34 16.10 28.27
N PHE B 247 -31.48 15.68 29.52
CA PHE B 247 -32.01 14.34 29.78
C PHE B 247 -33.43 14.25 29.22
N GLU B 248 -34.22 15.31 29.40
CA GLU B 248 -35.57 15.31 28.81
C GLU B 248 -35.55 15.13 27.29
N LYS B 249 -34.67 15.85 26.59
N LYS B 249 -34.68 15.86 26.60
CA LYS B 249 -34.56 15.69 25.12
CA LYS B 249 -34.52 15.71 25.14
C LYS B 249 -34.18 14.26 24.74
C LYS B 249 -34.18 14.25 24.76
N MET B 250 -33.25 13.65 25.48
CA MET B 250 -32.87 12.24 25.27
C MET B 250 -34.04 11.31 25.54
N TYR B 251 -34.80 11.59 26.60
CA TYR B 251 -36.05 10.84 26.83
C TYR B 251 -37.01 10.87 25.59
N GLN B 252 -37.15 12.05 24.96
CA GLN B 252 -38.01 12.20 23.74
C GLN B 252 -37.50 11.37 22.54
N LEU B 253 -36.19 11.18 22.48
CA LEU B 253 -35.56 10.26 21.50
C LEU B 253 -35.74 8.74 21.78
N GLY B 254 -36.31 8.42 22.95
CA GLY B 254 -36.60 7.04 23.31
C GLY B 254 -35.71 6.52 24.43
N VAL B 255 -34.77 7.32 24.90
CA VAL B 255 -33.83 6.86 25.91
C VAL B 255 -34.57 6.65 27.21
N ARG B 256 -34.24 5.56 27.91
CA ARG B 256 -34.93 5.23 29.16
C ARG B 256 -33.98 4.84 30.31
N SER B 257 -32.68 4.93 30.08
CA SER B 257 -31.67 4.73 31.14
C SER B 257 -30.61 5.82 30.99
N PHE B 258 -30.02 6.25 32.10
CA PHE B 258 -29.24 7.49 32.12
C PHE B 258 -28.04 7.39 33.05
N ALA B 259 -26.97 8.11 32.72
CA ALA B 259 -25.78 8.13 33.57
C ALA B 259 -25.15 9.51 33.58
N VAL B 260 -24.49 9.81 34.69
CA VAL B 260 -23.75 11.04 34.84
C VAL B 260 -22.34 10.64 35.20
N PHE B 261 -21.37 11.02 34.37
CA PHE B 261 -19.98 10.60 34.60
C PHE B 261 -19.15 11.76 35.09
N PHE B 262 -18.38 11.53 36.18
CA PHE B 262 -17.48 12.55 36.72
C PHE B 262 -16.00 12.10 36.71
N ASP B 263 -15.63 11.26 35.74
CA ASP B 263 -14.22 10.75 35.62
C ASP B 263 -13.30 11.74 34.88
N ASN B 264 -12.06 11.89 35.37
CA ASN B 264 -11.01 12.62 34.63
C ASN B 264 -11.36 14.09 34.48
N ILE B 265 -11.74 14.71 35.60
CA ILE B 265 -12.03 16.14 35.69
C ILE B 265 -11.30 16.73 36.91
N SER B 266 -11.23 18.07 36.97
CA SER B 266 -10.67 18.82 38.09
C SER B 266 -11.60 19.97 38.43
N GLY B 267 -11.36 20.59 39.58
CA GLY B 267 -12.10 21.75 40.03
C GLY B 267 -13.35 21.37 40.79
N GLU B 268 -14.32 22.28 40.78
CA GLU B 268 -15.49 22.21 41.63
C GLU B 268 -16.41 21.05 41.31
N GLY B 269 -16.37 20.60 40.07
CA GLY B 269 -17.18 19.46 39.66
C GLY B 269 -16.84 18.13 40.36
N THR B 270 -15.75 18.14 41.12
CA THR B 270 -15.31 16.92 41.83
C THR B 270 -15.88 16.89 43.24
N ASN B 271 -16.73 17.87 43.58
CA ASN B 271 -17.36 17.95 44.89
C ASN B 271 -18.39 16.81 45.08
N PRO B 272 -18.10 15.88 46.01
CA PRO B 272 -18.95 14.70 46.21
C PRO B 272 -20.34 15.01 46.79
N GLN B 273 -20.46 16.01 47.69
CA GLN B 273 -21.78 16.39 48.21
C GLN B 273 -22.66 16.87 47.05
N LYS B 274 -22.08 17.68 46.18
CA LYS B 274 -22.81 18.29 45.06
C LYS B 274 -23.18 17.27 43.99
N GLN B 275 -22.25 16.37 43.69
CA GLN B 275 -22.53 15.23 42.79
C GLN B 275 -23.69 14.39 43.33
N ALA B 276 -23.62 14.02 44.61
CA ALA B 276 -24.69 13.26 45.26
C ALA B 276 -26.03 14.01 45.18
N GLU B 277 -26.02 15.29 45.55
CA GLU B 277 -27.23 16.11 45.47
C GLU B 277 -27.80 16.14 44.04
N LEU B 278 -26.92 16.30 43.04
CA LEU B 278 -27.37 16.38 41.66
C LEU B 278 -27.98 15.05 41.25
N LEU B 279 -27.30 13.93 41.52
CA LEU B 279 -27.83 12.62 41.15
C LEU B 279 -29.15 12.29 41.83
N ASN B 280 -29.26 12.67 43.11
CA ASN B 280 -30.51 12.49 43.83
C ASN B 280 -31.64 13.32 43.29
N TYR B 281 -31.33 14.56 42.88
CA TYR B 281 -32.32 15.41 42.21
C TYR B 281 -32.79 14.73 40.92
N ILE B 282 -31.85 14.22 40.12
CA ILE B 282 -32.21 13.50 38.88
C ILE B 282 -33.09 12.30 39.20
N ASP B 283 -32.70 11.55 40.23
CA ASP B 283 -33.48 10.41 40.69
C ASP B 283 -34.91 10.83 41.08
N GLU B 284 -35.02 11.81 41.96
CA GLU B 284 -36.29 12.19 42.56
C GLU B 284 -37.21 12.95 41.60
N LYS B 285 -36.65 13.86 40.79
CA LYS B 285 -37.48 14.68 39.88
C LYS B 285 -37.62 14.14 38.45
N PHE B 286 -36.90 13.08 38.12
CA PHE B 286 -36.86 12.58 36.75
C PHE B 286 -36.98 11.05 36.75
N ALA B 287 -36.00 10.34 37.27
CA ALA B 287 -36.07 8.86 37.18
C ALA B 287 -37.28 8.25 37.91
N GLN B 288 -37.65 8.79 39.07
CA GLN B 288 -38.74 8.26 39.89
C GLN B 288 -40.05 8.93 39.50
N VAL B 289 -40.00 9.84 38.52
CA VAL B 289 -41.21 10.56 38.08
C VAL B 289 -41.75 10.10 36.71
N LYS B 290 -40.86 9.68 35.81
CA LYS B 290 -41.27 9.11 34.52
C LYS B 290 -41.94 7.75 34.70
N PRO B 291 -42.79 7.32 33.73
CA PRO B 291 -43.43 6.01 33.88
C PRO B 291 -42.49 4.80 33.80
N ASP B 292 -41.36 4.91 33.11
CA ASP B 292 -40.59 3.72 32.79
C ASP B 292 -39.10 3.92 32.58
N ILE B 293 -38.48 4.69 33.47
CA ILE B 293 -37.02 4.75 33.50
C ILE B 293 -36.43 3.50 34.20
N ASN B 294 -35.31 3.01 33.66
CA ASN B 294 -34.66 1.79 34.16
C ASN B 294 -33.39 1.96 35.01
N GLN B 295 -32.24 2.22 34.37
CA GLN B 295 -30.98 2.34 35.09
C GLN B 295 -30.67 3.82 35.34
N LEU B 296 -30.21 4.14 36.54
CA LEU B 296 -29.58 5.42 36.75
C LEU B 296 -28.19 5.15 37.36
N VAL B 297 -27.14 5.61 36.69
CA VAL B 297 -25.76 5.20 36.96
C VAL B 297 -24.87 6.43 37.05
N MET B 298 -23.95 6.42 37.99
CA MET B 298 -22.94 7.46 38.03
C MET B 298 -21.51 6.85 38.06
N CYS B 299 -20.55 7.56 37.46
CA CYS B 299 -19.15 7.17 37.55
C CYS B 299 -18.45 8.21 38.40
N PRO B 300 -17.82 7.81 39.51
CA PRO B 300 -17.23 8.79 40.42
C PRO B 300 -15.92 9.41 39.91
N THR B 301 -15.50 10.51 40.51
CA THR B 301 -14.18 11.05 40.25
C THR B 301 -13.08 10.14 40.84
N GLU B 302 -13.26 9.68 42.07
CA GLU B 302 -12.45 8.59 42.62
C GLU B 302 -13.02 7.24 42.10
N TYR B 303 -12.56 6.81 40.94
CA TYR B 303 -13.19 5.64 40.30
C TYR B 303 -12.33 4.35 40.34
N ASN B 304 -11.19 4.43 41.05
CA ASN B 304 -10.31 3.28 41.28
C ASN B 304 -9.51 3.56 42.52
N LYS B 305 -9.04 2.51 43.19
CA LYS B 305 -8.34 2.70 44.47
C LYS B 305 -7.17 3.69 44.42
N SER B 306 -6.32 3.61 43.39
CA SER B 306 -5.11 4.50 43.30
C SER B 306 -5.49 6.00 43.21
N TRP B 307 -6.69 6.25 42.71
CA TRP B 307 -7.21 7.59 42.47
C TRP B 307 -8.13 8.07 43.63
N SER B 308 -8.26 7.23 44.65
CA SER B 308 -9.03 7.52 45.86
C SER B 308 -8.16 7.98 47.01
N ASN B 309 -8.72 8.83 47.86
CA ASN B 309 -8.05 9.20 49.07
C ASN B 309 -8.66 8.44 50.26
N PRO B 310 -7.96 7.40 50.76
CA PRO B 310 -8.44 6.58 51.89
C PRO B 310 -8.72 7.43 53.12
N ASN B 311 -8.07 8.58 53.19
CA ASN B 311 -8.16 9.49 54.34
C ASN B 311 -9.04 10.71 54.05
N GLY B 312 -9.72 10.65 52.91
CA GLY B 312 -10.62 11.71 52.50
C GLY B 312 -12.05 11.23 52.47
N ASN B 313 -12.97 12.15 52.29
CA ASN B 313 -14.36 11.83 52.56
C ASN B 313 -15.10 11.55 51.31
N TYR B 314 -14.39 11.57 50.20
CA TYR B 314 -15.08 11.54 48.92
C TYR B 314 -15.96 10.30 48.74
N LEU B 315 -15.39 9.11 48.96
CA LEU B 315 -16.17 7.93 48.56
C LEU B 315 -17.21 7.61 49.61
N THR B 316 -16.91 7.93 50.88
CA THR B 316 -17.90 7.70 51.94
C THR B 316 -19.10 8.65 51.83
N THR B 317 -18.89 9.83 51.25
CA THR B 317 -19.97 10.79 51.06
C THR B 317 -20.93 10.28 49.95
N LEU B 318 -20.36 9.70 48.89
CA LEU B 318 -21.22 9.07 47.86
C LEU B 318 -21.99 7.88 48.42
N GLY B 319 -21.30 7.02 49.13
CA GLY B 319 -21.93 5.86 49.74
C GLY B 319 -23.07 6.18 50.68
N ASP B 320 -22.92 7.25 51.49
CA ASP B 320 -23.93 7.66 52.45
C ASP B 320 -25.08 8.47 51.85
N LYS B 321 -24.78 9.34 50.88
CA LYS B 321 -25.76 10.32 50.39
C LYS B 321 -26.50 9.86 49.16
N LEU B 322 -25.84 9.13 48.28
CA LEU B 322 -26.49 8.66 47.04
C LEU B 322 -27.64 7.73 47.34
N ASN B 323 -28.80 8.04 46.75
CA ASN B 323 -30.01 7.22 46.85
C ASN B 323 -29.66 5.78 46.49
N PRO B 324 -30.26 4.80 47.19
CA PRO B 324 -29.83 3.40 47.05
C PRO B 324 -30.07 2.74 45.67
N SER B 325 -30.92 3.31 44.82
CA SER B 325 -31.10 2.70 43.47
C SER B 325 -30.08 3.18 42.45
N ILE B 326 -29.29 4.16 42.85
CA ILE B 326 -28.30 4.73 41.94
C ILE B 326 -27.02 3.86 41.93
N GLN B 327 -26.62 3.41 40.76
CA GLN B 327 -25.39 2.62 40.61
C GLN B 327 -24.12 3.50 40.67
N ILE B 328 -23.03 2.95 41.24
CA ILE B 328 -21.76 3.64 41.26
C ILE B 328 -20.68 2.75 40.60
N MET B 329 -20.00 3.31 39.60
CA MET B 329 -19.03 2.56 38.80
C MET B 329 -17.62 2.55 39.41
N TRP B 330 -16.80 1.58 38.99
CA TRP B 330 -15.49 1.31 39.59
C TRP B 330 -14.64 0.57 38.59
N THR B 331 -13.38 0.99 38.43
CA THR B 331 -12.47 0.33 37.47
C THR B 331 -11.43 -0.53 38.17
N GLY B 332 -11.48 -0.59 39.50
CA GLY B 332 -10.63 -1.51 40.22
C GLY B 332 -9.58 -0.82 41.07
N ASP B 333 -8.41 -1.45 41.21
CA ASP B 333 -7.38 -0.94 42.11
C ASP B 333 -6.61 0.22 41.47
N ARG B 334 -6.74 0.33 40.15
CA ARG B 334 -6.00 1.28 39.32
C ARG B 334 -6.91 1.66 38.14
N VAL B 335 -6.55 2.69 37.36
CA VAL B 335 -7.33 3.12 36.18
C VAL B 335 -7.60 1.90 35.34
N ILE B 336 -6.53 1.12 35.13
CA ILE B 336 -6.62 -0.12 34.35
C ILE B 336 -6.28 -1.31 35.23
N SER B 337 -7.29 -2.13 35.51
CA SER B 337 -7.03 -3.25 36.38
C SER B 337 -8.05 -4.37 36.31
N ASP B 338 -7.68 -5.53 36.83
CA ASP B 338 -8.59 -6.66 36.87
C ASP B 338 -9.25 -6.67 38.25
N ILE B 339 -10.41 -7.28 38.36
CA ILE B 339 -11.20 -7.17 39.57
C ILE B 339 -10.93 -8.31 40.53
N THR B 340 -10.52 -7.98 41.76
CA THR B 340 -10.21 -8.98 42.78
C THR B 340 -11.26 -8.95 43.87
N ARG B 341 -11.37 -10.03 44.65
CA ARG B 341 -12.27 -10.07 45.81
C ARG B 341 -11.90 -9.01 46.84
N ASP B 342 -10.62 -8.92 47.17
CA ASP B 342 -10.15 -7.90 48.08
C ASP B 342 -10.42 -6.50 47.52
N GLY B 343 -10.27 -6.36 46.20
CA GLY B 343 -10.44 -5.07 45.57
C GLY B 343 -11.88 -4.60 45.61
N ILE B 344 -12.81 -5.47 45.23
CA ILE B 344 -14.20 -5.09 45.24
C ILE B 344 -14.76 -4.93 46.67
N SER B 345 -14.21 -5.67 47.64
CA SER B 345 -14.56 -5.51 49.05
C SER B 345 -14.27 -4.09 49.50
N TRP B 346 -13.08 -3.61 49.10
CA TRP B 346 -12.61 -2.29 49.54
C TRP B 346 -13.58 -1.18 49.08
N ILE B 347 -13.99 -1.21 47.81
CA ILE B 347 -14.97 -0.24 47.32
C ILE B 347 -16.40 -0.42 47.89
N ASN B 348 -16.90 -1.66 47.87
CA ASN B 348 -18.23 -1.94 48.39
C ASN B 348 -18.47 -1.48 49.83
N GLU B 349 -17.47 -1.60 50.68
CA GLU B 349 -17.62 -1.19 52.06
C GLU B 349 -17.77 0.33 52.21
N ARG B 350 -17.29 1.07 51.22
CA ARG B 350 -17.31 2.54 51.30
C ARG B 350 -18.53 3.14 50.61
N ILE B 351 -18.96 2.51 49.51
CA ILE B 351 -20.12 2.98 48.74
C ILE B 351 -21.44 2.38 49.23
N LYS B 352 -21.35 1.37 50.10
CA LYS B 352 -22.51 0.77 50.78
C LYS B 352 -23.49 0.09 49.80
N ARG B 353 -22.94 -0.43 48.70
CA ARG B 353 -23.71 -1.16 47.68
C ARG B 353 -22.67 -1.91 46.79
N PRO B 354 -23.11 -2.90 45.99
CA PRO B 354 -22.20 -3.63 45.10
C PRO B 354 -21.81 -2.75 43.91
N ALA B 355 -20.51 -2.57 43.69
CA ALA B 355 -19.97 -1.75 42.59
C ALA B 355 -20.46 -2.23 41.23
N TYR B 356 -20.61 -1.28 40.32
CA TYR B 356 -20.98 -1.52 38.94
C TYR B 356 -19.66 -1.41 38.17
N ILE B 357 -19.08 -2.56 37.82
CA ILE B 357 -17.71 -2.55 37.26
C ILE B 357 -17.56 -1.89 35.89
N TRP B 358 -16.60 -0.98 35.78
CA TRP B 358 -16.24 -0.39 34.50
C TRP B 358 -14.88 -0.93 34.10
N TRP B 359 -14.85 -2.05 33.39
CA TRP B 359 -13.58 -2.78 33.17
C TRP B 359 -12.83 -2.22 31.97
N ASN B 360 -11.65 -1.65 32.24
CA ASN B 360 -10.85 -1.00 31.20
C ASN B 360 -10.00 -1.92 30.35
N PHE B 361 -10.69 -2.85 29.67
CA PHE B 361 -10.10 -3.69 28.64
C PHE B 361 -11.24 -4.10 27.70
N PRO B 362 -11.04 -4.05 26.36
CA PRO B 362 -9.75 -3.80 25.67
C PRO B 362 -9.36 -2.34 25.32
N VAL B 363 -9.95 -1.34 25.99
CA VAL B 363 -9.69 0.04 25.65
C VAL B 363 -8.20 0.30 25.43
N SER B 364 -7.87 0.99 24.34
CA SER B 364 -6.48 1.12 23.91
C SER B 364 -6.17 2.58 23.67
N ASP B 365 -6.96 3.46 24.28
CA ASP B 365 -6.85 4.91 23.98
C ASP B 365 -5.60 5.56 24.51
N TYR B 366 -4.83 4.80 25.31
CA TYR B 366 -3.54 5.27 25.87
C TYR B 366 -2.33 4.49 25.29
N VAL B 367 -2.62 3.50 24.44
CA VAL B 367 -1.63 2.74 23.66
C VAL B 367 -2.20 2.56 22.22
N ARG B 368 -2.44 3.69 21.56
CA ARG B 368 -3.24 3.70 20.32
C ARG B 368 -2.55 3.04 19.15
N ASP B 369 -1.23 2.88 19.26
CA ASP B 369 -0.46 2.08 18.26
C ASP B 369 -0.56 0.54 18.36
N HIS B 370 -1.32 0.04 19.35
CA HIS B 370 -1.49 -1.41 19.59
C HIS B 370 -2.93 -1.85 19.38
N LEU B 371 -3.11 -3.05 18.81
CA LEU B 371 -4.40 -3.73 18.89
C LEU B 371 -4.35 -4.70 20.08
N LEU B 372 -5.44 -4.76 20.88
CA LEU B 372 -5.52 -5.71 22.01
C LEU B 372 -6.58 -6.79 21.75
N LEU B 373 -6.13 -7.87 21.12
CA LEU B 373 -7.01 -8.88 20.57
C LEU B 373 -6.91 -10.19 21.36
N GLY B 374 -6.26 -10.15 22.51
CA GLY B 374 -6.13 -11.36 23.31
C GLY B 374 -7.36 -11.72 24.14
N PRO B 375 -7.31 -12.90 24.79
CA PRO B 375 -8.43 -13.35 25.63
C PRO B 375 -8.70 -12.40 26.81
N VAL B 376 -9.92 -12.46 27.30
CA VAL B 376 -10.34 -11.77 28.51
C VAL B 376 -9.99 -12.66 29.71
N TYR B 377 -9.19 -12.12 30.65
CA TYR B 377 -8.84 -12.87 31.86
C TYR B 377 -8.39 -11.96 33.01
N GLY B 378 -8.23 -12.54 34.20
CA GLY B 378 -7.66 -11.84 35.36
C GLY B 378 -8.69 -11.45 36.40
N ASN B 379 -9.97 -11.46 36.02
CA ASN B 379 -11.06 -11.13 36.93
C ASN B 379 -11.48 -12.35 37.74
N ASP B 380 -11.65 -12.14 39.05
CA ASP B 380 -12.07 -13.19 39.96
C ASP B 380 -13.43 -13.69 39.47
N THR B 381 -13.58 -15.00 39.41
CA THR B 381 -14.77 -15.67 38.87
C THR B 381 -15.78 -16.08 39.99
N THR B 382 -15.50 -15.68 41.23
CA THR B 382 -16.29 -16.13 42.39
C THR B 382 -17.06 -14.96 43.05
N ILE B 383 -16.98 -13.76 42.45
CA ILE B 383 -17.44 -12.54 43.13
C ILE B 383 -18.69 -11.89 42.47
N ALA B 384 -19.48 -12.68 41.72
CA ALA B 384 -20.70 -12.15 41.08
C ALA B 384 -21.60 -11.37 42.08
N LYS B 385 -21.75 -11.91 43.29
CA LYS B 385 -22.66 -11.31 44.30
C LYS B 385 -22.17 -9.92 44.75
N GLU B 386 -20.92 -9.59 44.45
CA GLU B 386 -20.31 -8.35 44.96
C GLU B 386 -20.34 -7.25 43.90
N MET B 387 -20.97 -7.53 42.76
CA MET B 387 -21.07 -6.54 41.69
C MET B 387 -22.50 -6.45 41.15
N SER B 388 -22.97 -5.23 40.95
CA SER B 388 -24.32 -5.07 40.44
C SER B 388 -24.28 -5.01 38.93
N GLY B 389 -23.08 -4.82 38.37
CA GLY B 389 -22.87 -4.70 36.95
C GLY B 389 -21.43 -4.93 36.54
N PHE B 390 -21.24 -5.31 35.29
CA PHE B 390 -19.92 -5.46 34.68
C PHE B 390 -19.99 -5.03 33.20
N VAL B 391 -19.37 -3.92 32.91
CA VAL B 391 -19.20 -3.47 31.54
C VAL B 391 -17.75 -3.29 31.12
N THR B 392 -17.54 -3.55 29.90
CA THR B 392 -16.28 -3.38 29.17
C THR B 392 -16.20 -2.05 28.40
N ASN B 393 -15.09 -1.35 28.62
CA ASN B 393 -14.68 -0.20 27.84
C ASN B 393 -13.71 -0.67 26.76
N PRO B 394 -14.19 -0.64 25.53
CA PRO B 394 -13.53 -1.24 24.37
C PRO B 394 -12.54 -0.36 23.55
N MET B 395 -12.00 -0.90 22.46
CA MET B 395 -11.19 -0.10 21.54
C MET B 395 -12.08 0.78 20.67
N GLU B 396 -11.50 1.86 20.17
CA GLU B 396 -12.11 2.68 19.15
C GLU B 396 -12.37 1.82 17.88
N HIS B 397 -11.73 0.65 17.82
CA HIS B 397 -11.90 -0.32 16.72
C HIS B 397 -13.05 -1.25 17.13
N ALA B 398 -14.24 -1.01 16.56
CA ALA B 398 -15.46 -1.60 17.13
C ALA B 398 -15.53 -3.09 16.85
N GLU B 399 -15.32 -3.49 15.59
CA GLU B 399 -15.40 -4.92 15.25
C GLU B 399 -14.34 -5.71 15.98
N SER B 400 -13.13 -5.14 16.03
CA SER B 400 -11.96 -5.78 16.66
C SER B 400 -12.21 -6.05 18.16
N SER B 401 -13.06 -5.20 18.74
CA SER B 401 -13.40 -5.25 20.15
C SER B 401 -14.38 -6.39 20.42
N LYS B 402 -14.97 -6.97 19.37
CA LYS B 402 -15.96 -8.01 19.57
C LYS B 402 -15.36 -9.30 20.16
N ILE B 403 -14.03 -9.47 20.07
CA ILE B 403 -13.37 -10.61 20.66
C ILE B 403 -13.53 -10.53 22.19
N ALA B 404 -13.18 -9.38 22.76
CA ALA B 404 -13.26 -9.19 24.18
C ALA B 404 -14.71 -9.07 24.65
N ILE B 405 -15.55 -8.44 23.83
CA ILE B 405 -16.93 -8.15 24.24
C ILE B 405 -17.69 -9.46 24.38
N TYR B 406 -17.50 -10.36 23.43
CA TYR B 406 -18.12 -11.67 23.46
C TYR B 406 -17.69 -12.43 24.71
N SER B 407 -16.40 -12.28 25.03
CA SER B 407 -15.81 -12.94 26.18
C SER B 407 -16.31 -12.37 27.50
N VAL B 408 -16.38 -11.04 27.58
CA VAL B 408 -17.03 -10.38 28.72
C VAL B 408 -18.49 -10.83 28.88
N ALA B 409 -19.24 -10.96 27.78
CA ALA B 409 -20.63 -11.40 27.89
C ALA B 409 -20.69 -12.77 28.58
N SER B 410 -19.77 -13.66 28.18
CA SER B 410 -19.69 -15.02 28.69
C SER B 410 -19.32 -14.99 30.18
N TYR B 411 -18.31 -14.18 30.51
CA TYR B 411 -17.86 -14.07 31.88
C TYR B 411 -18.96 -13.53 32.81
N ALA B 412 -19.60 -12.42 32.43
CA ALA B 412 -20.58 -11.77 33.29
C ALA B 412 -21.84 -12.60 33.50
N TRP B 413 -22.24 -13.36 32.48
CA TRP B 413 -23.43 -14.22 32.57
C TRP B 413 -23.20 -15.46 33.44
N ASN B 414 -22.10 -16.17 33.20
CA ASN B 414 -21.71 -17.36 33.98
C ASN B 414 -20.23 -17.35 34.38
N PRO B 415 -19.87 -16.53 35.38
CA PRO B 415 -18.45 -16.47 35.75
C PRO B 415 -17.90 -17.78 36.31
N ALA B 416 -18.71 -18.54 37.08
CA ALA B 416 -18.26 -19.83 37.63
C ALA B 416 -17.69 -20.75 36.56
N LYS B 417 -18.31 -20.73 35.38
CA LYS B 417 -17.90 -21.60 34.27
C LYS B 417 -17.04 -20.86 33.23
N TYR B 418 -16.57 -19.66 33.55
CA TYR B 418 -15.85 -18.88 32.57
C TYR B 418 -14.54 -19.55 32.14
N ASP B 419 -14.42 -19.77 30.83
CA ASP B 419 -13.30 -20.48 30.22
C ASP B 419 -12.58 -19.51 29.29
N THR B 420 -11.45 -18.99 29.76
CA THR B 420 -10.73 -17.93 29.05
C THR B 420 -10.43 -18.22 27.56
N TRP B 421 -9.67 -19.29 27.32
CA TRP B 421 -9.20 -19.60 25.98
C TRP B 421 -10.30 -20.15 25.07
N GLN B 422 -11.18 -21.01 25.60
CA GLN B 422 -12.25 -21.56 24.75
C GLN B 422 -13.19 -20.44 24.25
N THR B 423 -13.48 -19.46 25.12
CA THR B 423 -14.39 -18.37 24.78
C THR B 423 -13.74 -17.43 23.74
N TRP B 424 -12.45 -17.09 23.93
CA TRP B 424 -11.63 -16.38 22.92
C TRP B 424 -11.72 -17.08 21.55
N LYS B 425 -11.48 -18.38 21.53
CA LYS B 425 -11.62 -19.18 20.31
C LYS B 425 -13.02 -19.11 19.72
N ASP B 426 -14.02 -19.25 20.59
CA ASP B 426 -15.44 -19.17 20.20
C ASP B 426 -15.80 -17.79 19.62
N ALA B 427 -15.29 -16.73 20.23
CA ALA B 427 -15.53 -15.38 19.74
C ALA B 427 -14.97 -15.19 18.32
N ILE B 428 -13.75 -15.66 18.10
CA ILE B 428 -13.09 -15.53 16.81
C ILE B 428 -13.81 -16.29 15.71
N ARG B 429 -14.27 -17.48 16.03
CA ARG B 429 -14.97 -18.31 15.07
C ARG B 429 -16.35 -17.75 14.74
N THR B 430 -16.92 -17.06 15.72
CA THR B 430 -18.17 -16.32 15.55
C THR B 430 -18.00 -15.07 14.68
N ILE B 431 -16.96 -14.29 14.95
CA ILE B 431 -16.70 -13.05 14.24
C ILE B 431 -16.20 -13.32 12.80
N LEU B 432 -15.37 -14.35 12.62
CA LEU B 432 -14.77 -14.57 11.32
C LEU B 432 -14.67 -16.06 10.95
N PRO B 433 -15.83 -16.72 10.80
CA PRO B 433 -15.87 -18.15 10.56
C PRO B 433 -15.09 -18.59 9.30
N SER B 434 -15.06 -17.74 8.27
CA SER B 434 -14.37 -18.08 7.02
C SER B 434 -12.84 -18.06 7.18
N ALA B 435 -12.33 -17.49 8.26
CA ALA B 435 -10.88 -17.38 8.47
C ALA B 435 -10.51 -17.37 9.96
N ALA B 436 -11.16 -18.22 10.75
CA ALA B 436 -10.96 -18.26 12.20
C ALA B 436 -9.49 -18.54 12.61
N GLU B 437 -8.89 -19.57 12.01
CA GLU B 437 -7.51 -19.94 12.38
C GLU B 437 -6.55 -18.79 12.04
N GLU B 438 -6.75 -18.17 10.88
CA GLU B 438 -5.97 -17.01 10.48
C GLU B 438 -6.14 -15.87 11.47
N LEU B 439 -7.38 -15.59 11.89
CA LEU B 439 -7.58 -14.51 12.86
C LEU B 439 -7.01 -14.87 14.24
N GLU B 440 -7.11 -16.15 14.63
CA GLU B 440 -6.47 -16.62 15.88
C GLU B 440 -4.97 -16.34 15.87
N CYS B 441 -4.31 -16.69 14.76
CA CYS B 441 -2.87 -16.44 14.60
C CYS B 441 -2.58 -14.96 14.78
N PHE B 442 -3.31 -14.11 14.04
CA PHE B 442 -3.10 -12.66 14.15
C PHE B 442 -3.36 -12.19 15.57
N ALA B 443 -4.48 -12.62 16.15
CA ALA B 443 -4.86 -12.21 17.51
C ALA B 443 -3.85 -12.64 18.61
N MET B 444 -3.32 -13.86 18.51
CA MET B 444 -2.42 -14.35 19.57
C MET B 444 -1.13 -13.52 19.71
N HIS B 445 -0.74 -12.89 18.61
CA HIS B 445 0.47 -12.08 18.56
C HIS B 445 0.17 -10.58 18.56
N ASN B 446 -1.06 -10.22 18.90
CA ASN B 446 -1.46 -8.83 19.02
C ASN B 446 -2.34 -8.71 20.24
N SER B 447 -1.72 -8.78 21.44
CA SER B 447 -2.45 -8.93 22.70
CA SER B 447 -2.49 -8.81 22.67
C SER B 447 -1.91 -7.98 23.78
N ASP B 448 -0.59 -7.80 23.81
CA ASP B 448 0.06 -7.01 24.85
C ASP B 448 -0.02 -5.51 24.50
N LEU B 449 0.19 -4.67 25.51
CA LEU B 449 0.05 -3.24 25.37
C LEU B 449 1.42 -2.55 25.20
N GLY B 450 2.51 -3.29 25.45
CA GLY B 450 3.83 -2.70 25.59
C GLY B 450 3.86 -1.85 26.84
N PRO B 451 5.03 -1.29 27.21
CA PRO B 451 5.16 -0.43 28.38
C PRO B 451 4.22 0.77 28.28
N ASN B 452 3.66 1.17 29.44
CA ASN B 452 2.71 2.27 29.52
C ASN B 452 2.63 2.83 30.95
N GLY B 453 2.14 4.06 31.08
CA GLY B 453 1.95 4.69 32.39
C GLY B 453 0.91 4.07 33.32
N HIS B 454 0.06 3.21 32.78
CA HIS B 454 -0.92 2.54 33.61
C HIS B 454 -0.39 1.21 34.17
N GLY B 455 0.75 0.75 33.67
CA GLY B 455 1.43 -0.47 34.15
C GLY B 455 0.65 -1.74 33.87
N TYR B 456 -0.27 -1.71 32.91
CA TYR B 456 -1.09 -2.88 32.61
C TYR B 456 -0.56 -3.62 31.40
N ARG B 457 -0.42 -4.93 31.53
CA ARG B 457 0.16 -5.75 30.48
C ARG B 457 -0.70 -7.00 30.25
N ARG B 458 -0.51 -7.65 29.10
CA ARG B 458 -1.19 -8.90 28.81
C ARG B 458 -0.18 -9.83 28.19
N GLU B 459 -0.40 -11.13 28.38
CA GLU B 459 0.47 -12.11 27.76
C GLU B 459 0.28 -12.07 26.26
N GLU B 460 1.28 -12.59 25.53
CA GLU B 460 1.29 -12.58 24.08
C GLU B 460 2.29 -13.62 23.64
N SER B 461 1.93 -14.34 22.58
CA SER B 461 2.81 -15.28 21.91
C SER B 461 3.35 -16.35 22.88
N MET B 462 2.54 -16.71 23.88
CA MET B 462 3.02 -17.62 24.94
C MET B 462 3.39 -19.03 24.43
N ASP B 463 2.71 -19.46 23.35
N ASP B 463 2.73 -19.48 23.36
CA ASP B 463 3.02 -20.70 22.65
CA ASP B 463 3.08 -20.76 22.70
C ASP B 463 4.52 -20.85 22.29
C ASP B 463 4.56 -20.84 22.33
N ILE B 464 5.07 -19.83 21.64
CA ILE B 464 6.41 -19.89 21.10
C ILE B 464 7.45 -19.25 22.01
N GLN B 465 6.99 -18.63 23.10
CA GLN B 465 7.87 -17.92 24.03
C GLN B 465 9.06 -18.77 24.56
N PRO B 466 8.77 -20.02 24.99
CA PRO B 466 9.91 -20.79 25.49
C PRO B 466 10.91 -21.18 24.40
N ALA B 467 10.43 -21.58 23.22
CA ALA B 467 11.33 -21.87 22.09
C ALA B 467 12.16 -20.64 21.70
N ALA B 468 11.52 -19.47 21.69
CA ALA B 468 12.21 -18.22 21.42
C ALA B 468 13.31 -17.97 22.45
N GLU B 469 12.94 -18.00 23.74
CA GLU B 469 13.85 -17.72 24.85
C GLU B 469 15.09 -18.63 24.86
N ARG B 470 14.86 -19.91 24.57
CA ARG B 470 15.95 -20.87 24.53
C ARG B 470 16.89 -20.61 23.38
N PHE B 471 16.30 -20.39 22.20
CA PHE B 471 17.04 -20.16 20.98
C PHE B 471 17.98 -18.99 21.16
N LEU B 472 17.44 -17.88 21.68
CA LEU B 472 18.21 -16.67 21.89
C LEU B 472 19.32 -16.80 22.97
N LYS B 473 18.99 -17.36 24.14
CA LYS B 473 20.00 -17.63 25.17
C LYS B 473 21.17 -18.50 24.66
N ALA B 474 20.84 -19.60 23.98
CA ALA B 474 21.83 -20.45 23.33
C ALA B 474 22.68 -19.69 22.33
N PHE B 475 22.00 -18.99 21.42
CA PHE B 475 22.64 -18.31 20.31
C PHE B 475 23.57 -17.19 20.80
N LYS B 476 23.11 -16.41 21.79
CA LYS B 476 23.89 -15.29 22.33
C LYS B 476 25.21 -15.71 22.97
N GLU B 477 25.20 -16.83 23.69
CA GLU B 477 26.39 -17.26 24.45
C GLU B 477 27.33 -18.23 23.71
N GLY B 478 26.99 -18.55 22.46
CA GLY B 478 27.87 -19.33 21.59
C GLY B 478 27.66 -20.83 21.65
N LYS B 479 26.55 -21.23 22.27
CA LYS B 479 26.11 -22.62 22.35
C LYS B 479 25.13 -22.98 21.23
N ASN B 480 25.08 -24.27 20.88
CA ASN B 480 24.17 -24.75 19.84
C ASN B 480 22.70 -24.71 20.28
N TYR B 481 21.85 -24.08 19.46
CA TYR B 481 20.40 -24.05 19.73
C TYR B 481 19.74 -25.35 19.25
N ASP B 482 18.55 -25.67 19.77
CA ASP B 482 17.84 -26.85 19.28
C ASP B 482 17.26 -26.56 17.90
N LYS B 483 17.50 -27.50 16.99
CA LYS B 483 16.93 -27.45 15.64
C LYS B 483 15.42 -27.28 15.70
N ALA B 484 14.77 -28.00 16.62
CA ALA B 484 13.32 -27.93 16.80
C ALA B 484 12.82 -26.53 17.12
N ASP B 485 13.61 -25.77 17.88
CA ASP B 485 13.25 -24.39 18.23
C ASP B 485 13.35 -23.47 17.02
N PHE B 486 14.42 -23.65 16.25
CA PHE B 486 14.62 -22.93 14.99
C PHE B 486 13.44 -23.19 14.04
N GLU B 487 13.01 -24.45 13.95
CA GLU B 487 11.90 -24.84 13.05
C GLU B 487 10.55 -24.31 13.54
N THR B 488 10.38 -24.29 14.86
CA THR B 488 9.20 -23.69 15.47
C THR B 488 9.08 -22.21 15.07
N LEU B 489 10.18 -21.47 15.20
CA LEU B 489 10.23 -20.10 14.75
C LEU B 489 9.93 -19.94 13.24
N GLN B 490 10.53 -20.79 12.39
CA GLN B 490 10.23 -20.79 10.96
C GLN B 490 8.74 -21.03 10.65
N TYR B 491 8.17 -22.05 11.26
CA TYR B 491 6.76 -22.37 11.07
C TYR B 491 5.84 -21.19 11.46
N THR B 492 6.17 -20.55 12.58
CA THR B 492 5.46 -19.37 13.04
C THR B 492 5.43 -18.26 11.99
N PHE B 493 6.60 -17.87 11.48
CA PHE B 493 6.70 -16.79 10.48
C PHE B 493 5.90 -17.16 9.24
N GLU B 494 6.00 -18.41 8.82
CA GLU B 494 5.27 -18.88 7.67
C GLU B 494 3.75 -18.78 7.88
N ARG B 495 3.29 -19.12 9.09
CA ARG B 495 1.88 -19.09 9.38
C ARG B 495 1.37 -17.64 9.46
N MET B 496 2.18 -16.76 10.06
CA MET B 496 1.90 -15.33 10.14
C MET B 496 1.67 -14.74 8.71
N LYS B 497 2.50 -15.13 7.75
CA LYS B 497 2.36 -14.64 6.38
C LYS B 497 1.05 -15.15 5.75
N GLU B 498 0.75 -16.45 5.90
CA GLU B 498 -0.52 -17.00 5.38
C GLU B 498 -1.69 -16.22 5.97
N SER B 499 -1.69 -16.09 7.30
CA SER B 499 -2.74 -15.39 8.02
C SER B 499 -2.92 -13.92 7.55
N ALA B 500 -1.82 -13.16 7.48
CA ALA B 500 -1.86 -11.77 7.00
C ALA B 500 -2.47 -11.62 5.59
N ASP B 501 -1.98 -12.40 4.64
CA ASP B 501 -2.47 -12.27 3.25
C ASP B 501 -3.94 -12.71 3.12
N ILE B 502 -4.35 -13.74 3.85
CA ILE B 502 -5.74 -14.19 3.86
C ILE B 502 -6.68 -13.16 4.53
N LEU B 503 -6.26 -12.61 5.65
CA LEU B 503 -7.07 -11.60 6.32
C LEU B 503 -7.24 -10.35 5.46
N LEU B 504 -6.17 -9.91 4.79
CA LEU B 504 -6.26 -8.74 3.89
C LEU B 504 -7.35 -8.89 2.84
N MET B 505 -7.53 -10.10 2.34
CA MET B 505 -8.44 -10.32 1.21
C MET B 505 -9.85 -10.78 1.59
N ASN B 506 -10.07 -10.90 2.89
CA ASN B 506 -11.31 -11.45 3.42
C ASN B 506 -12.44 -10.48 3.23
N THR B 507 -13.52 -10.95 2.65
CA THR B 507 -14.67 -10.09 2.40
C THR B 507 -15.90 -10.44 3.28
N GLU B 508 -15.73 -11.33 4.26
CA GLU B 508 -16.86 -11.76 5.08
C GLU B 508 -17.23 -10.70 6.14
N ASN B 509 -16.21 -10.05 6.69
CA ASN B 509 -16.41 -8.98 7.62
C ASN B 509 -15.53 -7.84 7.15
N LYS B 510 -16.00 -7.08 6.17
CA LYS B 510 -15.16 -6.01 5.62
C LYS B 510 -14.76 -4.99 6.70
N PRO B 511 -15.69 -4.60 7.60
CA PRO B 511 -15.33 -3.59 8.62
C PRO B 511 -14.20 -3.97 9.58
N LEU B 512 -14.16 -5.22 10.01
CA LEU B 512 -13.04 -5.73 10.78
C LEU B 512 -11.76 -5.59 9.96
N ILE B 513 -11.82 -5.98 8.69
CA ILE B 513 -10.61 -5.95 7.89
C ILE B 513 -10.07 -4.51 7.70
N VAL B 514 -10.96 -3.56 7.45
CA VAL B 514 -10.59 -2.15 7.42
C VAL B 514 -9.86 -1.73 8.70
N GLU B 515 -10.42 -2.09 9.86
CA GLU B 515 -9.84 -1.68 11.14
C GLU B 515 -8.40 -2.20 11.28
N ILE B 516 -8.19 -3.47 11.00
CA ILE B 516 -6.92 -4.11 11.32
C ILE B 516 -5.89 -4.05 10.20
N THR B 517 -6.31 -3.71 8.99
CA THR B 517 -5.40 -3.72 7.83
C THR B 517 -3.96 -3.17 8.03
N PRO B 518 -3.79 -1.98 8.65
CA PRO B 518 -2.42 -1.47 8.82
C PRO B 518 -1.57 -2.36 9.71
N TRP B 519 -2.17 -2.89 10.78
CA TRP B 519 -1.52 -3.89 11.63
C TRP B 519 -1.26 -5.21 10.90
N VAL B 520 -2.18 -5.64 10.04
CA VAL B 520 -1.96 -6.84 9.23
C VAL B 520 -0.71 -6.68 8.31
N HIS B 521 -0.55 -5.50 7.71
CA HIS B 521 0.62 -5.22 6.86
C HIS B 521 1.91 -5.25 7.69
N GLN B 522 1.87 -4.63 8.85
CA GLN B 522 3.02 -4.59 9.75
C GLN B 522 3.43 -5.98 10.28
N PHE B 523 2.43 -6.79 10.59
CA PHE B 523 2.55 -8.19 11.05
C PHE B 523 3.19 -9.09 9.95
N LYS B 524 2.73 -8.97 8.69
CA LYS B 524 3.39 -9.62 7.52
C LYS B 524 4.87 -9.20 7.40
N LEU B 525 5.14 -7.90 7.42
CA LEU B 525 6.52 -7.43 7.40
C LEU B 525 7.39 -8.06 8.49
N THR B 526 6.85 -8.09 9.72
CA THR B 526 7.51 -8.76 10.84
C THR B 526 7.91 -10.20 10.52
N ALA B 527 6.96 -10.98 10.00
CA ALA B 527 7.15 -12.38 9.69
C ALA B 527 8.24 -12.60 8.61
N GLU B 528 8.19 -11.81 7.52
CA GLU B 528 9.26 -11.75 6.50
C GLU B 528 10.60 -11.41 7.11
N MET B 529 10.63 -10.43 8.01
CA MET B 529 11.88 -10.04 8.62
C MET B 529 12.47 -11.23 9.41
N GLY B 530 11.60 -11.90 10.18
CA GLY B 530 11.98 -13.09 10.95
C GLY B 530 12.61 -14.19 10.08
N GLU B 531 11.97 -14.51 8.96
CA GLU B 531 12.46 -15.50 7.99
C GLU B 531 13.86 -15.15 7.49
N GLU B 532 14.03 -13.89 7.10
CA GLU B 532 15.28 -13.42 6.54
C GLU B 532 16.36 -13.48 7.59
N VAL B 533 16.04 -13.05 8.82
CA VAL B 533 16.99 -13.11 9.95
C VAL B 533 17.41 -14.57 10.29
N LEU B 534 16.47 -15.49 10.16
CA LEU B 534 16.80 -16.89 10.37
C LEU B 534 17.69 -17.43 9.26
N LYS B 535 17.51 -16.93 8.04
CA LYS B 535 18.41 -17.28 6.94
C LYS B 535 19.81 -16.76 7.20
N MET B 536 19.91 -15.58 7.81
CA MET B 536 21.22 -15.06 8.24
C MET B 536 21.91 -16.00 9.24
N VAL B 537 21.13 -16.61 10.12
CA VAL B 537 21.66 -17.56 11.12
C VAL B 537 22.14 -18.85 10.45
N GLU B 538 21.39 -19.37 9.47
CA GLU B 538 21.88 -20.50 8.67
C GLU B 538 23.10 -20.04 7.87
N GLY B 539 22.95 -18.92 7.15
CA GLY B 539 24.08 -18.10 6.71
C GLY B 539 24.75 -18.48 5.41
N ARG B 540 25.15 -19.75 5.32
CA ARG B 540 25.85 -20.29 4.16
C ARG B 540 27.09 -19.38 4.04
N ASN B 541 27.22 -18.68 2.91
CA ASN B 541 28.42 -17.95 2.59
C ASN B 541 28.28 -16.45 2.79
N GLU B 542 29.38 -15.74 2.61
CA GLU B 542 29.42 -14.29 2.77
C GLU B 542 28.39 -13.54 1.92
N SER B 543 28.37 -13.83 0.62
CA SER B 543 27.47 -13.18 -0.34
C SER B 543 25.97 -13.39 -0.03
N TYR B 544 25.61 -14.58 0.41
CA TYR B 544 24.23 -14.89 0.72
C TYR B 544 23.82 -14.14 1.98
N PHE B 545 24.72 -14.12 2.95
CA PHE B 545 24.47 -13.41 4.19
C PHE B 545 24.19 -11.95 3.91
N LEU B 546 25.03 -11.36 3.05
CA LEU B 546 24.92 -9.95 2.71
C LEU B 546 23.61 -9.65 2.01
N ARG B 547 23.14 -10.55 1.16
CA ARG B 547 21.83 -10.40 0.53
C ARG B 547 20.72 -10.39 1.57
N LYS B 548 20.81 -11.32 2.52
CA LYS B 548 19.80 -11.40 3.59
C LYS B 548 19.82 -10.15 4.44
N TYR B 549 21.03 -9.71 4.82
CA TYR B 549 21.22 -8.49 5.60
C TYR B 549 20.60 -7.26 4.92
N ASN B 550 20.85 -7.10 3.63
CA ASN B 550 20.30 -5.97 2.88
C ASN B 550 18.78 -6.06 2.80
N HIS B 551 18.25 -7.28 2.71
CA HIS B 551 16.82 -7.48 2.68
C HIS B 551 16.18 -7.07 3.99
N VAL B 552 16.81 -7.45 5.12
CA VAL B 552 16.39 -7.04 6.44
C VAL B 552 16.33 -5.53 6.63
N LYS B 553 17.39 -4.83 6.23
CA LYS B 553 17.41 -3.36 6.29
C LYS B 553 16.23 -2.75 5.54
N ALA B 554 15.96 -3.28 4.34
CA ALA B 554 14.84 -2.84 3.54
C ALA B 554 13.51 -3.09 4.24
N LEU B 555 13.36 -4.27 4.85
CA LEU B 555 12.15 -4.57 5.61
C LEU B 555 11.98 -3.68 6.87
N GLN B 556 13.09 -3.36 7.56
CA GLN B 556 13.03 -2.36 8.65
C GLN B 556 12.53 -0.99 8.17
N GLN B 557 13.06 -0.52 7.04
CA GLN B 557 12.62 0.76 6.48
C GLN B 557 11.13 0.68 6.15
N GLN B 558 10.72 -0.46 5.61
CA GLN B 558 9.30 -0.59 5.27
C GLN B 558 8.40 -0.50 6.51
N MET B 559 8.85 -1.10 7.60
CA MET B 559 8.07 -1.08 8.82
C MET B 559 7.99 0.35 9.35
N PHE B 560 9.13 1.04 9.34
CA PHE B 560 9.18 2.47 9.68
C PHE B 560 8.18 3.28 8.85
N TYR B 561 8.08 2.97 7.56
CA TYR B 561 7.18 3.72 6.67
C TYR B 561 5.73 3.51 7.11
N ILE B 562 5.35 2.27 7.42
CA ILE B 562 4.02 2.01 7.95
C ILE B 562 3.81 2.77 9.27
N ASP B 563 4.76 2.68 10.19
CA ASP B 563 4.68 3.33 11.49
C ASP B 563 4.57 4.87 11.37
N GLN B 564 5.06 5.45 10.27
CA GLN B 564 5.03 6.91 10.08
C GLN B 564 3.85 7.36 9.26
N THR B 565 3.20 6.44 8.55
CA THR B 565 2.14 6.87 7.65
C THR B 565 0.75 6.39 8.09
N SER B 566 0.69 5.29 8.83
CA SER B 566 -0.59 4.79 9.27
C SER B 566 -0.91 5.22 10.67
N ASN B 567 -2.20 5.44 10.95
CA ASN B 567 -2.70 5.66 12.29
C ASN B 567 -1.92 6.79 12.98
N GLN B 568 -1.83 7.93 12.29
CA GLN B 568 -1.06 9.05 12.78
C GLN B 568 -1.93 9.89 13.71
N ASN B 569 -2.27 9.33 14.87
CA ASN B 569 -3.05 10.04 15.90
C ASN B 569 -2.09 10.91 16.72
N PRO B 570 -2.61 11.90 17.49
CA PRO B 570 -1.68 12.79 18.18
C PRO B 570 -0.98 12.18 19.40
N TYR B 571 -1.32 10.94 19.76
CA TYR B 571 -0.91 10.45 21.10
C TYR B 571 0.08 9.31 21.05
N GLN B 572 -0.30 8.20 20.39
CA GLN B 572 0.64 7.12 20.13
C GLN B 572 0.52 6.78 18.65
N PRO B 573 1.10 7.63 17.78
CA PRO B 573 0.94 7.40 16.35
C PRO B 573 1.65 6.11 15.91
N GLY B 574 1.13 5.49 14.86
CA GLY B 574 1.80 4.37 14.26
C GLY B 574 1.22 3.00 14.53
N VAL B 575 2.01 1.99 14.19
CA VAL B 575 1.54 0.62 14.11
C VAL B 575 2.57 -0.33 14.70
N LYS B 576 2.31 -0.78 15.94
CA LYS B 576 3.12 -1.83 16.59
C LYS B 576 2.40 -3.18 16.60
N THR B 577 3.16 -4.26 16.42
CA THR B 577 2.58 -5.59 16.36
C THR B 577 3.61 -6.62 16.85
N ALA B 578 3.10 -7.75 17.34
CA ALA B 578 3.96 -8.86 17.82
C ALA B 578 5.09 -8.33 18.71
N THR B 579 4.73 -7.44 19.65
CA THR B 579 5.77 -6.64 20.33
C THR B 579 6.44 -7.30 21.54
N ARG B 580 5.74 -8.24 22.18
CA ARG B 580 6.21 -8.75 23.48
C ARG B 580 7.34 -9.75 23.34
N VAL B 581 7.20 -10.64 22.37
CA VAL B 581 8.10 -11.78 22.17
C VAL B 581 8.69 -11.84 20.75
N ILE B 582 7.84 -11.79 19.71
CA ILE B 582 8.30 -12.02 18.35
C ILE B 582 9.28 -10.96 17.79
N LYS B 583 8.98 -9.66 17.96
CA LYS B 583 9.83 -8.61 17.42
C LYS B 583 11.15 -8.50 18.21
N PRO B 584 11.09 -8.50 19.56
CA PRO B 584 12.36 -8.48 20.31
C PRO B 584 13.29 -9.62 19.89
N LEU B 585 12.75 -10.82 19.78
CA LEU B 585 13.51 -11.97 19.32
C LEU B 585 14.19 -11.73 17.97
N ILE B 586 13.38 -11.30 16.98
CA ILE B 586 13.89 -11.00 15.66
C ILE B 586 15.01 -9.97 15.73
N ASP B 587 14.79 -8.89 16.50
CA ASP B 587 15.73 -7.78 16.58
C ASP B 587 17.02 -8.22 17.24
N ARG B 588 16.89 -8.99 18.33
CA ARG B 588 18.05 -9.36 19.13
C ARG B 588 18.92 -10.39 18.41
N THR B 589 18.25 -11.28 17.66
CA THR B 589 18.90 -12.28 16.80
C THR B 589 19.64 -11.58 15.67
N PHE B 590 18.98 -10.59 15.07
CA PHE B 590 19.59 -9.78 14.02
C PHE B 590 20.90 -9.15 14.52
N ALA B 591 20.82 -8.43 15.65
CA ALA B 591 21.97 -7.74 16.25
C ALA B 591 23.14 -8.67 16.57
N THR B 592 22.79 -9.86 17.06
CA THR B 592 23.78 -10.86 17.47
C THR B 592 24.51 -11.41 16.24
N VAL B 593 23.74 -11.87 15.24
CA VAL B 593 24.35 -12.49 14.04
C VAL B 593 25.21 -11.48 13.26
N VAL B 594 24.80 -10.21 13.26
CA VAL B 594 25.60 -9.14 12.66
C VAL B 594 26.92 -8.98 13.42
N LYS B 595 26.82 -9.03 14.75
CA LYS B 595 28.02 -8.94 15.59
C LYS B 595 29.02 -10.05 15.23
N PHE B 596 28.53 -11.29 15.10
CA PHE B 596 29.40 -12.42 14.80
C PHE B 596 30.00 -12.30 13.40
N PHE B 597 29.19 -11.84 12.43
CA PHE B 597 29.66 -11.64 11.05
C PHE B 597 30.78 -10.62 11.02
N ASN B 598 30.58 -9.51 11.75
CA ASN B 598 31.59 -8.48 11.89
C ASN B 598 32.89 -9.01 12.53
N GLN B 599 32.78 -9.88 13.53
CA GLN B 599 33.96 -10.50 14.15
C GLN B 599 34.64 -11.43 13.14
N LYS B 600 33.86 -12.30 12.51
CA LYS B 600 34.38 -13.32 11.61
C LYS B 600 35.04 -12.70 10.38
N PHE B 601 34.39 -11.70 9.79
CA PHE B 601 34.90 -11.14 8.54
C PHE B 601 35.62 -9.79 8.68
N ASN B 602 35.94 -9.40 9.93
CA ASN B 602 36.52 -8.07 10.23
C ASN B 602 35.75 -6.92 9.56
N ALA B 603 34.42 -7.04 9.53
CA ALA B 603 33.55 -6.10 8.88
C ALA B 603 32.90 -5.11 9.87
N HIS B 604 32.16 -4.15 9.34
CA HIS B 604 31.52 -3.14 10.17
C HIS B 604 30.09 -2.89 9.71
N LEU B 605 29.34 -3.98 9.53
CA LEU B 605 27.95 -3.86 9.20
C LEU B 605 27.25 -3.22 10.38
N ASP B 606 26.26 -2.39 10.08
CA ASP B 606 25.41 -1.73 11.06
C ASP B 606 24.40 -2.72 11.65
N ALA B 607 24.39 -2.80 12.99
CA ALA B 607 23.58 -3.80 13.71
C ALA B 607 22.24 -3.28 14.24
N THR B 608 21.96 -2.00 14.01
CA THR B 608 20.75 -1.36 14.54
C THR B 608 19.48 -1.93 13.91
N THR B 609 18.42 -1.98 14.73
CA THR B 609 17.24 -2.77 14.41
C THR B 609 15.98 -2.01 14.03
N ASP B 610 15.95 -0.70 14.25
CA ASP B 610 14.86 0.08 13.69
C ASP B 610 15.44 1.05 12.68
N TYR B 611 14.77 1.18 11.53
CA TYR B 611 15.20 2.17 10.56
C TYR B 611 15.03 3.55 11.13
N MET B 612 16.06 4.36 10.98
CA MET B 612 16.04 5.77 11.34
C MET B 612 16.77 6.61 10.27
N PRO B 613 16.04 7.52 9.57
CA PRO B 613 16.66 8.30 8.48
C PRO B 613 17.52 9.47 8.94
N HIS B 614 17.25 9.99 10.13
CA HIS B 614 18.08 11.05 10.72
C HIS B 614 19.15 10.37 11.54
N LYS B 615 20.33 11.00 11.62
CA LYS B 615 21.45 10.48 12.40
C LYS B 615 21.69 11.29 13.69
N MET B 616 22.25 10.64 14.71
CA MET B 616 22.55 11.33 15.97
C MET B 616 24.05 11.33 16.28
N LEU B 626 22.03 5.72 22.11
CA LEU B 626 20.65 6.14 22.31
C LEU B 626 19.91 6.34 20.98
N PRO B 627 18.81 5.61 20.77
CA PRO B 627 18.05 5.72 19.52
C PRO B 627 17.27 7.03 19.38
N LEU B 628 17.42 7.70 18.24
CA LEU B 628 16.48 8.75 17.84
C LEU B 628 15.11 8.13 17.60
N GLN B 629 14.06 8.93 17.77
CA GLN B 629 12.69 8.51 17.40
C GLN B 629 12.04 9.60 16.56
N VAL B 630 11.11 9.17 15.70
CA VAL B 630 10.31 10.09 14.87
C VAL B 630 8.83 9.85 15.18
N LYS B 631 8.15 10.90 15.63
CA LYS B 631 6.72 10.83 15.92
C LYS B 631 6.06 12.06 15.29
N ALA B 632 5.13 11.85 14.36
CA ALA B 632 4.55 12.96 13.60
C ALA B 632 5.70 13.85 13.07
N ASN B 633 5.60 15.17 13.29
CA ASN B 633 6.65 16.10 12.85
C ASN B 633 7.71 16.37 13.92
N ARG B 634 7.82 15.46 14.89
CA ARG B 634 8.82 15.55 15.94
C ARG B 634 9.98 14.58 15.69
N VAL B 635 11.19 15.04 16.00
CA VAL B 635 12.40 14.21 15.98
C VAL B 635 13.06 14.30 17.37
N LEU B 636 13.17 13.17 18.08
CA LEU B 636 13.62 13.16 19.48
C LEU B 636 14.63 12.06 19.79
N ILE B 637 15.43 12.26 20.85
CA ILE B 637 16.33 11.22 21.38
C ILE B 637 15.56 10.45 22.46
N SER B 638 15.51 9.12 22.36
CA SER B 638 14.90 8.30 23.42
C SER B 638 15.49 8.69 24.79
N PRO B 639 14.62 8.96 25.80
CA PRO B 639 15.12 9.22 27.15
C PRO B 639 15.65 7.96 27.82
N GLU B 653 24.89 16.05 18.92
CA GLU B 653 24.45 16.53 17.61
C GLU B 653 23.48 15.60 16.86
N ILE B 654 22.48 16.19 16.20
CA ILE B 654 21.51 15.48 15.35
C ILE B 654 21.57 16.00 13.91
N GLU B 655 21.73 15.10 12.95
CA GLU B 655 21.66 15.47 11.53
C GLU B 655 20.44 14.85 10.82
N LEU B 656 19.52 15.71 10.42
CA LEU B 656 18.32 15.31 9.70
C LEU B 656 18.66 14.97 8.25
N ASP B 657 17.81 14.15 7.63
CA ASP B 657 18.02 13.69 6.26
C ASP B 657 17.88 14.80 5.21
N ALA B 658 17.39 15.97 5.64
CA ALA B 658 17.20 17.15 4.78
C ALA B 658 17.11 18.46 5.57
N ILE B 659 17.09 19.59 4.84
CA ILE B 659 16.79 20.87 5.44
C ILE B 659 15.27 20.94 5.62
N TYR B 660 14.83 21.28 6.84
CA TYR B 660 13.41 21.51 7.14
C TYR B 660 13.23 22.87 7.81
N PRO B 661 12.04 23.50 7.66
CA PRO B 661 11.80 24.63 8.55
C PRO B 661 11.61 24.10 9.97
N GLY B 662 12.33 24.68 10.94
CA GLY B 662 12.19 24.25 12.34
C GLY B 662 11.04 24.98 13.03
N GLU B 663 10.29 24.28 13.88
CA GLU B 663 9.18 24.90 14.62
C GLU B 663 9.64 25.34 16.02
N ASN B 664 10.17 24.38 16.79
CA ASN B 664 10.76 24.67 18.10
C ASN B 664 11.62 23.51 18.61
N ILE B 665 12.23 23.71 19.78
CA ILE B 665 13.08 22.72 20.43
C ILE B 665 12.57 22.61 21.87
N GLN B 666 12.45 21.39 22.37
CA GLN B 666 12.12 21.18 23.76
C GLN B 666 13.10 20.21 24.44
N ILE B 667 13.58 20.63 25.61
CA ILE B 667 14.60 19.91 26.35
C ILE B 667 14.21 19.86 27.85
N ASN B 668 14.47 18.73 28.51
CA ASN B 668 14.14 18.58 29.93
C ASN B 668 15.09 17.62 30.65
N SER B 702 12.66 25.49 26.39
CA SER B 702 12.12 25.65 25.04
C SER B 702 12.57 26.91 24.32
N ALA B 703 12.63 26.83 22.98
CA ALA B 703 12.89 27.98 22.13
C ALA B 703 12.24 27.81 20.75
N GLY B 704 11.36 28.74 20.39
CA GLY B 704 10.72 28.75 19.06
C GLY B 704 11.73 29.02 17.97
N LEU B 705 11.52 28.47 16.80
CA LEU B 705 12.51 28.56 15.73
C LEU B 705 12.12 29.37 14.53
N GLN B 706 10.94 29.96 14.52
CA GLN B 706 10.54 30.90 13.47
C GLN B 706 10.73 30.41 12.08
N LYS B 707 10.58 29.12 11.88
CA LYS B 707 10.67 28.51 10.59
C LYS B 707 12.05 28.59 9.94
N ALA B 708 13.09 28.73 10.72
CA ALA B 708 14.42 28.82 10.15
C ALA B 708 14.76 27.49 9.50
N PRO B 709 15.47 27.55 8.39
CA PRO B 709 16.00 26.33 7.79
C PRO B 709 16.89 25.59 8.80
N VAL B 710 16.63 24.30 9.00
CA VAL B 710 17.42 23.46 9.91
C VAL B 710 17.73 22.06 9.35
N LYS B 711 18.99 21.64 9.50
CA LYS B 711 19.43 20.27 9.20
C LYS B 711 20.30 19.70 10.34
N PHE B 712 21.10 20.56 10.96
CA PHE B 712 21.95 20.17 12.09
C PHE B 712 21.48 20.84 13.39
N VAL B 713 21.43 20.06 14.47
CA VAL B 713 21.24 20.59 15.83
C VAL B 713 22.26 19.97 16.78
N GLN B 729 14.04 14.91 28.35
CA GLN B 729 13.64 14.97 26.94
C GLN B 729 14.56 15.86 26.07
N PHE B 730 14.39 15.73 24.75
CA PHE B 730 15.16 16.46 23.76
C PHE B 730 14.42 16.32 22.44
N VAL B 731 13.44 17.19 22.22
CA VAL B 731 12.53 17.10 21.06
C VAL B 731 12.65 18.30 20.10
N LEU B 732 13.03 18.02 18.86
CA LEU B 732 12.97 19.02 17.79
C LEU B 732 11.67 18.86 16.99
N THR B 733 10.90 19.93 16.89
CA THR B 733 9.73 19.96 16.01
C THR B 733 10.06 20.69 14.71
N ILE B 734 9.61 20.12 13.61
CA ILE B 734 9.82 20.66 12.27
C ILE B 734 8.48 20.72 11.52
N GLU B 735 8.46 21.42 10.39
CA GLU B 735 7.27 21.44 9.55
C GLU B 735 7.34 20.26 8.58
N LYS B 736 6.24 19.50 8.53
CA LYS B 736 6.09 18.32 7.67
C LYS B 736 4.67 18.25 7.12
C1 GOL C . -4.71 -9.68 -12.32
O1 GOL C . -5.54 -10.61 -11.69
C2 GOL C . -3.29 -10.22 -12.35
O2 GOL C . -3.31 -11.47 -13.00
C3 GOL C . -2.45 -9.26 -13.17
O3 GOL C . -1.14 -9.76 -13.19
CA CA D . 37.36 28.31 -28.84
C1 GOL E . 1.10 -10.24 -30.65
O1 GOL E . 2.30 -9.53 -30.50
C2 GOL E . 1.45 -11.34 -31.62
O2 GOL E . 0.91 -10.95 -32.87
C3 GOL E . 2.98 -11.31 -31.59
O3 GOL E . 3.34 -11.80 -30.32
F1 5FN F . 5.60 5.40 -31.72
C5 5FN F . 4.30 5.18 -31.57
C6 5FN F . 4.14 3.98 -30.64
O24 5FN F . 2.74 3.79 -30.33
C4 5FN F . 3.66 6.45 -31.02
O22 5FN F . 4.15 6.70 -29.71
C3 5FN F . 3.98 7.61 -31.97
O21 5FN F . 3.34 8.81 -31.51
O23 5FN F . 3.73 4.89 -32.85
C1 5FN F . 3.76 5.91 -33.86
O1 5FN F . 5.03 6.00 -34.51
C7 5FN F . 5.11 7.39 -34.94
C9 5FN F . 6.13 7.91 -35.94
N1 5FN F . 4.18 8.14 -34.38
C2 5FN F . 3.45 7.35 -33.39
C1 GOL G . -1.10 33.83 -25.03
O1 GOL G . 0.30 33.98 -24.98
C2 GOL G . -1.60 32.70 -24.15
O2 GOL G . -2.07 33.31 -22.97
C3 GOL G . -2.81 32.00 -24.80
O3 GOL G . -2.36 31.26 -25.92
C1 GOL H . 8.01 -0.34 15.28
O1 GOL H . 7.18 -1.26 14.57
C2 GOL H . 9.30 -0.04 14.54
O2 GOL H . 9.65 -1.16 13.76
C3 GOL H . 9.06 1.08 13.54
O3 GOL H . 10.22 1.19 12.76
C1 GOL I . -4.62 -16.33 30.57
O1 GOL I . -5.01 -17.50 31.23
C2 GOL I . -3.18 -16.44 30.09
O2 GOL I . -2.98 -17.62 29.33
C3 GOL I . -2.87 -15.22 29.22
O3 GOL I . -3.54 -15.25 27.98
CA CA J . -46.27 -12.47 28.38
NA NA K . -21.63 14.05 18.22
NA NA L . -15.75 -0.69 12.13
F1 5FN M . -10.78 3.96 30.47
C5 5FN M . -9.95 4.97 30.25
C6 5FN M . -8.70 4.42 29.54
O24 5FN M . -7.71 5.47 29.36
C4 5FN M . -10.68 6.02 29.44
O22 5FN M . -11.03 5.41 28.19
C3 5FN M . -11.92 6.47 30.22
O21 5FN M . -12.73 7.43 29.50
O23 5FN M . -9.56 5.53 31.53
C1 5FN M . -10.55 6.20 32.33
O1 5FN M . -11.33 5.29 33.15
C7 5FN M . -12.58 5.99 33.33
C9 5FN M . -13.64 5.61 34.34
N1 5FN M . -12.68 7.03 32.51
C2 5FN M . -11.54 7.06 31.59
#